data_7EXH
#
_entry.id   7EXH
#
_cell.length_a   97.520
_cell.length_b   103.649
_cell.length_c   182.432
_cell.angle_alpha   90.000
_cell.angle_beta   90.000
_cell.angle_gamma   90.000
#
_symmetry.space_group_name_H-M   'P 21 21 21'
#
loop_
_entity.id
_entity.type
_entity.pdbx_description
1 polymer 'Probable galactinol--sucrose galactosyltransferase 6'
2 non-polymer galactinol
3 water water
#
_entity_poly.entity_id   1
_entity_poly.type   'polypeptide(L)'
_entity_poly.pdbx_seq_one_letter_code
;MTIKPAVRISDGNLIIKNRTILTGVPDNVITTSASEAGPVEGVFVGAVFNKEESKHIVPIGTLRNSRFMSCFRFKLWWMA
QRMGEMGRDIPYETQFLLVESNDGSHLESDGANGVECNQKVYTVFLPLIEGSFRSCLQGNVNDEVELCLESGDVDTKRSS
FTHSLYIHAGTDPFQTITDAIRTVKLHLNSFRQRHEKKLPGIVDYFGWCTWDAFYQEVTQEGVEAGLKSLAAGGTPPKFV
IIDDGWQSVERDATVEAGDEKKESPIFRLTGIKENEKFKKKDDPNVGIKNIVKIAKEKHGLRYVYVWHAITGYWGGVRPG
EEYGSVMKYPNMSKGVVENDPTWKTDVMTLQGLGLVSPKKVYKFYNELHSYLADAGVDGVKVAVQCVLETLGGGLGGRVE
LTRQFHQALDSSVAKNFPDNGCIACMSHNTDALYCSKQAAVIRASDDFYPRDPVSHTIHIASVAYNSVFLGEFMQPDWDM
FHSVHPAAEYHASARAISGGPLYVSDSPGKHNFELLRKLVLPDGSILRARLPGRPTRDCLFADPARDGVSLLKIWNMNKY
TGVLGVYNCQGAAWSSTERKNIFHQTKTDSLTGSIRGRDVHSISEASTDPTTWNGDCAVYSQSRGELIVMPYNVSLPVSL
KIREHEIFTVSPISHLVDGVSFAPIGLVNMYNSGGAIEGLRYEAEKMKVVMEVKGCGKFGSYSSVKPKRCVVESNEIAFE
YDSSSGLVTFELDKMPIENKRFHLIQVEL
;
_entity_poly.pdbx_strand_id   B,A
#
# COMPACT_ATOMS: atom_id res chain seq x y z
N PRO A 5 -18.77 11.75 37.03
CA PRO A 5 -18.48 12.50 35.77
C PRO A 5 -17.02 12.38 35.26
N ALA A 6 -16.02 12.50 36.15
CA ALA A 6 -14.59 12.12 35.93
C ALA A 6 -13.67 13.23 35.41
N VAL A 7 -14.13 14.02 34.44
CA VAL A 7 -13.39 15.19 33.99
C VAL A 7 -14.35 16.37 33.85
N ARG A 8 -14.25 17.30 34.78
CA ARG A 8 -15.29 18.30 34.97
C ARG A 8 -14.76 19.59 35.50
N ILE A 9 -15.57 20.63 35.33
CA ILE A 9 -15.26 21.96 35.74
C ILE A 9 -16.31 22.26 36.78
N SER A 10 -15.90 22.31 38.04
CA SER A 10 -16.76 22.71 39.16
C SER A 10 -16.12 23.85 39.91
N ASP A 11 -16.95 24.72 40.46
CA ASP A 11 -16.51 26.02 40.95
C ASP A 11 -15.77 26.63 39.76
N GLY A 12 -14.56 27.15 39.95
CA GLY A 12 -13.71 27.53 38.81
C GLY A 12 -12.50 26.63 38.60
N ASN A 13 -12.68 25.32 38.84
CA ASN A 13 -11.58 24.38 38.85
C ASN A 13 -11.76 23.23 37.86
N LEU A 14 -10.67 22.82 37.20
CA LEU A 14 -10.67 21.62 36.38
C LEU A 14 -10.30 20.49 37.29
N ILE A 15 -11.15 19.48 37.32
CA ILE A 15 -11.00 18.38 38.25
C ILE A 15 -10.94 17.08 37.48
N ILE A 16 -9.93 16.29 37.78
CA ILE A 16 -9.64 15.01 37.18
C ILE A 16 -9.66 13.96 38.30
N LYS A 17 -10.60 13.03 38.30
CA LYS A 17 -10.63 11.99 39.34
C LYS A 17 -10.33 12.56 40.75
N ASN A 18 -11.06 13.61 41.12
CA ASN A 18 -10.98 14.23 42.46
C ASN A 18 -9.65 14.87 42.80
N ARG A 19 -8.94 15.35 41.78
CA ARG A 19 -7.72 16.11 41.95
C ARG A 19 -7.86 17.35 41.11
N THR A 20 -7.53 18.48 41.69
CA THR A 20 -7.64 19.75 41.01
C THR A 20 -6.36 19.98 40.19
N ILE A 21 -6.47 20.01 38.87
CA ILE A 21 -5.26 20.19 38.06
C ILE A 21 -5.08 21.66 37.75
N LEU A 22 -6.20 22.35 37.51
CA LEU A 22 -6.23 23.76 37.16
C LEU A 22 -7.24 24.53 38.04
N THR A 23 -6.91 25.77 38.36
CA THR A 23 -7.83 26.68 39.04
C THR A 23 -8.01 27.97 38.23
N GLY A 24 -8.98 28.78 38.64
CA GLY A 24 -9.21 30.06 38.00
C GLY A 24 -9.68 29.92 36.57
N VAL A 25 -10.52 28.90 36.31
CA VAL A 25 -10.95 28.58 34.95
C VAL A 25 -12.01 29.59 34.55
N PRO A 26 -11.70 30.46 33.60
CA PRO A 26 -12.62 31.58 33.42
C PRO A 26 -14.02 31.21 32.95
N ASP A 27 -14.95 32.14 33.11
CA ASP A 27 -16.36 31.95 32.76
C ASP A 27 -16.54 31.49 31.34
N ASN A 28 -15.82 32.11 30.40
CA ASN A 28 -16.05 31.86 28.97
C ASN A 28 -15.54 30.52 28.39
N VAL A 29 -14.93 29.68 29.21
CA VAL A 29 -14.45 28.36 28.78
C VAL A 29 -15.54 27.31 28.92
N ILE A 30 -16.02 26.83 27.79
CA ILE A 30 -17.05 25.79 27.65
C ILE A 30 -16.44 24.44 27.36
N THR A 31 -16.97 23.40 27.99
CA THR A 31 -16.54 22.03 27.79
C THR A 31 -17.67 21.18 27.26
N THR A 32 -17.32 20.03 26.70
CA THR A 32 -18.30 19.07 26.30
C THR A 32 -17.68 17.69 26.09
N SER A 33 -18.41 16.66 26.53
CA SER A 33 -18.03 15.26 26.38
C SER A 33 -18.92 14.57 25.40
N ALA A 34 -19.77 15.33 24.72
CA ALA A 34 -20.70 14.73 23.77
C ALA A 34 -20.00 14.43 22.47
N SER A 35 -20.49 13.42 21.79
CA SER A 35 -19.95 13.04 20.50
C SER A 35 -21.00 12.27 19.73
N GLU A 36 -20.83 12.28 18.41
CA GLU A 36 -21.23 11.19 17.53
C GLU A 36 -21.63 9.85 18.20
N ALA A 37 -20.87 9.38 19.22
CA ALA A 37 -20.90 7.95 19.69
C ALA A 37 -21.13 7.43 21.18
N GLY A 38 -21.38 8.17 22.26
CA GLY A 38 -21.74 9.58 22.34
C GLY A 38 -21.12 10.30 23.53
N PRO A 39 -21.20 9.72 24.75
CA PRO A 39 -20.31 10.19 25.83
C PRO A 39 -18.85 9.72 25.68
N VAL A 40 -17.92 10.50 26.25
CA VAL A 40 -16.46 10.40 26.00
C VAL A 40 -15.70 10.63 27.32
N GLU A 41 -14.62 9.87 27.60
CA GLU A 41 -14.01 9.81 28.96
C GLU A 41 -13.06 10.97 29.25
N GLY A 42 -13.47 12.15 28.82
CA GLY A 42 -12.59 13.29 28.73
C GLY A 42 -13.39 14.48 28.24
N VAL A 43 -12.73 15.51 27.78
CA VAL A 43 -13.44 16.72 27.61
C VAL A 43 -12.84 17.55 26.47
N PHE A 44 -13.63 17.75 25.45
CA PHE A 44 -13.37 18.78 24.47
C PHE A 44 -13.63 20.11 25.14
N VAL A 45 -12.69 21.02 24.94
CA VAL A 45 -12.74 22.34 25.48
C VAL A 45 -12.65 23.34 24.35
N GLY A 46 -13.49 24.37 24.46
CA GLY A 46 -13.45 25.56 23.62
C GLY A 46 -13.63 26.85 24.41
N ALA A 47 -14.11 27.90 23.74
CA ALA A 47 -14.29 29.19 24.35
C ALA A 47 -15.14 30.00 23.44
N VAL A 48 -15.85 30.99 23.98
CA VAL A 48 -16.63 31.96 23.18
C VAL A 48 -16.08 33.34 23.49
N PHE A 49 -16.08 34.21 22.49
CA PHE A 49 -15.41 35.49 22.58
C PHE A 49 -16.40 36.53 22.11
N ASN A 50 -16.12 37.79 22.42
CA ASN A 50 -16.96 38.90 21.97
C ASN A 50 -16.70 39.14 20.48
N LYS A 51 -15.42 39.41 20.16
CA LYS A 51 -15.05 39.78 18.81
C LYS A 51 -14.77 38.54 17.91
N GLU A 52 -15.04 38.75 16.63
CA GLU A 52 -14.62 37.85 15.56
C GLU A 52 -13.15 38.23 15.26
N GLU A 53 -12.23 37.26 15.36
CA GLU A 53 -10.78 37.52 15.14
C GLU A 53 -10.13 36.35 14.45
N SER A 54 -8.97 36.61 13.87
CA SER A 54 -8.08 35.55 13.34
C SER A 54 -7.08 35.00 14.40
N LYS A 55 -6.96 35.68 15.52
CA LYS A 55 -6.13 35.24 16.63
C LYS A 55 -6.84 35.44 17.99
N HIS A 56 -6.64 34.50 18.92
CA HIS A 56 -7.20 34.53 20.29
C HIS A 56 -6.30 33.81 21.33
N ILE A 57 -5.94 34.46 22.45
CA ILE A 57 -5.35 33.75 23.61
C ILE A 57 -6.49 33.67 24.61
N VAL A 58 -6.65 32.54 25.28
CA VAL A 58 -7.69 32.39 26.29
C VAL A 58 -7.15 31.56 27.44
N PRO A 59 -7.12 32.13 28.65
CA PRO A 59 -6.70 31.31 29.78
C PRO A 59 -7.61 30.10 29.96
N ILE A 60 -7.04 28.90 30.07
CA ILE A 60 -7.82 27.70 30.36
C ILE A 60 -7.90 27.53 31.84
N GLY A 61 -6.85 27.93 32.53
CA GLY A 61 -6.76 27.83 33.96
C GLY A 61 -5.34 28.14 34.46
N THR A 62 -5.07 27.79 35.71
CA THR A 62 -3.85 28.15 36.36
C THR A 62 -3.25 26.87 36.91
N LEU A 63 -1.99 26.63 36.58
CA LEU A 63 -1.35 25.35 36.82
C LEU A 63 -0.20 25.55 37.76
N ARG A 64 -0.25 24.95 38.95
CA ARG A 64 0.81 25.06 39.95
C ARG A 64 1.05 23.73 40.61
N ASN A 65 2.30 23.42 40.94
CA ASN A 65 2.62 22.23 41.73
C ASN A 65 2.18 20.90 41.12
N SER A 66 2.18 20.84 39.80
CA SER A 66 1.76 19.65 39.07
C SER A 66 2.81 19.45 37.99
N ARG A 67 3.69 18.45 38.17
CA ARG A 67 4.76 18.14 37.24
C ARG A 67 4.23 17.82 35.85
N PHE A 68 4.80 18.41 34.80
CA PHE A 68 4.45 18.06 33.41
C PHE A 68 5.63 17.81 32.48
N MET A 69 5.35 17.26 31.29
CA MET A 69 6.31 17.27 30.16
C MET A 69 5.62 17.85 28.98
N SER A 70 6.34 18.65 28.19
CA SER A 70 5.80 19.29 26.99
C SER A 70 6.69 19.07 25.81
N CYS A 71 6.07 18.93 24.65
CA CYS A 71 6.77 19.06 23.41
C CYS A 71 6.35 20.37 22.78
N PHE A 72 7.33 21.20 22.51
CA PHE A 72 7.09 22.56 22.03
C PHE A 72 7.95 22.83 20.83
N ARG A 73 7.52 23.70 19.93
CA ARG A 73 8.30 24.00 18.73
C ARG A 73 9.40 25.02 18.99
N PHE A 74 10.64 24.58 18.97
CA PHE A 74 11.77 25.49 19.21
C PHE A 74 12.21 26.19 17.91
N LYS A 75 11.94 25.54 16.78
CA LYS A 75 11.95 26.17 15.48
C LYS A 75 10.60 25.91 14.86
N LEU A 76 10.37 26.55 13.73
CA LEU A 76 9.13 26.39 13.01
C LEU A 76 8.86 24.92 12.67
N TRP A 77 9.94 24.18 12.41
CA TRP A 77 9.88 22.88 11.81
C TRP A 77 9.92 21.76 12.83
N TRP A 78 10.48 21.99 14.00
CA TRP A 78 10.82 20.91 14.93
C TRP A 78 10.43 21.19 16.38
N MET A 79 10.22 20.11 17.13
CA MET A 79 9.81 20.14 18.50
C MET A 79 10.96 19.65 19.34
N ALA A 80 10.86 20.00 20.62
CA ALA A 80 11.71 19.45 21.63
C ALA A 80 11.02 19.49 22.97
N GLN A 81 11.66 18.90 23.99
CA GLN A 81 11.00 18.66 25.27
C GLN A 81 11.31 19.74 26.29
N ARG A 82 10.37 20.00 27.18
CA ARG A 82 10.54 20.86 28.35
C ARG A 82 9.72 20.33 29.53
N MET A 83 10.31 20.26 30.72
CA MET A 83 9.58 19.84 31.94
C MET A 83 9.44 20.97 32.92
N GLY A 84 8.49 20.83 33.82
CA GLY A 84 8.30 21.82 34.80
C GLY A 84 7.21 21.47 35.76
N GLU A 85 6.93 22.43 36.62
CA GLU A 85 6.01 22.32 37.74
C GLU A 85 4.93 23.39 37.72
N MET A 86 5.17 24.51 37.03
CA MET A 86 4.32 25.68 37.09
C MET A 86 3.90 26.06 35.70
N GLY A 87 2.74 26.67 35.60
CA GLY A 87 2.28 27.16 34.32
C GLY A 87 3.28 28.04 33.62
N ARG A 88 4.06 28.81 34.36
CA ARG A 88 4.96 29.78 33.71
C ARG A 88 6.02 29.12 32.89
N ASP A 89 6.39 27.89 33.28
CA ASP A 89 7.39 27.08 32.58
C ASP A 89 6.94 26.45 31.22
N ILE A 90 5.65 26.49 30.89
CA ILE A 90 5.13 25.95 29.64
C ILE A 90 5.55 26.85 28.46
N PRO A 91 6.39 26.34 27.52
CA PRO A 91 6.89 27.17 26.43
C PRO A 91 5.84 27.59 25.46
N TYR A 92 6.13 28.66 24.71
CA TYR A 92 5.30 29.05 23.58
C TYR A 92 5.32 27.89 22.59
N GLU A 93 4.22 27.72 21.85
CA GLU A 93 4.12 26.71 20.81
C GLU A 93 4.20 25.28 21.36
N THR A 94 3.57 25.08 22.51
CA THR A 94 3.50 23.78 23.12
C THR A 94 2.37 23.04 22.44
N GLN A 95 2.68 21.88 21.89
CA GLN A 95 1.71 21.13 21.10
C GLN A 95 1.23 19.85 21.74
N PHE A 96 1.94 19.34 22.72
CA PHE A 96 1.44 18.21 23.48
C PHE A 96 1.88 18.41 24.92
N LEU A 97 0.99 18.18 25.89
CA LEU A 97 1.28 18.46 27.30
C LEU A 97 0.84 17.30 28.16
N LEU A 98 1.71 16.78 28.99
CA LEU A 98 1.33 15.63 29.79
C LEU A 98 1.54 15.92 31.29
N VAL A 99 0.47 15.84 32.07
CA VAL A 99 0.49 16.24 33.48
C VAL A 99 0.33 15.02 34.33
N GLU A 100 1.14 14.93 35.39
CA GLU A 100 1.11 13.85 36.41
C GLU A 100 0.46 14.37 37.75
N SER A 101 -0.13 13.47 38.54
CA SER A 101 -0.80 13.89 39.77
C SER A 101 -0.41 13.00 40.93
N ASN A 102 0.42 13.52 41.83
CA ASN A 102 0.88 12.79 43.04
C ASN A 102 -0.20 12.83 44.10
N LYS A 120 0.56 8.50 39.73
CA LYS A 120 -0.69 7.71 39.73
C LYS A 120 -1.70 8.05 38.62
N VAL A 121 -2.02 9.34 38.43
CA VAL A 121 -2.96 9.80 37.36
C VAL A 121 -2.32 10.74 36.34
N TYR A 122 -2.34 10.35 35.07
CA TYR A 122 -1.73 11.18 34.02
C TYR A 122 -2.81 11.78 33.17
N THR A 123 -2.63 13.02 32.78
CA THR A 123 -3.61 13.81 32.03
C THR A 123 -2.94 14.40 30.80
N VAL A 124 -3.54 14.25 29.64
CA VAL A 124 -2.99 14.78 28.39
C VAL A 124 -3.82 15.96 27.95
N PHE A 125 -3.18 16.97 27.43
CA PHE A 125 -3.82 18.10 26.86
C PHE A 125 -3.40 18.09 25.42
N LEU A 126 -4.36 17.96 24.52
CA LEU A 126 -4.09 17.95 23.11
C LEU A 126 -4.75 19.16 22.50
N PRO A 127 -3.99 20.24 22.29
CA PRO A 127 -4.54 21.31 21.48
C PRO A 127 -4.78 20.80 20.08
N LEU A 128 -5.91 21.21 19.49
CA LEU A 128 -6.44 20.66 18.21
C LEU A 128 -6.60 21.66 17.09
N ILE A 129 -6.98 21.14 15.93
CA ILE A 129 -7.42 21.96 14.81
C ILE A 129 -8.93 21.92 14.76
N GLU A 130 -9.54 23.08 14.63
CA GLU A 130 -10.97 23.20 14.46
C GLU A 130 -11.23 24.11 13.28
N GLY A 131 -11.98 23.63 12.31
CA GLY A 131 -12.25 24.40 11.11
C GLY A 131 -10.95 24.95 10.56
N SER A 132 -10.91 26.26 10.38
CA SER A 132 -9.75 26.95 9.83
C SER A 132 -8.65 27.33 10.89
N PHE A 133 -8.76 26.83 12.11
CA PHE A 133 -7.97 27.34 13.21
C PHE A 133 -7.06 26.26 13.78
N ARG A 134 -5.87 26.65 14.19
CA ARG A 134 -4.98 25.74 14.87
C ARG A 134 -4.75 26.24 16.30
N SER A 135 -4.67 25.34 17.26
CA SER A 135 -4.42 25.73 18.66
C SER A 135 -3.09 25.18 19.15
N CYS A 136 -2.41 25.94 20.00
CA CYS A 136 -1.33 25.43 20.83
C CYS A 136 -1.50 25.98 22.22
N LEU A 137 -0.67 25.54 23.15
CA LEU A 137 -0.74 25.97 24.53
C LEU A 137 0.46 26.83 24.79
N GLN A 138 0.41 27.66 25.82
CA GLN A 138 1.52 28.49 26.26
C GLN A 138 1.33 28.96 27.70
N GLY A 139 2.44 29.14 28.41
CA GLY A 139 2.38 29.67 29.78
C GLY A 139 2.35 31.18 29.78
N ASN A 140 1.95 31.78 30.88
CA ASN A 140 2.35 33.15 31.19
C ASN A 140 2.93 33.23 32.59
N VAL A 141 3.48 34.41 32.92
CA VAL A 141 4.05 34.73 34.24
C VAL A 141 3.17 34.44 35.43
N ASN A 142 1.84 34.44 35.25
CA ASN A 142 0.86 34.12 36.33
C ASN A 142 0.51 32.65 36.47
N ASP A 143 1.21 31.78 35.74
CA ASP A 143 1.00 30.34 35.70
C ASP A 143 -0.31 29.93 35.03
N GLU A 144 -0.89 30.78 34.22
CA GLU A 144 -2.04 30.34 33.45
C GLU A 144 -1.52 29.56 32.24
N VAL A 145 -2.27 28.51 31.90
CA VAL A 145 -2.07 27.74 30.70
C VAL A 145 -3.03 28.42 29.77
N GLU A 146 -2.51 28.93 28.68
CA GLU A 146 -3.31 29.68 27.74
C GLU A 146 -3.43 28.87 26.45
N LEU A 147 -4.55 29.07 25.75
CA LEU A 147 -4.83 28.36 24.52
C LEU A 147 -4.79 29.39 23.41
N CYS A 148 -3.88 29.22 22.47
CA CYS A 148 -3.68 30.18 21.40
C CYS A 148 -4.32 29.66 20.12
N LEU A 149 -5.42 30.26 19.68
CA LEU A 149 -6.14 29.79 18.49
C LEU A 149 -5.81 30.75 17.31
N GLU A 150 -5.20 30.26 16.22
CA GLU A 150 -4.80 31.11 15.08
C GLU A 150 -5.29 30.50 13.79
N SER A 151 -5.65 31.35 12.84
CA SER A 151 -6.04 30.91 11.50
C SER A 151 -4.98 31.10 10.47
N GLY A 152 -3.98 31.92 10.77
CA GLY A 152 -2.89 32.22 9.83
C GLY A 152 -3.26 33.05 8.59
N ASP A 153 -4.39 33.74 8.65
CA ASP A 153 -4.90 34.60 7.58
C ASP A 153 -5.89 35.59 8.20
N VAL A 154 -5.57 36.89 8.11
CA VAL A 154 -6.50 37.95 8.61
C VAL A 154 -7.97 37.88 8.10
N ASP A 155 -8.19 37.41 6.89
CA ASP A 155 -9.54 37.30 6.33
C ASP A 155 -10.35 36.16 6.91
N THR A 156 -9.73 35.30 7.73
CA THR A 156 -10.44 34.13 8.26
C THR A 156 -10.50 34.29 9.74
N LYS A 157 -11.72 34.48 10.22
CA LYS A 157 -11.94 34.93 11.57
C LYS A 157 -13.03 34.09 12.16
N ARG A 158 -13.10 34.06 13.48
CA ARG A 158 -14.10 33.26 14.19
C ARG A 158 -14.16 33.72 15.64
N SER A 159 -15.27 33.42 16.34
CA SER A 159 -15.52 33.86 17.72
C SER A 159 -15.94 32.77 18.71
N SER A 160 -16.56 31.71 18.22
CA SER A 160 -16.90 30.57 19.05
C SER A 160 -16.03 29.37 18.64
N PHE A 161 -15.65 28.58 19.62
CA PHE A 161 -14.93 27.35 19.38
C PHE A 161 -15.39 26.38 20.42
N THR A 162 -15.66 25.15 20.06
CA THR A 162 -16.12 24.13 21.02
C THR A 162 -15.20 22.96 21.27
N HIS A 163 -14.23 22.77 20.38
CA HIS A 163 -13.45 21.54 20.20
C HIS A 163 -11.98 21.86 19.90
N SER A 164 -11.42 22.88 20.54
CA SER A 164 -10.06 23.30 20.19
C SER A 164 -9.00 22.65 21.07
N LEU A 165 -9.40 21.93 22.10
CA LEU A 165 -8.46 21.28 23.00
C LEU A 165 -9.14 20.09 23.57
N TYR A 166 -8.46 18.98 23.71
CA TYR A 166 -9.08 17.79 24.30
C TYR A 166 -8.28 17.38 25.52
N ILE A 167 -8.97 16.96 26.57
CA ILE A 167 -8.30 16.57 27.79
C ILE A 167 -8.83 15.22 28.20
N HIS A 168 -7.90 14.32 28.55
CA HIS A 168 -8.20 12.96 28.91
C HIS A 168 -7.18 12.46 29.93
N ALA A 169 -7.66 11.62 30.85
CA ALA A 169 -6.88 11.14 31.97
C ALA A 169 -6.94 9.66 32.10
N GLY A 170 -5.90 9.09 32.69
CA GLY A 170 -5.82 7.65 32.91
C GLY A 170 -4.66 7.33 33.83
N THR A 171 -4.48 6.05 34.12
CA THR A 171 -3.45 5.59 35.04
C THR A 171 -2.20 5.02 34.38
N ASP A 172 -2.25 4.71 33.09
CA ASP A 172 -1.07 4.32 32.32
C ASP A 172 -0.77 5.51 31.37
N PRO A 173 0.40 6.17 31.50
CA PRO A 173 0.58 7.39 30.73
C PRO A 173 0.65 7.16 29.23
N PHE A 174 1.18 6.01 28.78
CA PHE A 174 1.20 5.68 27.33
C PHE A 174 -0.17 5.33 26.76
N GLN A 175 -0.93 4.51 27.44
CA GLN A 175 -2.33 4.28 27.08
C GLN A 175 -3.17 5.56 27.12
N THR A 176 -2.92 6.44 28.07
CA THR A 176 -3.70 7.65 28.15
C THR A 176 -3.54 8.47 26.89
N ILE A 177 -2.30 8.60 26.42
CA ILE A 177 -2.02 9.33 25.19
C ILE A 177 -2.75 8.69 23.98
N THR A 178 -2.54 7.40 23.75
CA THR A 178 -3.26 6.66 22.70
C THR A 178 -4.78 6.80 22.73
N ASP A 179 -5.38 6.71 23.91
CA ASP A 179 -6.83 6.80 23.99
C ASP A 179 -7.28 8.19 23.62
N ALA A 180 -6.54 9.21 24.03
CA ALA A 180 -6.94 10.58 23.62
C ALA A 180 -6.79 10.79 22.13
N ILE A 181 -5.79 10.17 21.52
CA ILE A 181 -5.58 10.35 20.11
C ILE A 181 -6.72 9.69 19.35
N ARG A 182 -7.18 8.54 19.84
CA ARG A 182 -8.26 7.81 19.18
C ARG A 182 -9.57 8.60 19.24
N THR A 183 -9.83 9.19 20.39
CA THR A 183 -11.02 10.02 20.56
C THR A 183 -10.97 11.22 19.62
N VAL A 184 -9.79 11.82 19.49
CA VAL A 184 -9.63 13.00 18.60
C VAL A 184 -9.77 12.55 17.17
N LYS A 185 -9.31 11.34 16.85
CA LYS A 185 -9.52 10.81 15.51
C LYS A 185 -10.99 10.60 15.17
N LEU A 186 -11.74 10.05 16.11
CA LEU A 186 -13.17 9.80 15.92
C LEU A 186 -13.98 11.08 15.72
N HIS A 187 -13.43 12.22 16.16
CA HIS A 187 -14.04 13.51 15.97
C HIS A 187 -13.66 14.11 14.63
N LEU A 188 -12.36 14.12 14.34
CA LEU A 188 -11.85 14.82 13.15
C LEU A 188 -11.97 14.02 11.85
N ASN A 189 -11.75 12.71 11.94
CA ASN A 189 -11.65 11.80 10.80
C ASN A 189 -10.67 12.14 9.75
N SER A 190 -9.71 12.97 10.11
CA SER A 190 -8.84 13.53 9.16
C SER A 190 -7.46 12.87 9.23
N PHE A 191 -7.30 11.84 10.05
CA PHE A 191 -5.99 11.21 10.21
C PHE A 191 -6.19 9.80 10.73
N ARG A 192 -5.14 9.02 10.63
CA ARG A 192 -5.17 7.67 11.11
C ARG A 192 -4.05 7.48 12.09
N GLN A 193 -4.26 6.62 13.06
CA GLN A 193 -3.23 6.30 14.03
C GLN A 193 -2.11 5.51 13.36
N ARG A 194 -0.93 5.55 13.97
CA ARG A 194 0.23 4.86 13.44
C ARG A 194 -0.04 3.43 13.11
N HIS A 195 -0.71 2.71 14.00
CA HIS A 195 -0.84 1.25 13.83
C HIS A 195 -1.75 0.89 12.66
N GLU A 196 -2.47 1.87 12.10
CA GLU A 196 -3.39 1.68 10.96
C GLU A 196 -2.79 2.01 9.58
N LYS A 197 -1.51 2.35 9.48
CA LYS A 197 -0.94 2.76 8.20
C LYS A 197 0.07 1.74 7.73
N LYS A 198 0.30 1.64 6.42
CA LYS A 198 1.29 0.70 5.89
C LYS A 198 2.65 1.35 5.93
N LEU A 199 3.62 0.68 6.55
CA LEU A 199 5.02 1.12 6.52
C LEU A 199 5.60 0.82 5.14
N PRO A 200 6.42 1.73 4.60
CA PRO A 200 7.18 1.32 3.44
C PRO A 200 8.23 0.30 3.82
N GLY A 201 8.60 -0.51 2.83
CA GLY A 201 9.63 -1.51 2.96
C GLY A 201 10.99 -1.01 3.39
N ILE A 202 11.31 0.26 3.11
CA ILE A 202 12.58 0.77 3.54
C ILE A 202 12.87 0.52 5.02
N VAL A 203 11.87 0.54 5.89
CA VAL A 203 12.11 0.36 7.34
C VAL A 203 12.74 -0.98 7.76
N ASP A 204 12.69 -1.95 6.87
CA ASP A 204 13.26 -3.25 7.18
C ASP A 204 14.67 -3.40 6.70
N TYR A 205 15.21 -2.37 6.06
CA TYR A 205 16.55 -2.45 5.52
C TYR A 205 17.45 -1.29 5.93
N PHE A 206 18.74 -1.54 5.84
CA PHE A 206 19.79 -0.52 5.96
C PHE A 206 19.78 0.41 4.74
N GLY A 207 19.91 1.69 5.00
CA GLY A 207 20.00 2.64 3.91
C GLY A 207 21.17 3.57 3.98
N TRP A 208 21.31 4.36 2.92
CA TRP A 208 22.29 5.40 2.86
C TRP A 208 21.64 6.60 2.29
N CYS A 209 21.93 7.72 2.92
CA CYS A 209 21.47 9.02 2.50
C CYS A 209 22.68 9.88 2.11
N THR A 210 22.56 10.56 0.98
CA THR A 210 23.66 11.36 0.46
C THR A 210 23.94 12.67 1.20
N TRP A 211 23.00 13.17 2.00
CA TRP A 211 23.05 14.53 2.46
C TRP A 211 24.35 14.88 3.11
N ASP A 212 24.75 14.17 4.17
CA ASP A 212 25.97 14.57 4.90
C ASP A 212 27.25 14.31 4.18
N ALA A 213 27.21 13.40 3.23
CA ALA A 213 28.35 13.01 2.40
C ALA A 213 28.80 14.05 1.43
N PHE A 214 27.85 14.60 0.65
CA PHE A 214 28.14 15.61 -0.39
C PHE A 214 27.38 16.91 -0.29
N TYR A 215 26.35 16.94 0.52
CA TYR A 215 25.45 18.07 0.57
C TYR A 215 24.92 18.32 -0.83
N GLN A 216 24.64 19.55 -1.19
CA GLN A 216 24.12 19.82 -2.51
C GLN A 216 25.07 19.52 -3.63
N GLU A 217 26.34 19.23 -3.37
CA GLU A 217 27.25 18.89 -4.47
C GLU A 217 27.11 17.43 -4.96
N VAL A 218 26.08 16.71 -4.52
CA VAL A 218 25.92 15.29 -4.82
C VAL A 218 25.84 15.10 -6.34
N THR A 219 26.53 14.07 -6.83
CA THR A 219 26.47 13.68 -8.24
C THR A 219 26.06 12.24 -8.32
N GLN A 220 25.69 11.82 -9.50
CA GLN A 220 25.41 10.39 -9.75
C GLN A 220 26.67 9.51 -9.54
N GLU A 221 27.86 10.05 -9.72
CA GLU A 221 29.08 9.26 -9.50
C GLU A 221 29.35 9.06 -8.01
N GLY A 222 29.07 10.10 -7.24
CA GLY A 222 29.09 10.02 -5.79
C GLY A 222 28.05 9.06 -5.23
N VAL A 223 26.84 9.02 -5.78
CA VAL A 223 25.84 8.08 -5.31
C VAL A 223 26.45 6.71 -5.52
N GLU A 224 26.95 6.42 -6.71
CA GLU A 224 27.50 5.08 -6.96
C GLU A 224 28.65 4.78 -6.03
N ALA A 225 29.51 5.75 -5.82
CA ALA A 225 30.69 5.54 -4.98
C ALA A 225 30.32 5.04 -3.59
N GLY A 226 29.30 5.69 -2.99
CA GLY A 226 28.85 5.40 -1.60
C GLY A 226 28.18 4.05 -1.40
N LEU A 227 27.41 3.64 -2.41
CA LEU A 227 26.77 2.33 -2.42
C LEU A 227 27.82 1.24 -2.54
N LYS A 228 28.82 1.51 -3.38
CA LYS A 228 29.89 0.59 -3.62
C LYS A 228 30.74 0.39 -2.37
N SER A 229 31.08 1.47 -1.68
CA SER A 229 31.95 1.33 -0.55
C SER A 229 31.30 0.62 0.65
N LEU A 230 29.98 0.82 0.89
CA LEU A 230 29.34 0.15 2.03
C LEU A 230 29.14 -1.34 1.76
N ALA A 231 28.80 -1.70 0.54
CA ALA A 231 28.66 -3.11 0.12
C ALA A 231 29.98 -3.87 0.17
N ALA A 232 31.08 -3.18 -0.12
CA ALA A 232 32.42 -3.78 -0.08
C ALA A 232 32.76 -4.30 1.32
N GLY A 233 32.36 -3.55 2.35
CA GLY A 233 32.58 -3.95 3.74
C GLY A 233 31.62 -4.96 4.35
N GLY A 234 30.69 -5.52 3.58
CA GLY A 234 29.77 -6.54 4.09
C GLY A 234 28.48 -6.04 4.67
N THR A 235 28.23 -4.73 4.64
CA THR A 235 26.94 -4.15 5.07
C THR A 235 26.28 -3.35 3.94
N PRO A 236 25.69 -4.06 2.99
CA PRO A 236 25.19 -3.43 1.78
C PRO A 236 23.85 -2.74 2.03
N PRO A 237 23.73 -1.48 1.69
CA PRO A 237 22.45 -0.83 1.90
C PRO A 237 21.43 -1.31 0.88
N LYS A 238 20.16 -1.43 1.24
CA LYS A 238 19.17 -1.81 0.27
C LYS A 238 18.22 -0.66 -0.13
N PHE A 239 18.42 0.50 0.49
CA PHE A 239 17.81 1.71 0.01
C PHE A 239 18.74 2.89 0.05
N VAL A 240 18.42 3.87 -0.77
CA VAL A 240 19.18 5.09 -0.80
C VAL A 240 18.25 6.28 -0.88
N ILE A 241 18.63 7.31 -0.15
CA ILE A 241 17.97 8.59 -0.23
C ILE A 241 18.98 9.50 -0.94
N ILE A 242 18.65 9.86 -2.20
CA ILE A 242 19.34 10.89 -2.97
C ILE A 242 18.77 12.18 -2.46
N ASP A 243 19.56 12.89 -1.66
CA ASP A 243 19.02 13.99 -0.93
C ASP A 243 19.13 15.26 -1.72
N ASP A 244 18.90 16.39 -1.07
CA ASP A 244 18.88 17.70 -1.72
C ASP A 244 20.16 17.89 -2.56
N GLY A 245 19.98 18.19 -3.84
CA GLY A 245 21.06 18.40 -4.76
C GLY A 245 20.82 17.87 -6.14
N TRP A 246 19.82 17.01 -6.33
CA TRP A 246 19.56 16.40 -7.65
C TRP A 246 18.66 17.21 -8.57
N GLN A 247 17.89 18.13 -8.04
CA GLN A 247 16.81 18.76 -8.79
C GLN A 247 17.35 19.93 -9.63
N SER A 248 16.58 20.37 -10.65
CA SER A 248 16.97 21.57 -11.45
C SER A 248 16.45 22.83 -10.81
N VAL A 249 17.36 23.63 -10.28
CA VAL A 249 17.04 24.87 -9.58
C VAL A 249 17.88 26.07 -10.08
N GLU A 250 17.34 27.27 -9.94
CA GLU A 250 18.08 28.50 -10.34
C GLU A 250 17.73 29.65 -9.43
N ARG A 251 18.66 30.59 -9.26
CA ARG A 251 18.40 31.87 -8.58
C ARG A 251 17.70 32.76 -9.57
N ASP A 252 17.15 33.87 -9.09
CA ASP A 252 16.28 34.77 -9.90
C ASP A 252 16.83 35.40 -11.20
N SER A 264 22.87 36.48 -0.34
CA SER A 264 23.03 35.07 -0.77
C SER A 264 21.69 34.49 -1.27
N PRO A 265 21.41 34.61 -2.59
CA PRO A 265 20.05 34.37 -3.10
C PRO A 265 19.50 32.95 -3.04
N ILE A 266 18.19 32.86 -2.87
CA ILE A 266 17.47 31.61 -2.73
C ILE A 266 17.24 30.93 -4.07
N PHE A 267 17.39 29.62 -4.12
CA PHE A 267 17.14 28.88 -5.37
C PHE A 267 15.70 28.43 -5.44
N ARG A 268 15.17 28.39 -6.65
CA ARG A 268 13.80 27.99 -6.92
C ARG A 268 13.79 26.94 -8.02
N LEU A 269 12.79 26.09 -7.95
CA LEU A 269 12.63 25.02 -8.90
C LEU A 269 12.27 25.53 -10.28
N THR A 270 13.10 25.20 -11.27
CA THR A 270 12.85 25.56 -12.69
C THR A 270 12.25 24.46 -13.54
N GLY A 271 12.49 23.20 -13.17
CA GLY A 271 11.75 22.07 -13.74
C GLY A 271 11.68 20.90 -12.78
N ILE A 272 10.89 19.91 -13.17
CA ILE A 272 10.71 18.70 -12.41
C ILE A 272 11.74 17.59 -12.71
N LYS A 273 12.54 17.78 -13.74
CA LYS A 273 13.54 16.81 -14.06
C LYS A 273 14.80 17.14 -13.28
N GLU A 274 15.68 16.16 -13.27
CA GLU A 274 16.98 16.26 -12.65
C GLU A 274 17.93 17.18 -13.40
N ASN A 275 18.88 17.70 -12.63
CA ASN A 275 19.92 18.54 -13.15
C ASN A 275 21.04 17.74 -13.83
N GLU A 276 22.05 18.43 -14.33
CA GLU A 276 23.13 17.87 -15.14
C GLU A 276 23.95 16.77 -14.46
N LYS A 277 24.05 16.84 -13.13
CA LYS A 277 24.83 15.84 -12.37
C LYS A 277 24.18 14.42 -12.38
N PHE A 278 22.89 14.33 -12.73
CA PHE A 278 22.16 13.07 -12.81
C PHE A 278 21.65 12.70 -14.22
N LYS A 279 22.33 13.23 -15.22
CA LYS A 279 22.08 12.90 -16.62
C LYS A 279 23.31 12.09 -17.03
N LYS A 280 23.16 11.02 -17.81
CA LYS A 280 24.32 10.14 -18.07
C LYS A 280 25.38 10.73 -18.98
N LYS A 281 26.62 10.30 -18.75
CA LYS A 281 27.88 11.01 -19.11
C LYS A 281 28.18 11.06 -20.62
N ASP A 282 27.14 11.18 -21.43
CA ASP A 282 27.11 10.42 -22.66
C ASP A 282 25.89 10.78 -23.50
N ASP A 283 24.72 10.61 -22.90
CA ASP A 283 23.43 10.66 -23.54
C ASP A 283 22.53 11.48 -22.59
N PRO A 284 22.44 12.82 -22.78
CA PRO A 284 21.65 13.65 -21.84
C PRO A 284 20.13 13.42 -21.79
N ASN A 285 19.56 12.72 -22.78
CA ASN A 285 18.15 12.28 -22.70
C ASN A 285 17.84 11.19 -21.67
N VAL A 286 18.85 10.52 -21.15
CA VAL A 286 18.65 9.59 -20.02
C VAL A 286 19.04 10.31 -18.72
N GLY A 287 18.07 10.41 -17.82
CA GLY A 287 18.19 11.24 -16.64
C GLY A 287 18.40 10.38 -15.43
N ILE A 288 17.59 10.59 -14.41
CA ILE A 288 17.78 9.98 -13.12
C ILE A 288 17.54 8.45 -13.19
N LYS A 289 16.80 7.99 -14.19
CA LYS A 289 16.69 6.58 -14.55
C LYS A 289 18.04 5.90 -14.53
N ASN A 290 19.08 6.65 -14.86
CA ASN A 290 20.44 6.13 -14.92
C ASN A 290 21.00 5.72 -13.56
N ILE A 291 21.04 6.63 -12.60
CA ILE A 291 21.48 6.26 -11.26
C ILE A 291 20.50 5.27 -10.59
N VAL A 292 19.24 5.26 -11.01
CA VAL A 292 18.33 4.27 -10.51
C VAL A 292 18.67 2.84 -11.02
N LYS A 293 18.91 2.69 -12.32
CA LYS A 293 19.30 1.39 -12.89
C LYS A 293 20.63 0.93 -12.27
N ILE A 294 21.60 1.84 -12.22
CA ILE A 294 22.90 1.53 -11.63
C ILE A 294 22.75 1.09 -10.16
N ALA A 295 21.99 1.81 -9.37
CA ALA A 295 21.74 1.39 -7.99
C ALA A 295 21.05 0.05 -7.94
N LYS A 296 20.07 -0.17 -8.80
CA LYS A 296 19.25 -1.36 -8.61
C LYS A 296 19.82 -2.59 -9.25
N GLU A 297 20.15 -2.49 -10.54
CA GLU A 297 20.63 -3.61 -11.31
C GLU A 297 22.09 -3.92 -11.10
N LYS A 298 22.93 -2.91 -10.99
CA LYS A 298 24.34 -3.11 -10.77
C LYS A 298 24.61 -3.38 -9.29
N HIS A 299 24.04 -2.57 -8.40
CA HIS A 299 24.40 -2.65 -6.98
C HIS A 299 23.38 -3.34 -6.02
N GLY A 300 22.27 -3.84 -6.56
CA GLY A 300 21.31 -4.62 -5.78
C GLY A 300 20.54 -3.90 -4.68
N LEU A 301 20.36 -2.59 -4.81
CA LEU A 301 19.41 -1.86 -4.01
C LEU A 301 18.00 -2.33 -4.36
N ARG A 302 17.10 -2.27 -3.35
CA ARG A 302 15.71 -2.53 -3.53
C ARG A 302 14.92 -1.26 -3.69
N TYR A 303 15.34 -0.18 -3.05
CA TYR A 303 14.56 1.05 -3.12
C TYR A 303 15.44 2.28 -3.35
N VAL A 304 14.92 3.24 -4.09
CA VAL A 304 15.62 4.49 -4.24
C VAL A 304 14.64 5.58 -3.91
N TYR A 305 14.98 6.44 -2.96
CA TYR A 305 14.18 7.60 -2.62
C TYR A 305 14.92 8.86 -3.05
N VAL A 306 14.17 9.94 -3.25
CA VAL A 306 14.76 11.23 -3.49
C VAL A 306 14.04 12.26 -2.67
N TRP A 307 14.70 13.40 -2.50
CA TRP A 307 14.28 14.50 -1.68
C TRP A 307 13.56 15.59 -2.49
N HIS A 308 12.50 16.16 -1.95
CA HIS A 308 11.98 17.41 -2.47
C HIS A 308 11.25 18.15 -1.39
N ALA A 309 11.16 19.46 -1.52
CA ALA A 309 10.42 20.21 -0.53
C ALA A 309 8.98 20.06 -0.92
N ILE A 310 8.09 20.37 0.02
CA ILE A 310 6.67 20.31 -0.24
C ILE A 310 6.31 21.42 -1.23
N THR A 311 7.12 22.47 -1.24
CA THR A 311 6.96 23.62 -2.12
C THR A 311 7.73 23.50 -3.43
N GLY A 312 8.32 22.34 -3.69
CA GLY A 312 9.20 22.13 -4.82
C GLY A 312 10.65 22.18 -4.39
N TYR A 313 11.14 23.39 -4.11
CA TYR A 313 12.45 23.58 -3.52
C TYR A 313 12.34 24.57 -2.38
N TRP A 314 13.46 24.83 -1.71
CA TRP A 314 13.53 25.86 -0.65
C TRP A 314 12.83 27.20 -0.97
N GLY A 315 13.08 27.74 -2.16
CA GLY A 315 12.40 28.96 -2.59
C GLY A 315 11.14 28.75 -3.43
N GLY A 316 10.53 27.58 -3.31
CA GLY A 316 9.45 27.22 -4.14
C GLY A 316 9.78 26.93 -5.58
N VAL A 317 8.81 27.21 -6.44
CA VAL A 317 8.91 27.02 -7.88
C VAL A 317 8.96 28.38 -8.50
N ARG A 318 9.78 28.54 -9.54
CA ARG A 318 9.88 29.81 -10.27
C ARG A 318 8.48 30.16 -10.76
N PRO A 319 8.01 31.40 -10.49
CA PRO A 319 6.71 31.86 -10.97
C PRO A 319 6.51 31.54 -12.44
N GLY A 320 5.29 31.18 -12.79
CA GLY A 320 4.97 30.72 -14.14
C GLY A 320 3.49 30.35 -14.20
N GLU A 321 2.97 30.22 -15.41
CA GLU A 321 1.59 29.87 -15.63
C GLU A 321 1.41 28.37 -15.34
N GLU A 322 2.43 27.57 -15.66
CA GLU A 322 2.34 26.08 -15.65
C GLU A 322 1.74 25.47 -14.35
N TYR A 323 2.30 25.85 -13.20
CA TYR A 323 1.85 25.36 -11.91
C TYR A 323 1.26 26.47 -11.07
N GLY A 324 0.95 27.61 -11.71
CA GLY A 324 0.34 28.77 -11.03
C GLY A 324 1.13 29.40 -9.91
N SER A 325 2.44 29.27 -9.98
CA SER A 325 3.31 29.75 -8.94
C SER A 325 3.27 31.28 -8.88
N VAL A 326 3.12 31.82 -7.68
CA VAL A 326 3.12 33.25 -7.43
C VAL A 326 3.98 33.49 -6.19
N MET A 327 4.73 34.59 -6.15
CA MET A 327 5.55 34.90 -5.00
C MET A 327 4.67 35.13 -3.80
N LYS A 328 5.00 34.42 -2.69
CA LYS A 328 4.41 34.67 -1.38
C LYS A 328 5.53 34.79 -0.39
N TYR A 329 5.26 35.56 0.66
CA TYR A 329 6.25 35.88 1.71
C TYR A 329 5.71 35.33 3.05
N PRO A 330 6.50 34.51 3.75
CA PRO A 330 6.03 33.94 5.01
C PRO A 330 5.53 34.96 5.99
N ASN A 331 4.39 34.67 6.56
CA ASN A 331 3.84 35.49 7.61
C ASN A 331 4.43 34.98 8.96
N MET A 332 4.92 35.87 9.80
CA MET A 332 5.42 35.48 11.13
C MET A 332 4.28 35.35 12.13
N SER A 333 4.21 34.22 12.86
CA SER A 333 3.36 34.06 14.03
C SER A 333 4.21 34.24 15.29
N LYS A 334 3.57 34.80 16.31
CA LYS A 334 4.27 35.30 17.48
C LYS A 334 4.96 34.20 18.25
N GLY A 335 4.24 33.11 18.51
CA GLY A 335 4.85 31.96 19.22
C GLY A 335 6.15 31.45 18.57
N VAL A 336 6.13 31.31 17.26
CA VAL A 336 7.27 30.83 16.53
C VAL A 336 8.46 31.74 16.70
N VAL A 337 8.26 32.98 16.30
CA VAL A 337 9.28 34.02 16.41
C VAL A 337 9.81 34.25 17.85
N GLU A 338 8.94 34.12 18.83
CA GLU A 338 9.34 34.22 20.21
C GLU A 338 10.39 33.11 20.49
N ASN A 339 10.19 31.87 20.05
CA ASN A 339 11.18 30.81 20.32
C ASN A 339 12.29 30.77 19.31
N ASP A 340 12.00 31.14 18.05
CA ASP A 340 13.01 31.10 17.00
C ASP A 340 13.08 32.49 16.31
N PRO A 341 13.74 33.47 16.97
CA PRO A 341 13.76 34.81 16.38
C PRO A 341 14.52 34.92 15.04
N THR A 342 15.51 34.07 14.78
CA THR A 342 16.22 34.12 13.48
C THR A 342 15.37 33.73 12.26
N TRP A 343 14.22 33.10 12.46
CA TRP A 343 13.26 32.90 11.36
C TRP A 343 12.78 34.22 10.71
N LYS A 344 12.79 35.31 11.49
CA LYS A 344 12.47 36.66 10.97
C LYS A 344 13.34 37.16 9.82
N THR A 345 14.61 36.79 9.82
CA THR A 345 15.59 37.20 8.82
C THR A 345 16.14 35.99 8.02
N ASP A 346 15.46 34.86 8.12
CA ASP A 346 15.74 33.73 7.26
C ASP A 346 15.44 34.12 5.82
N VAL A 347 16.29 33.60 4.97
CA VAL A 347 16.18 33.60 3.53
C VAL A 347 14.79 33.33 2.90
N MET A 348 14.06 32.32 3.36
CA MET A 348 12.72 32.06 2.82
C MET A 348 11.74 33.19 3.19
N THR A 349 11.91 33.75 4.36
CA THR A 349 11.08 34.84 4.83
C THR A 349 11.33 36.14 4.05
N LEU A 350 12.60 36.50 3.81
CA LEU A 350 12.91 37.78 3.15
C LEU A 350 12.77 37.70 1.64
N GLN A 351 13.22 36.61 1.05
CA GLN A 351 13.20 36.43 -0.40
C GLN A 351 11.98 35.73 -0.93
N GLY A 352 11.21 35.09 -0.06
CA GLY A 352 9.91 34.52 -0.45
C GLY A 352 9.96 33.21 -1.20
N LEU A 353 8.77 32.63 -1.44
CA LEU A 353 8.62 31.35 -2.15
C LEU A 353 7.66 31.49 -3.29
N GLY A 354 8.01 30.87 -4.41
CA GLY A 354 7.07 30.70 -5.50
C GLY A 354 6.13 29.56 -5.09
N LEU A 355 4.93 29.93 -4.66
CA LEU A 355 3.94 28.99 -4.18
C LEU A 355 3.00 28.54 -5.29
N VAL A 356 3.12 27.26 -5.60
CA VAL A 356 2.19 26.59 -6.47
C VAL A 356 0.74 26.89 -6.04
N SER A 357 -0.12 27.15 -6.99
CA SER A 357 -1.54 27.39 -6.72
C SER A 357 -2.18 26.10 -6.15
N PRO A 358 -3.13 26.21 -5.20
CA PRO A 358 -3.92 25.04 -4.79
C PRO A 358 -4.65 24.38 -5.91
N LYS A 359 -5.16 25.18 -6.82
CA LYS A 359 -5.80 24.67 -8.03
C LYS A 359 -4.89 23.69 -8.85
N LYS A 360 -3.57 23.91 -8.83
CA LYS A 360 -2.59 23.14 -9.61
C LYS A 360 -1.69 22.19 -8.79
N VAL A 361 -1.82 22.17 -7.46
CA VAL A 361 -0.82 21.46 -6.66
C VAL A 361 -0.76 19.96 -6.98
N TYR A 362 -1.91 19.32 -7.20
CA TYR A 362 -1.89 17.93 -7.59
C TYR A 362 -1.19 17.69 -8.91
N LYS A 363 -1.44 18.54 -9.89
CA LYS A 363 -0.77 18.42 -11.17
C LYS A 363 0.77 18.52 -10.99
N PHE A 364 1.20 19.47 -10.18
CA PHE A 364 2.61 19.61 -9.90
C PHE A 364 3.18 18.32 -9.33
N TYR A 365 2.55 17.77 -8.28
CA TYR A 365 3.16 16.61 -7.58
C TYR A 365 3.05 15.37 -8.43
N ASN A 366 1.90 15.17 -9.05
CA ASN A 366 1.74 14.08 -10.03
C ASN A 366 2.71 14.12 -11.22
N GLU A 367 3.01 15.29 -11.74
CA GLU A 367 3.97 15.32 -12.89
C GLU A 367 5.40 15.09 -12.43
N LEU A 368 5.71 15.60 -11.24
CA LEU A 368 7.01 15.34 -10.63
C LEU A 368 7.19 13.87 -10.31
N HIS A 369 6.25 13.36 -9.53
CA HIS A 369 6.28 11.99 -9.13
C HIS A 369 6.08 10.98 -10.29
N SER A 370 5.33 11.36 -11.35
CA SER A 370 5.18 10.44 -12.49
C SER A 370 6.49 10.26 -13.17
N TYR A 371 7.19 11.37 -13.33
CA TYR A 371 8.52 11.31 -13.91
C TYR A 371 9.43 10.39 -13.07
N LEU A 372 9.38 10.51 -11.74
CA LEU A 372 10.26 9.74 -10.87
C LEU A 372 9.86 8.28 -10.83
N ALA A 373 8.56 8.02 -10.69
CA ALA A 373 8.10 6.64 -10.62
C ALA A 373 8.43 5.87 -11.90
N ASP A 374 8.30 6.54 -13.05
CA ASP A 374 8.69 5.98 -14.34
C ASP A 374 10.17 5.78 -14.51
N ALA A 375 10.98 6.47 -13.74
CA ALA A 375 12.40 6.26 -13.73
C ALA A 375 12.85 5.14 -12.78
N GLY A 376 11.92 4.52 -12.02
CA GLY A 376 12.27 3.46 -11.06
C GLY A 376 12.41 3.92 -9.62
N VAL A 377 12.04 5.18 -9.32
CA VAL A 377 12.14 5.73 -7.98
C VAL A 377 10.94 5.26 -7.16
N ASP A 378 11.21 4.80 -5.94
CA ASP A 378 10.18 4.22 -5.07
C ASP A 378 9.53 5.11 -4.02
N GLY A 379 10.13 6.25 -3.69
CA GLY A 379 9.49 7.18 -2.77
C GLY A 379 10.11 8.53 -2.69
N VAL A 380 9.55 9.37 -1.84
CA VAL A 380 10.11 10.69 -1.65
C VAL A 380 10.28 11.01 -0.17
N LYS A 381 11.40 11.64 0.16
CA LYS A 381 11.57 12.30 1.42
C LYS A 381 11.12 13.76 1.17
N VAL A 382 10.06 14.20 1.84
CA VAL A 382 9.44 15.46 1.54
C VAL A 382 9.72 16.42 2.67
N ALA A 383 10.49 17.47 2.43
CA ALA A 383 10.94 18.35 3.50
C ALA A 383 10.23 19.69 3.51
N VAL A 384 10.74 20.60 4.34
CA VAL A 384 10.23 21.98 4.45
C VAL A 384 8.72 22.07 4.67
N GLN A 385 8.15 21.13 5.43
CA GLN A 385 6.71 20.99 5.44
C GLN A 385 6.00 22.14 6.11
N CYS A 386 6.48 22.59 7.26
CA CYS A 386 5.75 23.62 7.98
C CYS A 386 5.69 25.00 7.32
N VAL A 387 6.39 25.30 6.21
CA VAL A 387 6.25 26.65 5.64
C VAL A 387 4.81 26.89 5.33
N LEU A 388 4.13 25.86 4.85
CA LEU A 388 2.76 26.05 4.44
C LEU A 388 1.93 26.85 5.44
N GLU A 389 2.16 26.65 6.72
CA GLU A 389 1.42 27.36 7.75
C GLU A 389 1.60 28.88 7.74
N THR A 390 2.66 29.35 7.08
CA THR A 390 3.01 30.74 7.07
C THR A 390 2.56 31.42 5.75
N LEU A 391 1.99 30.63 4.83
CA LEU A 391 1.64 31.11 3.50
C LEU A 391 0.13 31.09 3.20
N GLY A 392 -0.70 31.04 4.23
CA GLY A 392 -2.13 30.88 4.05
C GLY A 392 -2.84 32.18 3.84
N GLY A 393 -2.14 33.30 4.05
CA GLY A 393 -2.65 34.64 3.75
C GLY A 393 -3.37 34.68 2.41
N GLY A 394 -4.63 35.11 2.46
CA GLY A 394 -5.48 35.15 1.29
C GLY A 394 -5.97 33.81 0.73
N LEU A 395 -5.69 32.71 1.42
CA LEU A 395 -5.88 31.36 0.87
C LEU A 395 -6.62 30.41 1.81
N GLY A 396 -7.25 30.95 2.86
CA GLY A 396 -8.04 30.16 3.80
C GLY A 396 -7.34 29.90 5.12
N GLY A 397 -6.07 30.29 5.21
CA GLY A 397 -5.26 30.08 6.40
C GLY A 397 -4.33 28.85 6.39
N ARG A 398 -3.67 28.69 7.52
CA ARG A 398 -2.70 27.65 7.78
C ARG A 398 -3.29 26.23 7.77
N VAL A 399 -4.48 26.05 8.28
CA VAL A 399 -5.01 24.71 8.30
C VAL A 399 -5.44 24.32 6.90
N GLU A 400 -6.10 25.22 6.19
CA GLU A 400 -6.70 24.86 4.91
C GLU A 400 -5.66 24.68 3.83
N LEU A 401 -4.63 25.52 3.80
CA LEU A 401 -3.59 25.37 2.76
C LEU A 401 -2.83 24.06 2.99
N THR A 402 -2.62 23.74 4.26
CA THR A 402 -1.95 22.49 4.65
C THR A 402 -2.76 21.24 4.28
N ARG A 403 -4.03 21.24 4.62
CA ARG A 403 -4.92 20.17 4.17
C ARG A 403 -4.85 19.98 2.64
N GLN A 404 -4.87 21.09 1.87
CA GLN A 404 -4.93 21.01 0.40
C GLN A 404 -3.66 20.46 -0.18
N PHE A 405 -2.53 20.93 0.30
CA PHE A 405 -1.24 20.44 -0.19
C PHE A 405 -1.08 19.00 0.19
N HIS A 406 -1.48 18.62 1.40
CA HIS A 406 -1.29 17.23 1.84
C HIS A 406 -2.22 16.25 1.14
N GLN A 407 -3.47 16.64 0.93
CA GLN A 407 -4.41 15.87 0.11
C GLN A 407 -3.81 15.55 -1.25
N ALA A 408 -3.18 16.52 -1.88
CA ALA A 408 -2.64 16.31 -3.20
C ALA A 408 -1.35 15.49 -3.17
N LEU A 409 -0.43 15.82 -2.26
CA LEU A 409 0.75 14.95 -1.99
C LEU A 409 0.36 13.50 -1.72
N ASP A 410 -0.70 13.28 -0.96
CA ASP A 410 -1.04 11.90 -0.61
C ASP A 410 -1.60 11.17 -1.83
N SER A 411 -2.38 11.88 -2.63
CA SER A 411 -2.88 11.28 -3.89
C SER A 411 -1.75 10.90 -4.82
N SER A 412 -0.81 11.80 -4.96
CA SER A 412 0.31 11.59 -5.85
C SER A 412 1.18 10.44 -5.38
N VAL A 413 1.39 10.33 -4.08
CA VAL A 413 2.20 9.25 -3.49
C VAL A 413 1.52 7.90 -3.64
N ALA A 414 0.25 7.82 -3.30
CA ALA A 414 -0.51 6.56 -3.44
C ALA A 414 -0.55 6.06 -4.88
N LYS A 415 -0.68 7.00 -5.82
CA LYS A 415 -0.60 6.70 -7.21
C LYS A 415 0.79 6.21 -7.63
N ASN A 416 1.82 6.98 -7.33
CA ASN A 416 3.10 6.83 -7.99
C ASN A 416 4.11 6.04 -7.17
N PHE A 417 3.92 5.98 -5.85
CA PHE A 417 4.79 5.28 -4.96
C PHE A 417 3.92 4.39 -4.06
N PRO A 418 3.31 3.37 -4.64
CA PRO A 418 2.29 2.62 -3.93
C PRO A 418 2.78 1.77 -2.77
N ASP A 419 4.08 1.62 -2.63
CA ASP A 419 4.64 1.12 -1.38
C ASP A 419 4.50 2.13 -0.17
N ASN A 420 3.76 3.23 -0.36
CA ASN A 420 3.60 4.35 0.59
C ASN A 420 4.92 5.06 0.88
N GLY A 421 5.64 5.39 -0.17
CA GLY A 421 6.99 5.92 -0.04
C GLY A 421 7.05 7.40 0.22
N CYS A 422 6.84 7.77 1.47
CA CYS A 422 6.88 9.14 1.86
C CYS A 422 7.54 9.17 3.21
N ILE A 423 8.59 9.95 3.35
CA ILE A 423 9.16 10.25 4.66
C ILE A 423 8.89 11.71 4.89
N ALA A 424 8.19 11.97 5.98
CA ALA A 424 7.94 13.34 6.42
C ALA A 424 9.13 13.97 7.18
N CYS A 425 9.44 15.19 6.81
CA CYS A 425 10.59 15.84 7.29
C CYS A 425 10.23 17.31 7.45
N MET A 426 10.63 17.88 8.59
CA MET A 426 10.33 19.27 8.96
C MET A 426 8.83 19.47 9.11
N SER A 427 8.16 18.52 9.76
CA SER A 427 6.73 18.49 9.75
C SER A 427 6.15 18.39 11.13
N HIS A 428 6.80 18.93 12.13
CA HIS A 428 6.25 18.85 13.47
C HIS A 428 5.16 19.83 13.86
N ASN A 429 4.41 20.40 12.91
CA ASN A 429 3.23 21.19 13.31
C ASN A 429 1.95 20.34 13.35
N THR A 430 0.98 20.74 14.17
CA THR A 430 -0.23 19.97 14.37
C THR A 430 -1.13 20.03 13.14
N ASP A 431 -1.17 21.17 12.45
CA ASP A 431 -1.88 21.28 11.17
C ASP A 431 -1.64 20.04 10.31
N ALA A 432 -0.37 19.65 10.19
CA ALA A 432 0.05 18.45 9.40
C ALA A 432 -0.23 17.13 10.09
N LEU A 433 0.05 17.05 11.39
CA LEU A 433 -0.17 15.83 12.14
C LEU A 433 -1.62 15.46 12.15
N TYR A 434 -2.51 16.37 12.53
CA TYR A 434 -3.93 15.99 12.58
C TYR A 434 -4.56 15.81 11.18
N CYS A 435 -3.85 16.10 10.09
CA CYS A 435 -4.32 15.64 8.78
C CYS A 435 -3.43 14.55 8.14
N SER A 436 -2.72 13.80 8.98
CA SER A 436 -1.82 12.73 8.53
C SER A 436 -2.57 11.42 8.32
N LYS A 437 -3.05 11.24 7.12
CA LYS A 437 -4.04 10.20 6.85
C LYS A 437 -3.45 8.97 6.24
N GLN A 438 -2.16 9.00 5.92
CA GLN A 438 -1.60 8.01 5.02
C GLN A 438 -0.10 7.77 5.21
N ALA A 439 0.66 8.85 5.23
CA ALA A 439 2.09 8.84 5.43
C ALA A 439 2.39 8.20 6.73
N ALA A 440 3.42 7.36 6.72
CA ALA A 440 3.75 6.51 7.86
C ALA A 440 5.14 6.65 8.47
N VAL A 441 5.97 7.58 7.99
CA VAL A 441 7.30 7.75 8.58
C VAL A 441 7.59 9.22 8.73
N ILE A 442 7.99 9.64 9.92
CA ILE A 442 8.21 11.03 10.22
C ILE A 442 9.55 11.25 10.92
N ARG A 443 10.35 12.18 10.43
CA ARG A 443 11.55 12.55 11.13
C ARG A 443 11.15 13.17 12.43
N ALA A 444 11.78 12.71 13.50
CA ALA A 444 11.41 13.06 14.86
C ALA A 444 12.24 14.11 15.51
N SER A 445 13.17 14.72 14.81
CA SER A 445 13.95 15.79 15.41
C SER A 445 14.68 16.59 14.42
N ASP A 446 15.27 17.68 14.89
CA ASP A 446 16.27 18.42 14.12
C ASP A 446 17.27 17.42 13.56
N ASP A 447 18.06 17.86 12.60
CA ASP A 447 19.01 17.02 11.95
C ASP A 447 20.13 16.54 12.84
N PHE A 448 20.71 15.45 12.40
CA PHE A 448 22.06 15.09 12.78
C PHE A 448 23.02 16.15 12.25
N TYR A 449 23.84 16.68 13.16
CA TYR A 449 24.84 17.72 12.83
C TYR A 449 26.20 17.18 13.17
N PRO A 450 26.90 16.54 12.19
CA PRO A 450 28.17 15.92 12.54
C PRO A 450 29.21 16.86 13.14
N ARG A 451 29.10 18.14 12.84
CA ARG A 451 30.10 19.11 13.23
C ARG A 451 29.78 19.98 14.42
N ASP A 452 28.54 19.92 14.92
CA ASP A 452 28.13 20.69 16.10
C ASP A 452 28.19 19.79 17.30
N PRO A 453 29.20 19.94 18.14
CA PRO A 453 29.25 19.03 19.30
C PRO A 453 28.08 19.13 20.32
N VAL A 454 27.38 20.26 20.38
CA VAL A 454 26.22 20.46 21.27
C VAL A 454 25.01 19.57 20.89
N SER A 455 24.91 19.23 19.61
CA SER A 455 23.75 18.54 19.04
C SER A 455 23.52 17.11 19.48
N HIS A 456 24.54 16.38 19.89
CA HIS A 456 24.40 14.90 19.99
C HIS A 456 23.59 14.43 21.20
N THR A 457 23.77 15.06 22.33
CA THR A 457 22.99 14.73 23.47
C THR A 457 21.58 15.20 23.20
N ILE A 458 21.44 16.40 22.66
CA ILE A 458 20.10 16.98 22.44
C ILE A 458 19.31 16.12 21.46
N HIS A 459 19.98 15.61 20.44
CA HIS A 459 19.33 14.78 19.44
C HIS A 459 18.66 13.60 20.11
N ILE A 460 19.38 12.88 20.97
CA ILE A 460 18.83 11.71 21.62
C ILE A 460 17.66 12.05 22.55
N ALA A 461 17.79 13.07 23.37
CA ALA A 461 16.66 13.46 24.22
C ALA A 461 15.45 13.80 23.35
N SER A 462 15.65 14.66 22.37
CA SER A 462 14.56 15.13 21.52
C SER A 462 13.81 14.03 20.80
N VAL A 463 14.55 13.08 20.31
CA VAL A 463 13.98 12.06 19.49
C VAL A 463 13.06 11.16 20.36
N ALA A 464 13.49 10.90 21.60
CA ALA A 464 12.73 10.08 22.52
C ALA A 464 11.48 10.75 22.99
N TYR A 465 11.60 11.96 23.52
CA TYR A 465 10.42 12.66 23.99
C TYR A 465 9.46 13.00 22.85
N ASN A 466 9.95 13.52 21.73
CA ASN A 466 9.03 13.75 20.63
C ASN A 466 8.32 12.46 20.22
N SER A 467 8.99 11.33 20.25
CA SER A 467 8.34 10.11 19.81
C SER A 467 7.14 9.67 20.64
N VAL A 468 7.05 10.16 21.87
CA VAL A 468 5.88 9.97 22.70
C VAL A 468 4.59 10.45 22.06
N PHE A 469 4.68 11.51 21.27
CA PHE A 469 3.54 12.14 20.65
C PHE A 469 3.55 11.84 19.15
N LEU A 470 4.67 12.03 18.46
CA LEU A 470 4.68 11.82 17.01
C LEU A 470 4.42 10.36 16.65
N GLY A 471 4.82 9.44 17.55
CA GLY A 471 4.66 8.03 17.36
C GLY A 471 3.23 7.56 17.37
N GLU A 472 2.30 8.39 17.79
CA GLU A 472 0.91 7.98 17.77
C GLU A 472 0.38 8.14 16.37
N PHE A 473 1.09 8.94 15.56
CA PHE A 473 0.71 9.23 14.16
C PHE A 473 1.51 8.44 13.13
N MET A 474 2.81 8.37 13.33
CA MET A 474 3.72 7.87 12.31
C MET A 474 4.81 7.14 13.02
N GLN A 475 5.56 6.36 12.29
CA GLN A 475 6.68 5.65 12.86
C GLN A 475 7.86 6.62 12.86
N PRO A 476 8.43 6.97 14.01
CA PRO A 476 9.51 7.95 14.00
C PRO A 476 10.79 7.49 13.38
N ASP A 477 11.40 8.39 12.62
CA ASP A 477 12.70 8.24 11.94
C ASP A 477 13.69 9.12 12.74
N TRP A 478 14.69 8.46 13.32
CA TRP A 478 15.65 9.10 14.19
C TRP A 478 16.85 9.68 13.39
N ASP A 479 16.73 9.70 12.06
CA ASP A 479 17.64 10.40 11.14
C ASP A 479 18.92 9.62 10.90
N MET A 480 19.59 9.95 9.82
CA MET A 480 20.94 9.46 9.55
C MET A 480 21.94 9.76 10.66
N PHE A 481 23.08 9.11 10.57
CA PHE A 481 24.21 9.39 11.42
C PHE A 481 25.46 8.95 10.67
N HIS A 482 26.60 9.02 11.32
CA HIS A 482 27.88 8.66 10.73
C HIS A 482 28.51 7.55 11.54
N SER A 483 29.11 6.58 10.87
CA SER A 483 29.70 5.45 11.54
C SER A 483 31.09 5.71 12.09
N VAL A 484 31.79 6.66 11.49
CA VAL A 484 33.08 7.12 11.97
C VAL A 484 32.85 8.51 12.48
N HIS A 485 32.81 8.67 13.81
CA HIS A 485 32.50 9.93 14.47
C HIS A 485 32.64 9.63 15.98
N PRO A 486 33.13 10.58 16.81
CA PRO A 486 33.21 10.32 18.26
C PRO A 486 31.90 9.82 18.89
N ALA A 487 30.75 10.40 18.52
CA ALA A 487 29.42 9.95 18.95
C ALA A 487 28.78 8.84 18.11
N ALA A 488 29.58 8.14 17.32
CA ALA A 488 29.04 7.12 16.46
C ALA A 488 28.19 6.09 17.20
N GLU A 489 28.72 5.54 18.27
CA GLU A 489 28.09 4.42 18.94
C GLU A 489 26.86 4.90 19.69
N TYR A 490 26.90 6.13 20.17
CA TYR A 490 25.76 6.80 20.80
C TYR A 490 24.59 6.95 19.86
N HIS A 491 24.83 7.41 18.64
CA HIS A 491 23.75 7.52 17.67
C HIS A 491 23.30 6.16 17.22
N ALA A 492 24.24 5.31 16.86
CA ALA A 492 23.92 4.03 16.28
C ALA A 492 23.03 3.20 17.22
N SER A 493 23.39 3.17 18.50
CA SER A 493 22.68 2.35 19.45
C SER A 493 21.27 2.89 19.61
N ALA A 494 21.13 4.21 19.61
CA ALA A 494 19.83 4.81 19.71
C ALA A 494 18.99 4.54 18.48
N ARG A 495 19.62 4.43 17.31
CA ARG A 495 18.86 4.13 16.09
C ARG A 495 18.40 2.68 16.08
N ALA A 496 19.22 1.81 16.71
CA ALA A 496 18.89 0.40 16.81
C ALA A 496 17.66 0.17 17.66
N ILE A 497 17.45 1.00 18.67
CA ILE A 497 16.28 0.85 19.51
C ILE A 497 15.14 1.75 19.12
N SER A 498 15.22 2.43 17.99
CA SER A 498 14.19 3.44 17.63
C SER A 498 12.90 2.87 17.10
N GLY A 499 12.98 1.70 16.50
CA GLY A 499 11.86 1.17 15.75
C GLY A 499 11.71 1.79 14.37
N GLY A 500 12.69 2.61 13.99
CA GLY A 500 12.61 3.43 12.76
C GLY A 500 13.60 2.96 11.69
N PRO A 501 13.53 3.58 10.50
CA PRO A 501 14.54 3.34 9.49
C PRO A 501 15.93 3.57 10.05
N LEU A 502 16.85 2.73 9.60
CA LEU A 502 18.22 2.75 10.08
C LEU A 502 19.08 3.09 8.85
N TYR A 503 19.69 4.27 8.82
CA TYR A 503 20.56 4.67 7.72
C TYR A 503 21.70 5.62 8.13
N VAL A 504 22.81 5.55 7.39
CA VAL A 504 23.93 6.45 7.58
C VAL A 504 24.07 7.42 6.41
N SER A 505 24.74 8.53 6.64
CA SER A 505 25.17 9.42 5.54
C SER A 505 26.71 9.56 5.51
N ASP A 506 27.39 8.44 5.80
CA ASP A 506 28.83 8.29 5.65
C ASP A 506 29.29 8.76 4.27
N SER A 507 30.40 9.46 4.22
CA SER A 507 31.10 9.70 2.96
C SER A 507 31.70 8.39 2.50
N PRO A 508 31.82 8.23 1.16
CA PRO A 508 32.44 7.03 0.59
C PRO A 508 33.79 6.79 1.20
N GLY A 509 34.05 5.58 1.63
CA GLY A 509 35.32 5.25 2.27
C GLY A 509 35.47 5.56 3.76
N LYS A 510 34.53 6.29 4.37
CA LYS A 510 34.63 6.69 5.77
C LYS A 510 33.62 5.90 6.62
N HIS A 511 33.92 4.61 6.77
CA HIS A 511 33.01 3.64 7.41
C HIS A 511 33.58 2.95 8.60
N ASN A 512 32.74 2.58 9.54
CA ASN A 512 33.20 1.71 10.60
C ASN A 512 32.36 0.48 10.58
N PHE A 513 32.87 -0.53 9.91
CA PHE A 513 32.15 -1.78 9.70
C PHE A 513 31.95 -2.60 10.95
N GLU A 514 32.88 -2.55 11.90
CA GLU A 514 32.68 -3.19 13.19
C GLU A 514 31.45 -2.61 13.87
N LEU A 515 31.22 -1.31 13.74
CA LEU A 515 29.98 -0.69 14.25
C LEU A 515 28.76 -1.08 13.40
N LEU A 516 28.90 -1.04 12.09
CA LEU A 516 27.79 -1.33 11.24
C LEU A 516 27.33 -2.75 11.39
N ARG A 517 28.22 -3.70 11.66
CA ARG A 517 27.84 -5.12 11.80
C ARG A 517 26.96 -5.34 12.99
N LYS A 518 26.97 -4.42 13.93
CA LYS A 518 26.07 -4.48 15.05
C LYS A 518 24.64 -4.03 14.72
N LEU A 519 24.43 -3.43 13.55
CA LEU A 519 23.15 -2.91 13.10
C LEU A 519 22.57 -3.58 11.91
N VAL A 520 23.46 -4.06 11.03
CA VAL A 520 23.09 -4.55 9.73
C VAL A 520 23.65 -5.94 9.47
N LEU A 521 22.83 -6.82 8.93
CA LEU A 521 23.26 -8.17 8.65
C LEU A 521 23.82 -8.19 7.23
N PRO A 522 24.49 -9.29 6.84
CA PRO A 522 25.12 -9.41 5.50
C PRO A 522 24.22 -9.25 4.25
N ASP A 523 22.91 -9.41 4.39
CA ASP A 523 21.95 -9.19 3.29
C ASP A 523 21.25 -7.80 3.29
N GLY A 524 21.67 -6.93 4.22
CA GLY A 524 21.16 -5.58 4.29
C GLY A 524 20.02 -5.38 5.26
N SER A 525 19.62 -6.43 5.95
CA SER A 525 18.42 -6.32 6.78
C SER A 525 18.85 -5.95 8.15
N ILE A 526 17.92 -5.37 8.92
CA ILE A 526 18.17 -4.92 10.28
C ILE A 526 17.25 -5.61 11.29
N LEU A 527 17.51 -5.37 12.57
CA LEU A 527 16.71 -5.86 13.67
C LEU A 527 15.89 -4.71 14.21
N ARG A 528 14.85 -4.35 13.46
CA ARG A 528 13.94 -3.30 13.89
C ARG A 528 12.98 -3.76 15.00
N ALA A 529 12.92 -2.97 16.08
CA ALA A 529 11.90 -3.13 17.11
C ALA A 529 10.50 -2.68 16.63
N ARG A 530 9.46 -3.13 17.33
CA ARG A 530 8.05 -3.02 16.91
C ARG A 530 7.43 -1.65 17.17
N LEU A 531 7.86 -0.95 18.20
CA LEU A 531 7.22 0.31 18.62
C LEU A 531 8.15 1.48 18.35
N PRO A 532 7.67 2.72 18.57
CA PRO A 532 8.58 3.83 18.58
C PRO A 532 9.35 3.85 19.87
N GLY A 533 10.69 4.00 19.78
CA GLY A 533 11.52 4.10 20.98
C GLY A 533 10.99 5.26 21.81
N ARG A 534 10.86 5.07 23.12
CA ARG A 534 10.27 6.07 23.97
C ARG A 534 10.88 6.11 25.32
N PRO A 535 10.73 7.21 26.03
CA PRO A 535 11.27 7.19 27.38
C PRO A 535 10.46 6.33 28.29
N THR A 536 11.08 5.82 29.34
CA THR A 536 10.38 5.01 30.32
C THR A 536 9.46 5.87 31.19
N ARG A 537 8.50 5.24 31.89
CA ARG A 537 7.54 5.93 32.80
C ARG A 537 8.32 6.86 33.72
N ASP A 538 9.41 6.36 34.30
CA ASP A 538 10.20 7.15 35.27
C ASP A 538 11.03 8.27 34.68
N CYS A 539 11.23 8.31 33.36
CA CYS A 539 11.80 9.47 32.69
C CYS A 539 10.82 10.45 32.04
N LEU A 540 9.52 10.13 31.96
CA LEU A 540 8.62 11.06 31.27
C LEU A 540 8.61 12.45 31.88
N PHE A 541 8.81 12.54 33.19
CA PHE A 541 8.68 13.81 33.90
C PHE A 541 9.98 14.37 34.46
N ALA A 542 11.10 13.68 34.21
CA ALA A 542 12.43 14.13 34.63
C ALA A 542 13.28 14.49 33.40
N ASP A 543 13.55 15.79 33.20
CA ASP A 543 14.28 16.25 32.00
C ASP A 543 15.74 15.85 32.05
N PRO A 544 16.12 14.80 31.30
CA PRO A 544 17.47 14.28 31.36
C PRO A 544 18.55 15.11 30.64
N ALA A 545 18.12 16.11 29.86
CA ALA A 545 19.05 17.11 29.34
C ALA A 545 19.42 18.23 30.33
N ARG A 546 18.61 18.45 31.37
CA ARG A 546 18.68 19.68 32.20
C ARG A 546 18.75 19.50 33.73
N ASP A 547 18.27 18.40 34.29
CA ASP A 547 18.06 18.32 35.74
C ASP A 547 19.35 17.93 36.51
N GLY A 548 20.45 17.73 35.75
CA GLY A 548 21.71 17.25 36.29
C GLY A 548 21.67 16.00 37.14
N VAL A 549 20.57 15.24 37.11
CA VAL A 549 20.39 14.14 38.04
C VAL A 549 20.11 12.81 37.37
N SER A 550 19.32 12.78 36.29
CA SER A 550 18.85 11.50 35.73
C SER A 550 19.53 11.09 34.43
N LEU A 551 19.68 9.78 34.26
CA LEU A 551 19.96 9.19 32.96
C LEU A 551 18.62 9.08 32.22
N LEU A 552 18.68 9.13 30.89
CA LEU A 552 17.54 8.87 30.03
C LEU A 552 17.54 7.38 29.73
N LYS A 553 16.41 6.74 29.95
CA LYS A 553 16.20 5.35 29.66
C LYS A 553 15.13 5.30 28.58
N ILE A 554 15.42 4.52 27.54
CA ILE A 554 14.53 4.38 26.41
C ILE A 554 14.18 2.90 26.25
N TRP A 555 12.91 2.60 26.08
CA TRP A 555 12.49 1.23 25.89
C TRP A 555 11.84 1.06 24.57
N ASN A 556 11.79 -0.20 24.17
CA ASN A 556 11.04 -0.67 23.05
C ASN A 556 10.84 -2.19 23.21
N MET A 557 10.11 -2.79 22.27
CA MET A 557 9.81 -4.22 22.26
C MET A 557 10.19 -4.91 20.95
N ASN A 558 10.46 -6.18 21.10
CA ASN A 558 10.46 -7.10 20.05
C ASN A 558 9.28 -8.05 20.29
N LYS A 559 9.18 -9.14 19.53
CA LYS A 559 8.13 -10.15 19.77
C LYS A 559 8.34 -10.87 21.11
N TYR A 560 9.57 -11.28 21.39
CA TYR A 560 9.90 -12.07 22.59
C TYR A 560 10.88 -11.46 23.55
N THR A 561 11.26 -10.20 23.37
CA THR A 561 12.10 -9.51 24.34
C THR A 561 11.73 -8.07 24.30
N GLY A 562 12.09 -7.37 25.36
CA GLY A 562 12.12 -5.91 25.31
C GLY A 562 13.57 -5.50 25.11
N VAL A 563 13.83 -4.21 25.12
CA VAL A 563 15.18 -3.71 25.01
C VAL A 563 15.21 -2.39 25.69
N LEU A 564 16.32 -2.05 26.31
CA LEU A 564 16.39 -0.82 27.07
C LEU A 564 17.72 -0.13 26.83
N GLY A 565 17.68 1.14 26.50
CA GLY A 565 18.90 1.86 26.23
C GLY A 565 19.06 2.95 27.22
N VAL A 566 20.26 3.09 27.78
CA VAL A 566 20.47 4.11 28.80
C VAL A 566 21.54 5.06 28.36
N TYR A 567 21.23 6.34 28.50
CA TYR A 567 21.98 7.43 27.90
C TYR A 567 22.18 8.51 28.92
N ASN A 568 23.38 9.05 29.04
CA ASN A 568 23.55 10.28 29.78
C ASN A 568 23.61 11.34 28.72
N CYS A 569 22.58 12.14 28.67
CA CYS A 569 22.47 13.15 27.68
C CYS A 569 22.36 14.51 28.38
N GLN A 570 22.98 14.58 29.56
CA GLN A 570 23.05 15.83 30.33
C GLN A 570 23.97 16.79 29.67
N GLY A 571 23.81 18.06 30.01
CA GLY A 571 24.81 19.08 29.66
C GLY A 571 24.45 20.02 28.52
N ALA A 572 23.28 19.85 27.90
CA ALA A 572 22.99 20.65 26.75
C ALA A 572 21.52 20.64 26.46
N ALA A 573 20.99 21.79 26.08
CA ALA A 573 19.57 21.97 25.85
C ALA A 573 19.31 23.27 25.15
N TRP A 574 18.13 23.36 24.54
CA TRP A 574 17.64 24.61 24.03
C TRP A 574 17.48 25.54 25.22
N SER A 575 18.06 26.73 25.12
CA SER A 575 17.97 27.70 26.19
C SER A 575 16.78 28.62 25.98
N SER A 576 15.99 28.86 27.01
CA SER A 576 14.87 29.78 26.85
C SER A 576 15.33 31.23 26.83
N THR A 577 16.54 31.56 27.29
CA THR A 577 17.09 32.93 27.21
C THR A 577 17.82 33.20 25.89
N GLU A 578 18.79 32.35 25.56
CA GLU A 578 19.51 32.49 24.30
C GLU A 578 18.70 32.03 23.07
N ARG A 579 17.62 31.27 23.27
CA ARG A 579 16.77 30.78 22.17
C ARG A 579 17.55 29.93 21.12
N LYS A 580 18.50 29.12 21.58
CA LYS A 580 19.24 28.20 20.72
C LYS A 580 19.82 27.09 21.59
N ASN A 581 20.44 26.09 20.97
CA ASN A 581 20.98 24.93 21.68
C ASN A 581 22.34 25.30 22.23
N ILE A 582 22.54 25.18 23.53
CA ILE A 582 23.82 25.52 24.09
C ILE A 582 24.22 24.49 25.11
N PHE A 583 25.52 24.44 25.38
CA PHE A 583 26.06 23.75 26.55
C PHE A 583 25.72 24.51 27.84
N HIS A 584 25.68 23.79 28.95
CA HIS A 584 25.43 24.43 30.24
C HIS A 584 26.10 23.66 31.35
N GLN A 585 26.17 24.25 32.53
CA GLN A 585 26.97 23.65 33.57
C GLN A 585 26.25 22.43 34.13
N THR A 586 27.04 21.40 34.45
CA THR A 586 26.55 20.25 35.24
C THR A 586 27.60 19.83 36.25
N LYS A 587 27.14 19.57 37.48
CA LYS A 587 28.02 19.49 38.65
C LYS A 587 28.94 18.25 38.62
N THR A 588 28.38 17.08 38.30
CA THR A 588 29.19 15.89 38.03
C THR A 588 29.41 15.79 36.54
N ASP A 589 30.33 14.90 36.19
CA ASP A 589 30.36 14.29 34.88
C ASP A 589 29.49 12.98 34.95
N SER A 590 29.73 12.13 35.96
CA SER A 590 29.13 10.79 36.02
C SER A 590 27.83 10.79 36.82
N LEU A 591 26.84 10.03 36.33
CA LEU A 591 25.54 9.87 36.99
C LEU A 591 25.16 8.41 37.16
N THR A 592 24.58 8.10 38.31
CA THR A 592 24.12 6.77 38.62
C THR A 592 22.59 6.75 38.64
N GLY A 593 22.03 5.74 37.97
CA GLY A 593 20.58 5.51 37.98
C GLY A 593 20.42 4.00 37.96
N SER A 594 19.20 3.54 37.92
CA SER A 594 18.90 2.13 38.13
C SER A 594 18.07 1.66 36.95
N ILE A 595 18.07 0.36 36.72
CA ILE A 595 17.35 -0.26 35.61
C ILE A 595 16.50 -1.36 36.27
N ARG A 596 15.27 -1.57 35.77
CA ARG A 596 14.36 -2.65 36.20
C ARG A 596 13.66 -3.26 34.96
N GLY A 597 13.47 -4.57 34.94
CA GLY A 597 12.66 -5.24 33.93
C GLY A 597 11.45 -4.42 33.57
N ARG A 598 10.64 -4.03 34.57
CA ARG A 598 9.41 -3.25 34.33
C ARG A 598 9.62 -1.82 33.82
N ASP A 599 10.86 -1.39 33.65
CA ASP A 599 11.14 -0.16 32.89
C ASP A 599 10.73 -0.27 31.42
N VAL A 600 10.76 -1.49 30.93
CA VAL A 600 10.23 -1.79 29.63
C VAL A 600 8.74 -1.94 29.81
N HIS A 601 8.01 -0.88 29.62
CA HIS A 601 6.62 -0.83 30.01
C HIS A 601 5.74 -2.01 29.49
N SER A 602 5.93 -2.49 28.28
CA SER A 602 5.13 -3.57 27.70
C SER A 602 5.79 -4.98 27.74
N ILE A 603 6.77 -5.16 28.61
CA ILE A 603 7.49 -6.42 28.72
C ILE A 603 6.60 -7.67 28.88
N SER A 604 5.46 -7.58 29.55
CA SER A 604 4.52 -8.75 29.61
C SER A 604 4.19 -9.34 28.26
N GLU A 605 4.06 -8.47 27.27
CA GLU A 605 3.68 -8.86 25.93
C GLU A 605 4.76 -9.67 25.24
N ALA A 606 5.97 -9.75 25.79
CA ALA A 606 7.00 -10.67 25.29
C ALA A 606 6.92 -12.06 25.94
N SER A 607 6.27 -12.17 27.09
CA SER A 607 6.19 -13.43 27.80
C SER A 607 5.25 -14.39 27.08
N THR A 608 5.66 -15.64 26.93
CA THR A 608 4.82 -16.66 26.28
C THR A 608 3.64 -17.08 27.13
N ASP A 609 3.72 -16.87 28.45
CA ASP A 609 2.56 -17.05 29.30
C ASP A 609 2.45 -15.90 30.30
N PRO A 610 1.87 -14.78 29.87
CA PRO A 610 1.80 -13.65 30.77
C PRO A 610 0.93 -13.83 32.01
N THR A 611 0.06 -14.85 32.06
CA THR A 611 -0.76 -15.08 33.27
C THR A 611 0.08 -15.77 34.35
N THR A 612 0.79 -16.83 33.99
CA THR A 612 1.67 -17.48 34.97
C THR A 612 2.89 -16.63 35.34
N TRP A 613 3.33 -15.74 34.46
CA TRP A 613 4.65 -15.09 34.61
C TRP A 613 4.87 -14.25 35.91
N ASN A 614 5.93 -14.57 36.64
CA ASN A 614 6.26 -13.90 37.90
C ASN A 614 7.02 -12.57 37.81
N GLY A 615 7.32 -12.14 36.59
CA GLY A 615 7.96 -10.85 36.34
C GLY A 615 9.48 -10.81 36.32
N ASP A 616 10.15 -11.96 36.33
CA ASP A 616 11.61 -12.01 36.34
C ASP A 616 12.13 -12.06 34.93
N CYS A 617 13.31 -11.46 34.72
CA CYS A 617 13.88 -11.22 33.40
C CYS A 617 15.36 -11.55 33.33
N ALA A 618 15.79 -11.97 32.17
CA ALA A 618 17.19 -12.08 31.87
C ALA A 618 17.56 -10.73 31.23
N VAL A 619 18.56 -10.06 31.79
CA VAL A 619 19.04 -8.78 31.30
C VAL A 619 20.46 -8.97 30.81
N TYR A 620 20.63 -8.76 29.52
CA TYR A 620 21.92 -8.89 28.86
C TYR A 620 22.39 -7.51 28.47
N SER A 621 23.56 -7.12 28.98
CA SER A 621 24.23 -5.90 28.60
C SER A 621 24.98 -6.16 27.32
N GLN A 622 24.67 -5.42 26.26
CA GLN A 622 25.35 -5.58 24.99
C GLN A 622 26.86 -5.27 25.10
N SER A 623 27.19 -4.13 25.71
CA SER A 623 28.59 -3.63 25.75
C SER A 623 29.46 -4.45 26.68
N ARG A 624 29.07 -4.59 27.96
CA ARG A 624 29.86 -5.37 28.94
C ARG A 624 29.89 -6.87 28.65
N GLY A 625 29.02 -7.36 27.77
CA GLY A 625 28.89 -8.80 27.52
C GLY A 625 28.34 -9.66 28.66
N GLU A 626 27.65 -9.03 29.63
CA GLU A 626 27.11 -9.68 30.86
C GLU A 626 25.60 -9.98 30.90
N LEU A 627 25.29 -11.22 31.28
CA LEU A 627 23.92 -11.68 31.56
C LEU A 627 23.69 -11.76 33.05
N ILE A 628 22.58 -11.21 33.50
CA ILE A 628 22.21 -11.20 34.88
C ILE A 628 20.74 -11.55 34.94
N VAL A 629 20.34 -12.27 35.98
CA VAL A 629 18.94 -12.49 36.29
C VAL A 629 18.40 -11.40 37.24
N MET A 630 17.30 -10.75 36.83
CA MET A 630 16.67 -9.69 37.59
C MET A 630 15.24 -10.08 37.95
N PRO A 631 15.03 -10.32 39.24
CA PRO A 631 13.69 -10.55 39.73
C PRO A 631 12.81 -9.33 39.64
N TYR A 632 11.53 -9.54 39.43
CA TYR A 632 10.56 -8.49 39.45
C TYR A 632 10.92 -7.47 40.50
N ASN A 633 11.04 -6.21 40.11
CA ASN A 633 11.29 -5.08 41.01
C ASN A 633 12.74 -4.83 41.51
N VAL A 634 13.61 -5.83 41.48
CA VAL A 634 15.04 -5.63 41.76
C VAL A 634 15.69 -4.67 40.78
N SER A 635 16.30 -3.61 41.33
CA SER A 635 17.08 -2.61 40.60
C SER A 635 18.51 -3.04 40.36
N LEU A 636 19.04 -2.72 39.18
CA LEU A 636 20.46 -2.83 38.84
C LEU A 636 21.02 -1.42 38.56
N PRO A 637 22.03 -0.97 39.35
CA PRO A 637 22.80 0.25 39.12
C PRO A 637 23.41 0.36 37.74
N VAL A 638 23.33 1.54 37.17
CA VAL A 638 24.02 1.86 35.95
C VAL A 638 24.64 3.23 36.13
N SER A 639 25.90 3.35 35.72
CA SER A 639 26.66 4.59 35.83
C SER A 639 27.16 5.03 34.44
N LEU A 640 26.92 6.29 34.12
CA LEU A 640 27.31 6.80 32.82
C LEU A 640 27.79 8.23 32.92
N LYS A 641 28.83 8.53 32.16
CA LYS A 641 29.33 9.88 31.97
C LYS A 641 28.63 10.43 30.74
N ILE A 642 28.68 11.72 30.60
CA ILE A 642 28.02 12.40 29.49
C ILE A 642 28.48 11.82 28.16
N ARG A 643 27.55 11.73 27.22
CA ARG A 643 27.75 11.06 25.92
C ARG A 643 28.03 9.54 26.01
N GLU A 644 27.79 8.92 27.15
CA GLU A 644 27.87 7.47 27.27
C GLU A 644 26.48 6.86 27.31
N HIS A 645 26.45 5.59 26.99
CA HIS A 645 25.20 4.89 26.77
C HIS A 645 25.41 3.46 27.14
N GLU A 646 24.33 2.74 27.37
CA GLU A 646 24.39 1.29 27.50
C GLU A 646 23.09 0.65 27.03
N ILE A 647 23.17 -0.43 26.27
CA ILE A 647 22.02 -1.16 25.80
C ILE A 647 21.91 -2.50 26.51
N PHE A 648 20.73 -2.76 27.08
CA PHE A 648 20.32 -4.06 27.63
C PHE A 648 19.17 -4.74 26.85
N THR A 649 19.34 -6.00 26.48
CA THR A 649 18.20 -6.79 26.05
C THR A 649 17.50 -7.33 27.31
N VAL A 650 16.16 -7.34 27.29
CA VAL A 650 15.38 -7.76 28.47
C VAL A 650 14.39 -8.84 28.06
N SER A 651 14.59 -10.07 28.55
CA SER A 651 13.83 -11.27 28.18
C SER A 651 13.09 -11.85 29.34
N PRO A 652 11.75 -12.01 29.22
CA PRO A 652 11.01 -12.64 30.32
C PRO A 652 11.46 -14.05 30.45
N ILE A 653 11.76 -14.46 31.66
CA ILE A 653 12.16 -15.84 31.94
C ILE A 653 10.92 -16.74 31.97
N SER A 654 11.03 -17.89 31.33
CA SER A 654 9.98 -18.88 31.37
C SER A 654 10.38 -19.98 32.34
N HIS A 655 9.50 -20.35 33.26
CA HIS A 655 9.81 -21.41 34.26
C HIS A 655 9.28 -22.74 33.82
N LEU A 656 10.12 -23.59 33.21
CA LEU A 656 9.64 -24.83 32.59
C LEU A 656 9.17 -25.82 33.67
N VAL A 657 10.08 -26.12 34.60
CA VAL A 657 9.82 -26.81 35.86
C VAL A 657 10.70 -26.14 36.89
N ASP A 658 10.64 -26.63 38.12
CA ASP A 658 11.52 -26.17 39.19
C ASP A 658 12.94 -26.37 38.77
N GLY A 659 13.75 -25.32 38.88
CA GLY A 659 15.17 -25.35 38.48
C GLY A 659 15.57 -25.32 37.00
N VAL A 660 14.59 -25.30 36.09
CA VAL A 660 14.84 -25.16 34.66
C VAL A 660 14.07 -23.95 34.15
N SER A 661 14.79 -22.83 34.07
CA SER A 661 14.32 -21.57 33.54
C SER A 661 15.10 -21.22 32.26
N PHE A 662 14.50 -20.41 31.40
CA PHE A 662 15.07 -20.09 30.12
C PHE A 662 14.54 -18.77 29.63
N ALA A 663 15.35 -18.07 28.87
CA ALA A 663 14.93 -16.86 28.21
C ALA A 663 15.88 -16.65 27.05
N PRO A 664 15.33 -16.40 25.86
CA PRO A 664 16.16 -16.16 24.69
C PRO A 664 16.73 -14.73 24.68
N ILE A 665 17.94 -14.51 24.17
CA ILE A 665 18.52 -13.17 24.07
C ILE A 665 18.59 -12.72 22.63
N GLY A 666 19.21 -13.53 21.82
CA GLY A 666 19.29 -13.27 20.41
C GLY A 666 20.71 -13.09 19.96
N LEU A 667 20.90 -12.27 18.94
CA LEU A 667 22.21 -12.05 18.35
C LEU A 667 22.92 -11.07 19.27
N VAL A 668 23.82 -11.62 20.07
CA VAL A 668 24.36 -10.86 21.16
C VAL A 668 25.38 -9.81 20.72
N ASN A 669 25.95 -9.96 19.51
CA ASN A 669 26.81 -8.92 18.95
C ASN A 669 26.09 -7.92 18.08
N MET A 670 24.79 -7.82 18.21
CA MET A 670 24.07 -6.72 17.63
C MET A 670 23.32 -5.98 18.72
N TYR A 671 23.12 -4.67 18.53
CA TYR A 671 22.50 -3.81 19.53
C TYR A 671 21.10 -4.29 19.96
N ASN A 672 20.20 -4.41 19.02
CA ASN A 672 18.88 -5.00 19.31
C ASN A 672 18.85 -6.52 19.13
N SER A 673 19.55 -7.23 20.01
CA SER A 673 19.68 -8.70 19.95
C SER A 673 18.36 -9.41 19.83
N GLY A 674 17.41 -8.98 20.67
CA GLY A 674 16.10 -9.61 20.77
C GLY A 674 15.29 -9.53 19.50
N GLY A 675 15.60 -8.56 18.63
CA GLY A 675 14.99 -8.42 17.31
C GLY A 675 15.15 -9.57 16.35
N ALA A 676 16.09 -10.44 16.62
CA ALA A 676 16.34 -11.66 15.83
C ALA A 676 15.32 -12.84 16.02
N ILE A 677 14.63 -12.88 17.16
CA ILE A 677 13.84 -14.04 17.52
C ILE A 677 12.47 -13.88 16.88
N GLU A 678 12.15 -14.72 15.92
CA GLU A 678 10.87 -14.66 15.25
C GLU A 678 9.80 -15.61 15.78
N GLY A 679 10.24 -16.76 16.32
CA GLY A 679 9.34 -17.74 16.94
C GLY A 679 9.86 -18.31 18.23
N LEU A 680 8.99 -18.66 19.14
CA LEU A 680 9.44 -19.23 20.39
C LEU A 680 8.33 -20.09 21.01
N ARG A 681 8.64 -21.36 21.19
CA ARG A 681 7.73 -22.32 21.79
C ARG A 681 8.50 -23.07 22.89
N TYR A 682 7.92 -23.12 24.09
CA TYR A 682 8.45 -23.95 25.20
C TYR A 682 7.69 -25.25 25.28
N GLU A 683 8.38 -26.36 25.19
CA GLU A 683 7.75 -27.64 25.33
C GLU A 683 8.28 -28.23 26.64
N ALA A 684 7.66 -27.83 27.75
CA ALA A 684 8.08 -28.27 29.11
C ALA A 684 7.95 -29.79 29.35
N GLU A 685 6.98 -30.39 28.69
CA GLU A 685 6.74 -31.84 28.72
C GLU A 685 7.94 -32.62 28.14
N LYS A 686 8.74 -32.02 27.26
CA LYS A 686 9.97 -32.63 26.71
C LYS A 686 11.30 -31.90 27.08
N MET A 687 11.26 -30.95 28.04
CA MET A 687 12.38 -30.09 28.46
C MET A 687 13.10 -29.39 27.30
N LYS A 688 12.32 -28.80 26.41
CA LYS A 688 12.79 -28.37 25.12
C LYS A 688 12.29 -26.97 24.80
N VAL A 689 13.12 -26.22 24.05
CA VAL A 689 12.78 -24.89 23.53
C VAL A 689 12.99 -24.84 22.04
N VAL A 690 12.03 -24.29 21.33
CA VAL A 690 12.10 -24.23 19.87
C VAL A 690 11.97 -22.76 19.45
N MET A 691 12.93 -22.31 18.66
CA MET A 691 13.08 -20.93 18.27
C MET A 691 13.30 -20.82 16.78
N GLU A 692 12.76 -19.74 16.24
CA GLU A 692 13.03 -19.36 14.87
C GLU A 692 13.80 -18.09 14.97
N VAL A 693 15.02 -18.11 14.47
CA VAL A 693 15.91 -16.98 14.59
C VAL A 693 16.26 -16.49 13.22
N LYS A 694 16.30 -15.19 13.00
CA LYS A 694 16.83 -14.68 11.74
C LYS A 694 18.23 -14.16 11.91
N GLY A 695 18.90 -14.02 10.78
CA GLY A 695 20.24 -13.50 10.71
C GLY A 695 21.30 -14.54 10.92
N CYS A 696 22.44 -14.07 11.40
CA CYS A 696 23.57 -14.91 11.69
C CYS A 696 24.50 -14.19 12.65
N GLY A 697 25.47 -14.94 13.17
CA GLY A 697 26.34 -14.49 14.24
C GLY A 697 26.13 -15.31 15.51
N LYS A 698 26.76 -14.85 16.58
CA LYS A 698 26.63 -15.45 17.89
C LYS A 698 25.20 -15.27 18.45
N PHE A 699 24.51 -16.40 18.62
CA PHE A 699 23.21 -16.45 19.31
C PHE A 699 23.42 -16.68 20.79
N GLY A 700 22.57 -16.08 21.61
CA GLY A 700 22.69 -16.21 23.05
C GLY A 700 21.36 -16.40 23.70
N SER A 701 21.30 -17.20 24.77
CA SER A 701 20.12 -17.32 25.63
C SER A 701 20.53 -17.49 27.06
N TYR A 702 19.58 -17.23 27.97
CA TYR A 702 19.71 -17.60 29.39
C TYR A 702 19.19 -19.05 29.61
N SER A 703 19.94 -19.85 30.36
CA SER A 703 19.47 -21.14 30.85
C SER A 703 20.05 -21.48 32.21
N SER A 704 19.18 -21.70 33.18
CA SER A 704 19.63 -22.07 34.54
C SER A 704 20.38 -23.39 34.63
N VAL A 705 20.31 -24.20 33.55
CA VAL A 705 21.07 -25.42 33.44
C VAL A 705 21.79 -25.59 32.10
N LYS A 706 22.84 -26.41 32.11
CA LYS A 706 23.59 -26.67 30.92
C LYS A 706 22.66 -27.40 29.95
N PRO A 707 22.51 -26.89 28.73
CA PRO A 707 21.77 -27.68 27.80
C PRO A 707 22.42 -29.04 27.56
N LYS A 708 21.59 -29.99 27.15
CA LYS A 708 22.00 -31.32 26.78
C LYS A 708 22.50 -31.29 25.34
N ARG A 709 21.69 -30.71 24.45
CA ARG A 709 21.96 -30.62 23.01
C ARG A 709 21.42 -29.25 22.50
N CYS A 710 22.16 -28.61 21.61
CA CYS A 710 21.65 -27.45 20.87
C CYS A 710 21.63 -27.89 19.46
N VAL A 711 20.47 -27.76 18.81
CA VAL A 711 20.28 -28.18 17.43
C VAL A 711 19.84 -27.03 16.53
N VAL A 712 20.44 -26.94 15.34
CA VAL A 712 20.15 -25.90 14.35
C VAL A 712 19.91 -26.65 13.06
N GLU A 713 18.71 -26.52 12.50
CA GLU A 713 18.27 -27.28 11.31
C GLU A 713 18.52 -28.77 11.44
N SER A 714 17.94 -29.42 12.45
CA SER A 714 18.10 -30.89 12.58
C SER A 714 19.55 -31.41 12.74
N ASN A 715 20.50 -30.57 13.16
CA ASN A 715 21.91 -30.95 13.31
C ASN A 715 22.54 -30.40 14.59
N GLU A 716 23.11 -31.29 15.41
CA GLU A 716 23.63 -30.89 16.70
C GLU A 716 24.79 -29.96 16.44
N ILE A 717 24.95 -28.92 17.26
CA ILE A 717 26.11 -28.04 17.12
C ILE A 717 26.73 -27.72 18.44
N ALA A 718 27.97 -27.25 18.38
CA ALA A 718 28.77 -26.95 19.55
C ALA A 718 28.25 -25.69 20.21
N PHE A 719 28.41 -25.62 21.53
CA PHE A 719 28.07 -24.43 22.27
C PHE A 719 28.89 -24.31 23.49
N GLU A 720 28.86 -23.13 24.06
CA GLU A 720 29.58 -22.85 25.25
C GLU A 720 28.52 -22.55 26.25
N TYR A 721 28.89 -22.53 27.53
CA TYR A 721 27.96 -22.31 28.62
C TYR A 721 28.64 -21.77 29.87
N ASP A 722 28.32 -20.56 30.29
CA ASP A 722 28.91 -19.96 31.47
C ASP A 722 28.01 -20.40 32.59
N SER A 723 28.49 -21.33 33.39
CA SER A 723 27.71 -21.93 34.48
C SER A 723 27.33 -20.88 35.53
N SER A 724 28.17 -19.87 35.73
CA SER A 724 27.92 -18.90 36.78
C SER A 724 26.73 -18.00 36.44
N SER A 725 26.62 -17.58 35.17
CA SER A 725 25.57 -16.66 34.75
C SER A 725 24.40 -17.31 33.99
N GLY A 726 24.60 -18.48 33.43
CA GLY A 726 23.57 -19.15 32.64
C GLY A 726 23.61 -18.83 31.17
N LEU A 727 24.65 -18.17 30.70
CA LEU A 727 24.62 -17.68 29.33
C LEU A 727 24.95 -18.80 28.39
N VAL A 728 24.04 -19.12 27.48
CA VAL A 728 24.26 -20.15 26.46
C VAL A 728 24.66 -19.46 25.17
N THR A 729 25.57 -20.06 24.41
CA THR A 729 26.14 -19.35 23.29
C THR A 729 26.54 -20.28 22.17
N PHE A 730 26.08 -20.00 20.95
CA PHE A 730 26.56 -20.69 19.77
C PHE A 730 26.49 -19.87 18.50
N GLU A 731 27.09 -20.39 17.43
CA GLU A 731 27.27 -19.63 16.19
C GLU A 731 26.23 -20.03 15.19
N LEU A 732 25.58 -19.03 14.59
CA LEU A 732 24.67 -19.21 13.47
C LEU A 732 25.53 -18.75 12.34
N ASP A 733 25.77 -19.65 11.41
CA ASP A 733 27.01 -19.61 10.66
C ASP A 733 26.83 -18.68 9.46
N LYS A 734 25.82 -18.99 8.65
CA LYS A 734 25.51 -18.35 7.37
C LYS A 734 24.17 -17.71 7.58
N MET A 735 23.77 -16.78 6.71
CA MET A 735 22.36 -16.37 6.65
C MET A 735 21.52 -17.62 6.32
N PRO A 736 20.25 -17.63 6.72
CA PRO A 736 19.45 -18.80 6.42
C PRO A 736 19.58 -19.16 4.92
N ILE A 737 19.60 -20.46 4.61
CA ILE A 737 19.75 -20.95 3.23
C ILE A 737 18.38 -20.76 2.55
N GLU A 738 18.30 -20.66 1.21
CA GLU A 738 17.11 -20.06 0.49
C GLU A 738 17.08 -18.50 0.77
N ASN A 739 16.00 -17.71 1.01
CA ASN A 739 14.50 -17.86 0.90
C ASN A 739 13.70 -18.45 2.07
N LYS A 740 14.39 -19.16 2.98
CA LYS A 740 13.76 -19.94 4.08
C LYS A 740 13.80 -19.20 5.43
N ARG A 741 14.39 -18.00 5.38
CA ARG A 741 14.06 -16.89 6.28
C ARG A 741 14.53 -17.00 7.73
N PHE A 742 14.26 -18.13 8.38
CA PHE A 742 14.62 -18.30 9.78
C PHE A 742 15.45 -19.57 9.96
N HIS A 743 16.39 -19.52 10.88
CA HIS A 743 16.99 -20.72 11.42
C HIS A 743 16.06 -21.32 12.48
N LEU A 744 15.82 -22.62 12.38
CA LEU A 744 15.07 -23.36 13.39
C LEU A 744 16.07 -23.92 14.41
N ILE A 745 15.82 -23.61 15.66
CA ILE A 745 16.76 -23.88 16.69
C ILE A 745 15.99 -24.64 17.71
N GLN A 746 16.57 -25.74 18.21
CA GLN A 746 16.03 -26.49 19.35
C GLN A 746 17.06 -26.55 20.44
N VAL A 747 16.72 -26.02 21.61
CA VAL A 747 17.62 -26.13 22.75
C VAL A 747 17.00 -27.12 23.71
N GLU A 748 17.73 -28.22 23.96
CA GLU A 748 17.25 -29.37 24.70
C GLU A 748 17.88 -29.33 26.06
N LEU A 749 17.09 -29.02 27.07
CA LEU A 749 17.50 -29.07 28.45
C LEU A 749 16.90 -30.44 28.84
N PRO B 5 8.56 5.24 -41.78
CA PRO B 5 8.14 5.78 -40.48
C PRO B 5 6.93 5.08 -39.74
N ALA B 6 6.72 3.77 -39.96
CA ALA B 6 5.81 2.86 -39.16
C ALA B 6 4.28 2.97 -39.39
N VAL B 7 3.71 4.11 -39.02
CA VAL B 7 2.28 4.38 -39.13
C VAL B 7 2.09 5.86 -39.52
N ARG B 8 1.51 6.13 -40.68
CA ARG B 8 1.34 7.54 -41.10
C ARG B 8 0.15 7.75 -42.03
N ILE B 9 -0.22 9.03 -42.14
CA ILE B 9 -1.32 9.48 -43.00
C ILE B 9 -0.73 10.19 -44.23
N SER B 10 -0.71 9.46 -45.35
CA SER B 10 -0.14 9.91 -46.62
C SER B 10 -1.22 9.74 -47.70
N ASP B 11 -1.56 10.85 -48.37
CA ASP B 11 -2.78 11.00 -49.19
C ASP B 11 -3.96 11.15 -48.22
N GLY B 12 -5.07 10.46 -48.50
CA GLY B 12 -6.12 10.23 -47.51
C GLY B 12 -6.14 8.75 -47.12
N ASN B 13 -4.94 8.15 -46.97
CA ASN B 13 -4.78 6.77 -46.49
C ASN B 13 -3.98 6.67 -45.16
N LEU B 14 -4.42 5.78 -44.26
CA LEU B 14 -3.64 5.39 -43.08
C LEU B 14 -2.85 4.17 -43.48
N ILE B 15 -1.52 4.26 -43.37
CA ILE B 15 -0.59 3.22 -43.85
C ILE B 15 0.24 2.60 -42.70
N ILE B 16 0.18 1.26 -42.62
CA ILE B 16 0.84 0.46 -41.58
C ILE B 16 1.86 -0.49 -42.25
N LYS B 17 3.15 -0.11 -42.22
CA LYS B 17 4.23 -0.87 -42.90
C LYS B 17 3.93 -1.12 -44.38
N ASN B 18 3.57 -0.05 -45.07
CA ASN B 18 3.11 -0.11 -46.46
C ASN B 18 1.94 -1.08 -46.78
N ARG B 19 0.96 -1.19 -45.87
CA ARG B 19 -0.40 -1.71 -46.19
C ARG B 19 -1.40 -0.58 -45.90
N THR B 20 -2.33 -0.32 -46.82
CA THR B 20 -3.42 0.61 -46.59
C THR B 20 -4.46 -0.06 -45.71
N ILE B 21 -4.61 0.45 -44.49
CA ILE B 21 -5.60 -0.06 -43.55
C ILE B 21 -6.90 0.73 -43.63
N LEU B 22 -6.76 2.05 -43.72
CA LEU B 22 -7.89 2.96 -43.86
C LEU B 22 -7.74 3.86 -45.08
N THR B 23 -8.76 3.87 -45.94
CA THR B 23 -8.84 4.79 -47.08
C THR B 23 -9.77 5.94 -46.78
N GLY B 24 -9.54 7.06 -47.46
CA GLY B 24 -10.46 8.19 -47.43
C GLY B 24 -10.46 8.93 -46.12
N VAL B 25 -9.27 9.19 -45.58
CA VAL B 25 -9.15 9.88 -44.31
C VAL B 25 -9.43 11.35 -44.57
N PRO B 26 -10.55 11.89 -44.03
CA PRO B 26 -10.87 13.31 -44.20
C PRO B 26 -9.72 14.28 -43.96
N ASP B 27 -9.92 15.51 -44.38
CA ASP B 27 -8.87 16.53 -44.43
C ASP B 27 -8.86 17.36 -43.15
N ASN B 28 -9.89 17.18 -42.31
CA ASN B 28 -9.99 17.87 -41.01
C ASN B 28 -9.39 17.04 -39.83
N VAL B 29 -8.86 15.85 -40.15
CA VAL B 29 -8.16 14.96 -39.22
C VAL B 29 -6.67 15.30 -39.08
N ILE B 30 -6.27 15.97 -38.01
CA ILE B 30 -4.85 16.24 -37.81
C ILE B 30 -4.16 15.09 -37.08
N THR B 31 -2.86 14.91 -37.34
CA THR B 31 -2.06 13.94 -36.61
C THR B 31 -0.82 14.58 -35.99
N THR B 32 -0.26 13.86 -35.02
CA THR B 32 0.99 14.23 -34.42
C THR B 32 1.64 13.00 -33.80
N SER B 33 2.96 13.00 -33.75
CA SER B 33 3.76 12.00 -33.03
C SER B 33 4.64 12.72 -32.03
N ALA B 34 4.30 13.97 -31.75
CA ALA B 34 5.15 14.79 -30.93
C ALA B 34 4.83 14.43 -29.50
N SER B 35 5.84 14.54 -28.63
CA SER B 35 5.65 14.52 -27.17
C SER B 35 6.84 15.06 -26.40
N GLU B 36 6.58 15.27 -25.12
CA GLU B 36 7.53 15.10 -24.02
C GLU B 36 8.73 14.15 -24.36
N ALA B 37 8.44 12.92 -24.82
CA ALA B 37 9.41 11.80 -24.96
C ALA B 37 10.58 11.84 -25.98
N GLY B 38 10.53 12.55 -27.12
CA GLY B 38 9.35 13.01 -27.81
C GLY B 38 8.82 12.08 -28.90
N PRO B 39 9.56 11.95 -30.04
CA PRO B 39 8.92 11.29 -31.19
C PRO B 39 8.53 9.83 -30.89
N VAL B 40 7.23 9.58 -30.84
CA VAL B 40 6.68 8.29 -30.43
C VAL B 40 6.31 7.37 -31.63
N GLU B 41 6.40 6.05 -31.44
CA GLU B 41 6.33 5.05 -32.56
C GLU B 41 5.03 4.98 -33.39
N GLY B 42 3.93 5.48 -32.84
CA GLY B 42 2.62 5.52 -33.52
C GLY B 42 2.15 6.96 -33.59
N VAL B 43 0.84 7.18 -33.52
CA VAL B 43 0.27 8.49 -33.93
C VAL B 43 -0.99 8.87 -33.14
N PHE B 44 -1.04 10.12 -32.69
CA PHE B 44 -2.20 10.69 -32.06
C PHE B 44 -3.08 11.36 -33.12
N VAL B 45 -4.34 10.98 -33.19
CA VAL B 45 -5.25 11.52 -34.14
C VAL B 45 -6.20 12.48 -33.46
N GLY B 46 -6.44 13.59 -34.15
CA GLY B 46 -7.44 14.57 -33.77
C GLY B 46 -8.26 15.04 -34.97
N ALA B 47 -8.94 16.15 -34.77
CA ALA B 47 -9.78 16.73 -35.80
C ALA B 47 -10.16 18.15 -35.41
N VAL B 48 -10.28 19.03 -36.43
CA VAL B 48 -10.89 20.38 -36.23
C VAL B 48 -12.29 20.42 -36.85
N PHE B 49 -13.14 21.25 -36.27
CA PHE B 49 -14.48 21.47 -36.81
C PHE B 49 -14.76 22.97 -36.83
N ASN B 50 -15.77 23.36 -37.62
CA ASN B 50 -16.28 24.73 -37.58
C ASN B 50 -17.11 24.95 -36.30
N LYS B 51 -18.09 24.07 -36.11
CA LYS B 51 -19.01 24.15 -34.99
C LYS B 51 -18.27 23.91 -33.64
N GLU B 52 -18.53 24.74 -32.66
CA GLU B 52 -18.20 24.40 -31.28
C GLU B 52 -19.40 23.65 -30.69
N GLU B 53 -19.20 22.38 -30.34
CA GLU B 53 -20.28 21.52 -29.90
C GLU B 53 -19.89 20.58 -28.76
N SER B 54 -20.89 20.03 -28.09
CA SER B 54 -20.69 19.12 -26.97
C SER B 54 -20.64 17.65 -27.43
N LYS B 55 -21.08 17.39 -28.66
CA LYS B 55 -20.89 16.10 -29.33
C LYS B 55 -20.29 16.37 -30.74
N HIS B 56 -19.55 15.39 -31.26
CA HIS B 56 -18.90 15.45 -32.56
C HIS B 56 -18.66 14.06 -33.13
N ILE B 57 -18.53 13.98 -34.44
CA ILE B 57 -18.43 12.70 -35.17
C ILE B 57 -17.60 13.01 -36.40
N VAL B 58 -16.42 12.44 -36.49
CA VAL B 58 -15.58 12.59 -37.67
C VAL B 58 -15.16 11.20 -38.10
N PRO B 59 -15.41 10.85 -39.37
CA PRO B 59 -14.86 9.57 -39.85
C PRO B 59 -13.32 9.59 -39.86
N ILE B 60 -12.71 8.46 -39.56
CA ILE B 60 -11.26 8.34 -39.53
C ILE B 60 -10.79 7.73 -40.84
N GLY B 61 -11.60 6.83 -41.39
CA GLY B 61 -11.26 6.21 -42.66
C GLY B 61 -12.11 4.97 -42.88
N THR B 62 -11.87 4.28 -43.98
CA THR B 62 -12.73 3.20 -44.43
C THR B 62 -11.96 1.92 -44.19
N LEU B 63 -12.63 0.89 -43.69
CA LEU B 63 -12.01 -0.36 -43.32
C LEU B 63 -12.71 -1.46 -44.10
N ARG B 64 -11.97 -2.19 -44.92
CA ARG B 64 -12.56 -3.27 -45.69
C ARG B 64 -11.54 -4.38 -45.70
N ASN B 65 -12.02 -5.61 -45.57
CA ASN B 65 -11.18 -6.82 -45.71
C ASN B 65 -9.97 -6.81 -44.77
N SER B 66 -10.26 -6.76 -43.47
CA SER B 66 -9.25 -6.62 -42.42
C SER B 66 -9.83 -7.10 -41.11
N ARG B 67 -9.45 -8.31 -40.67
CA ARG B 67 -9.99 -8.84 -39.41
C ARG B 67 -9.75 -7.86 -38.26
N PHE B 68 -10.74 -7.70 -37.42
CA PHE B 68 -10.55 -6.92 -36.21
C PHE B 68 -11.20 -7.64 -35.07
N MET B 69 -10.72 -7.39 -33.84
CA MET B 69 -11.49 -7.67 -32.62
C MET B 69 -11.76 -6.34 -31.99
N SER B 70 -12.95 -6.17 -31.46
CA SER B 70 -13.24 -4.96 -30.72
C SER B 70 -13.81 -5.33 -29.34
N CYS B 71 -13.62 -4.47 -28.35
CA CYS B 71 -14.44 -4.51 -27.13
C CYS B 71 -15.37 -3.28 -27.06
N PHE B 72 -16.66 -3.53 -26.85
CA PHE B 72 -17.69 -2.46 -26.95
C PHE B 72 -18.70 -2.62 -25.84
N ARG B 73 -19.24 -1.49 -25.40
CA ARG B 73 -20.27 -1.50 -24.38
C ARG B 73 -21.60 -1.89 -24.96
N PHE B 74 -22.02 -3.12 -24.70
CA PHE B 74 -23.41 -3.54 -24.90
C PHE B 74 -24.40 -3.06 -23.85
N LYS B 75 -23.90 -2.74 -22.68
CA LYS B 75 -24.67 -2.04 -21.66
C LYS B 75 -23.79 -0.92 -21.22
N LEU B 76 -24.39 0.01 -20.48
CA LEU B 76 -23.67 1.14 -19.89
C LEU B 76 -22.44 0.73 -19.04
N TRP B 77 -22.57 -0.39 -18.33
CA TRP B 77 -21.61 -0.84 -17.32
C TRP B 77 -20.54 -1.77 -17.86
N TRP B 78 -20.90 -2.58 -18.85
CA TRP B 78 -20.10 -3.72 -19.25
C TRP B 78 -19.67 -3.72 -20.72
N MET B 79 -18.66 -4.52 -21.02
CA MET B 79 -18.10 -4.65 -22.36
C MET B 79 -18.26 -6.08 -22.82
N ALA B 80 -18.22 -6.26 -24.14
CA ALA B 80 -18.11 -7.59 -24.73
C ALA B 80 -17.40 -7.49 -26.04
N GLN B 81 -16.97 -8.66 -26.52
CA GLN B 81 -16.23 -8.77 -27.76
C GLN B 81 -17.13 -8.69 -29.03
N ARG B 82 -16.56 -8.12 -30.08
CA ARG B 82 -17.11 -8.25 -31.44
C ARG B 82 -15.96 -8.30 -32.46
N MET B 83 -16.01 -9.29 -33.35
CA MET B 83 -15.09 -9.40 -34.48
C MET B 83 -15.82 -9.12 -35.80
N GLY B 84 -15.04 -8.98 -36.88
CA GLY B 84 -15.53 -8.76 -38.22
C GLY B 84 -14.42 -8.37 -39.18
N GLU B 85 -14.78 -8.25 -40.46
CA GLU B 85 -13.83 -7.89 -41.55
C GLU B 85 -13.98 -6.41 -41.95
N MET B 86 -15.14 -5.81 -41.68
CA MET B 86 -15.60 -4.58 -42.34
C MET B 86 -16.02 -3.50 -41.34
N GLY B 87 -15.71 -2.25 -41.66
CA GLY B 87 -16.14 -1.09 -40.85
C GLY B 87 -17.59 -1.07 -40.35
N ARG B 88 -18.52 -1.52 -41.18
CA ARG B 88 -19.93 -1.57 -40.77
C ARG B 88 -20.17 -2.49 -39.57
N ASP B 89 -19.30 -3.48 -39.37
CA ASP B 89 -19.42 -4.43 -38.28
C ASP B 89 -18.90 -3.91 -36.94
N ILE B 90 -18.19 -2.77 -36.95
CA ILE B 90 -17.70 -2.14 -35.72
C ILE B 90 -18.88 -1.56 -34.94
N PRO B 91 -19.10 -2.02 -33.66
CA PRO B 91 -20.26 -1.53 -32.95
C PRO B 91 -20.13 -0.14 -32.41
N TYR B 92 -21.26 0.39 -31.97
CA TYR B 92 -21.30 1.63 -31.23
C TYR B 92 -20.62 1.36 -29.92
N GLU B 93 -20.15 2.42 -29.27
CA GLU B 93 -19.45 2.32 -28.01
C GLU B 93 -18.27 1.35 -28.01
N THR B 94 -17.55 1.27 -29.13
CA THR B 94 -16.34 0.48 -29.24
C THR B 94 -15.23 1.24 -28.53
N GLN B 95 -14.60 0.63 -27.55
CA GLN B 95 -13.64 1.33 -26.69
C GLN B 95 -12.17 0.94 -26.86
N PHE B 96 -11.95 -0.19 -27.52
CA PHE B 96 -10.65 -0.72 -27.82
C PHE B 96 -10.87 -1.49 -29.13
N LEU B 97 -10.00 -1.28 -30.11
CA LEU B 97 -10.11 -1.96 -31.39
C LEU B 97 -8.75 -2.49 -31.83
N LEU B 98 -8.69 -3.77 -32.14
CA LEU B 98 -7.46 -4.38 -32.59
C LEU B 98 -7.65 -4.89 -34.03
N VAL B 99 -6.76 -4.51 -34.94
CA VAL B 99 -6.87 -4.79 -36.38
C VAL B 99 -5.68 -5.63 -36.86
N GLU B 100 -5.97 -6.78 -37.46
CA GLU B 100 -4.96 -7.63 -38.10
C GLU B 100 -4.75 -7.19 -39.56
N SER B 101 -3.51 -6.98 -39.94
CA SER B 101 -3.12 -6.56 -41.28
C SER B 101 -2.32 -7.72 -41.85
N ASN B 102 -2.71 -8.20 -43.03
CA ASN B 102 -2.32 -9.53 -43.50
C ASN B 102 -1.04 -9.58 -44.35
N LYS B 120 -0.19 -11.27 -38.93
CA LYS B 120 1.20 -10.88 -39.21
C LYS B 120 1.57 -9.54 -38.52
N VAL B 121 0.85 -8.45 -38.83
CA VAL B 121 1.07 -7.12 -38.18
C VAL B 121 -0.21 -6.61 -37.51
N TYR B 122 -0.12 -6.04 -36.31
CA TYR B 122 -1.31 -5.65 -35.51
C TYR B 122 -1.33 -4.17 -35.19
N THR B 123 -2.53 -3.59 -35.14
CA THR B 123 -2.72 -2.16 -34.93
C THR B 123 -3.83 -1.96 -33.93
N VAL B 124 -3.56 -1.18 -32.88
CA VAL B 124 -4.54 -0.85 -31.86
C VAL B 124 -5.00 0.56 -32.10
N PHE B 125 -6.31 0.76 -31.95
CA PHE B 125 -6.88 2.08 -31.90
C PHE B 125 -7.38 2.26 -30.47
N LEU B 126 -6.82 3.23 -29.75
CA LEU B 126 -7.23 3.48 -28.38
C LEU B 126 -7.91 4.80 -28.38
N PRO B 127 -9.24 4.81 -28.36
CA PRO B 127 -9.91 6.11 -28.17
C PRO B 127 -9.77 6.59 -26.72
N LEU B 128 -9.43 7.88 -26.56
CA LEU B 128 -8.98 8.46 -25.32
C LEU B 128 -9.87 9.54 -24.77
N ILE B 129 -9.55 9.95 -23.54
CA ILE B 129 -10.12 11.13 -22.94
C ILE B 129 -9.13 12.24 -23.22
N GLU B 130 -9.68 13.39 -23.58
CA GLU B 130 -8.91 14.57 -23.90
C GLU B 130 -9.68 15.71 -23.35
N GLY B 131 -9.07 16.46 -22.45
CA GLY B 131 -9.70 17.64 -21.87
C GLY B 131 -10.94 17.23 -21.12
N SER B 132 -12.11 17.74 -21.54
CA SER B 132 -13.39 17.31 -20.95
C SER B 132 -14.15 16.29 -21.83
N PHE B 133 -13.51 15.84 -22.90
CA PHE B 133 -14.14 14.95 -23.90
C PHE B 133 -13.64 13.49 -23.85
N ARG B 134 -14.59 12.57 -23.93
CA ARG B 134 -14.31 11.15 -23.98
C ARG B 134 -14.69 10.68 -25.36
N SER B 135 -13.84 9.86 -25.97
CA SER B 135 -14.11 9.36 -27.30
C SER B 135 -14.27 7.88 -27.30
N CYS B 136 -15.05 7.40 -28.27
CA CYS B 136 -15.15 5.99 -28.60
C CYS B 136 -15.36 5.86 -30.12
N LEU B 137 -15.16 4.67 -30.66
CA LEU B 137 -15.33 4.44 -32.08
C LEU B 137 -16.71 3.83 -32.43
N GLN B 138 -17.18 4.09 -33.65
CA GLN B 138 -18.39 3.44 -34.22
C GLN B 138 -18.23 3.24 -35.75
N GLY B 139 -18.86 2.20 -36.27
CA GLY B 139 -19.03 2.02 -37.72
C GLY B 139 -20.29 2.69 -38.29
N ASN B 140 -20.30 2.91 -39.61
CA ASN B 140 -21.55 3.15 -40.39
C ASN B 140 -21.59 2.18 -41.58
N VAL B 141 -22.73 2.12 -42.26
CA VAL B 141 -22.90 1.18 -43.39
C VAL B 141 -22.02 1.49 -44.61
N ASN B 142 -21.38 2.68 -44.62
CA ASN B 142 -20.25 3.02 -45.55
C ASN B 142 -18.87 2.37 -45.25
N ASP B 143 -18.81 1.60 -44.16
CA ASP B 143 -17.60 0.93 -43.68
C ASP B 143 -16.54 1.91 -43.13
N GLU B 144 -16.98 3.11 -42.74
CA GLU B 144 -16.07 4.10 -42.18
C GLU B 144 -15.97 3.83 -40.67
N VAL B 145 -14.75 3.92 -40.12
CA VAL B 145 -14.55 3.89 -38.67
C VAL B 145 -14.66 5.34 -38.24
N GLU B 146 -15.67 5.64 -37.42
CA GLU B 146 -15.86 7.02 -36.93
C GLU B 146 -15.51 7.14 -35.46
N LEU B 147 -15.05 8.33 -35.10
CA LEU B 147 -14.55 8.66 -33.81
C LEU B 147 -15.63 9.54 -33.23
N CYS B 148 -16.33 9.06 -32.21
CA CYS B 148 -17.33 9.83 -31.52
C CYS B 148 -16.64 10.57 -30.38
N LEU B 149 -16.64 11.91 -30.36
CA LEU B 149 -16.17 12.69 -29.21
C LEU B 149 -17.39 13.20 -28.42
N GLU B 150 -17.43 13.06 -27.09
CA GLU B 150 -18.56 13.56 -26.26
C GLU B 150 -18.09 14.19 -24.97
N SER B 151 -18.70 15.30 -24.55
CA SER B 151 -18.49 15.86 -23.21
C SER B 151 -19.51 15.44 -22.10
N GLY B 152 -20.65 14.86 -22.48
CA GLY B 152 -21.74 14.58 -21.54
C GLY B 152 -22.42 15.81 -20.90
N ASP B 153 -22.21 16.99 -21.50
CA ASP B 153 -22.60 18.29 -20.94
C ASP B 153 -22.73 19.36 -22.05
N VAL B 154 -23.95 19.86 -22.27
CA VAL B 154 -24.21 20.94 -23.27
C VAL B 154 -23.43 22.23 -23.03
N ASP B 155 -23.17 22.57 -21.76
CA ASP B 155 -22.42 23.79 -21.41
C ASP B 155 -20.89 23.61 -21.49
N THR B 156 -20.42 22.45 -21.97
CA THR B 156 -19.00 22.24 -22.28
C THR B 156 -18.91 21.91 -23.77
N LYS B 157 -18.29 22.82 -24.53
CA LYS B 157 -18.18 22.70 -25.98
C LYS B 157 -16.70 22.83 -26.40
N ARG B 158 -16.33 22.10 -27.47
CA ARG B 158 -15.03 22.27 -28.13
C ARG B 158 -15.13 22.03 -29.62
N SER B 159 -14.20 22.64 -30.35
CA SER B 159 -14.11 22.51 -31.80
C SER B 159 -12.76 21.92 -32.29
N SER B 160 -11.74 21.85 -31.44
CA SER B 160 -10.52 21.13 -31.83
C SER B 160 -9.97 20.18 -30.78
N PHE B 161 -9.29 19.15 -31.30
CA PHE B 161 -8.88 17.99 -30.58
C PHE B 161 -7.61 17.50 -31.25
N THR B 162 -6.54 17.34 -30.47
CA THR B 162 -5.25 16.88 -30.99
C THR B 162 -4.94 15.42 -30.63
N HIS B 163 -5.40 14.96 -29.47
CA HIS B 163 -5.06 13.66 -28.95
C HIS B 163 -6.31 12.90 -28.54
N SER B 164 -7.25 12.66 -29.44
CA SER B 164 -8.46 11.89 -29.06
C SER B 164 -8.43 10.40 -29.43
N LEU B 165 -7.38 9.99 -30.10
CA LEU B 165 -7.22 8.63 -30.55
C LEU B 165 -5.73 8.35 -30.70
N TYR B 166 -5.30 7.15 -30.35
CA TYR B 166 -3.91 6.78 -30.47
C TYR B 166 -3.83 5.46 -31.20
N ILE B 167 -2.93 5.43 -32.17
CA ILE B 167 -2.84 4.29 -33.04
C ILE B 167 -1.40 3.88 -33.02
N HIS B 168 -1.20 2.59 -32.87
CA HIS B 168 0.13 2.05 -32.82
C HIS B 168 0.11 0.61 -33.34
N ALA B 169 1.20 0.20 -33.99
CA ALA B 169 1.25 -1.06 -34.69
C ALA B 169 2.50 -1.81 -34.35
N GLY B 170 2.44 -3.13 -34.43
CA GLY B 170 3.57 -3.99 -34.04
C GLY B 170 3.32 -5.44 -34.40
N THR B 171 4.31 -6.31 -34.19
CA THR B 171 4.27 -7.70 -34.69
C THR B 171 3.75 -8.72 -33.70
N ASP B 172 3.56 -8.29 -32.45
CA ASP B 172 3.11 -9.14 -31.35
C ASP B 172 1.89 -8.42 -30.77
N PRO B 173 0.71 -9.01 -30.87
CA PRO B 173 -0.47 -8.23 -30.48
C PRO B 173 -0.47 -7.74 -29.02
N PHE B 174 -0.09 -8.61 -28.10
CA PHE B 174 -0.12 -8.26 -26.68
C PHE B 174 0.81 -7.11 -26.33
N GLN B 175 2.03 -7.18 -26.84
CA GLN B 175 3.03 -6.12 -26.62
C GLN B 175 2.63 -4.80 -27.27
N THR B 176 1.90 -4.89 -28.39
CA THR B 176 1.49 -3.68 -29.11
C THR B 176 0.51 -2.93 -28.25
N ILE B 177 -0.49 -3.64 -27.76
CA ILE B 177 -1.46 -3.10 -26.81
C ILE B 177 -0.73 -2.51 -25.61
N THR B 178 0.20 -3.25 -25.01
CA THR B 178 0.91 -2.74 -23.83
C THR B 178 1.74 -1.49 -24.13
N ASP B 179 2.48 -1.45 -25.25
CA ASP B 179 3.31 -0.28 -25.59
C ASP B 179 2.45 0.94 -25.90
N ALA B 180 1.28 0.68 -26.50
CA ALA B 180 0.32 1.74 -26.78
C ALA B 180 -0.26 2.33 -25.51
N ILE B 181 -0.53 1.48 -24.52
CA ILE B 181 -1.06 1.95 -23.23
C ILE B 181 0.04 2.75 -22.51
N ARG B 182 1.30 2.28 -22.57
CA ARG B 182 2.42 3.00 -21.97
C ARG B 182 2.49 4.43 -22.56
N THR B 183 2.51 4.54 -23.88
CA THR B 183 2.53 5.85 -24.59
C THR B 183 1.39 6.78 -24.20
N VAL B 184 0.19 6.22 -24.10
CA VAL B 184 -1.01 7.00 -23.74
C VAL B 184 -0.90 7.48 -22.29
N LYS B 185 -0.36 6.64 -21.43
CA LYS B 185 -0.04 7.00 -20.04
C LYS B 185 0.92 8.16 -19.95
N LEU B 186 2.02 8.08 -20.69
CA LEU B 186 2.98 9.17 -20.67
C LEU B 186 2.35 10.49 -21.13
N HIS B 187 1.27 10.45 -21.90
CA HIS B 187 0.60 11.66 -22.29
C HIS B 187 -0.35 12.21 -21.21
N LEU B 188 -1.26 11.39 -20.69
CA LEU B 188 -2.27 11.86 -19.72
C LEU B 188 -1.76 11.93 -18.29
N ASN B 189 -0.83 11.03 -17.96
CA ASN B 189 -0.31 10.83 -16.59
C ASN B 189 -1.37 10.67 -15.50
N SER B 190 -2.52 10.13 -15.87
CA SER B 190 -3.67 10.09 -14.98
C SER B 190 -4.06 8.69 -14.54
N PHE B 191 -3.33 7.68 -15.01
CA PHE B 191 -3.55 6.30 -14.61
C PHE B 191 -2.17 5.58 -14.50
N ARG B 192 -2.17 4.41 -13.89
CA ARG B 192 -0.99 3.57 -13.82
C ARG B 192 -1.34 2.24 -14.45
N GLN B 193 -0.36 1.54 -14.97
CA GLN B 193 -0.60 0.26 -15.63
C GLN B 193 -0.71 -0.81 -14.55
N ARG B 194 -1.33 -1.93 -14.88
CA ARG B 194 -1.53 -3.01 -13.90
C ARG B 194 -0.28 -3.41 -13.11
N HIS B 195 0.86 -3.51 -13.77
CA HIS B 195 2.09 -3.99 -13.12
C HIS B 195 2.69 -2.94 -12.16
N GLU B 196 2.21 -1.68 -12.22
CA GLU B 196 2.66 -0.59 -11.34
C GLU B 196 1.76 -0.36 -10.10
N LYS B 197 0.79 -1.25 -9.87
CA LYS B 197 -0.17 -1.06 -8.75
C LYS B 197 -0.03 -2.17 -7.75
N LYS B 198 -0.44 -1.87 -6.51
CA LYS B 198 -0.37 -2.85 -5.44
C LYS B 198 -1.68 -3.67 -5.45
N LEU B 199 -1.60 -4.97 -5.64
CA LEU B 199 -2.76 -5.84 -5.49
C LEU B 199 -3.08 -6.00 -4.05
N PRO B 200 -4.37 -6.02 -3.69
CA PRO B 200 -4.66 -6.34 -2.29
C PRO B 200 -4.39 -7.80 -1.97
N GLY B 201 -4.27 -8.09 -0.68
CA GLY B 201 -4.03 -9.43 -0.16
C GLY B 201 -5.07 -10.48 -0.51
N ILE B 202 -6.33 -10.06 -0.66
CA ILE B 202 -7.39 -11.00 -1.00
C ILE B 202 -7.09 -11.85 -2.23
N VAL B 203 -6.30 -11.36 -3.17
CA VAL B 203 -6.02 -12.14 -4.40
C VAL B 203 -5.30 -13.49 -4.21
N ASP B 204 -4.56 -13.71 -3.11
CA ASP B 204 -3.85 -15.00 -2.89
C ASP B 204 -4.63 -15.94 -1.98
N TYR B 205 -5.88 -15.59 -1.65
CA TYR B 205 -6.70 -16.43 -0.76
C TYR B 205 -8.08 -16.64 -1.36
N PHE B 206 -8.74 -17.67 -0.83
CA PHE B 206 -10.08 -18.07 -1.20
C PHE B 206 -11.10 -17.21 -0.47
N GLY B 207 -12.09 -16.71 -1.21
CA GLY B 207 -13.18 -15.91 -0.64
C GLY B 207 -14.55 -16.50 -0.83
N TRP B 208 -15.51 -15.89 -0.15
CA TRP B 208 -16.92 -16.17 -0.31
C TRP B 208 -17.69 -14.86 -0.32
N CYS B 209 -18.55 -14.69 -1.32
CA CYS B 209 -19.41 -13.51 -1.48
C CYS B 209 -20.85 -13.87 -1.09
N THR B 210 -21.56 -12.93 -0.49
CA THR B 210 -22.93 -13.21 -0.07
C THR B 210 -23.98 -13.12 -1.18
N TRP B 211 -23.64 -12.58 -2.34
CA TRP B 211 -24.66 -12.10 -3.27
C TRP B 211 -25.59 -13.17 -3.83
N ASP B 212 -25.04 -14.25 -4.38
CA ASP B 212 -25.90 -15.24 -5.06
C ASP B 212 -26.56 -16.18 -4.06
N ALA B 213 -26.07 -16.19 -2.82
CA ALA B 213 -26.70 -16.92 -1.70
C ALA B 213 -27.92 -16.27 -1.05
N PHE B 214 -27.90 -14.97 -0.80
CA PHE B 214 -29.00 -14.29 -0.12
C PHE B 214 -29.50 -13.05 -0.83
N TYR B 215 -28.88 -12.67 -1.96
CA TYR B 215 -29.09 -11.35 -2.59
C TYR B 215 -29.15 -10.24 -1.51
N GLN B 216 -30.09 -9.29 -1.63
CA GLN B 216 -30.28 -8.27 -0.59
C GLN B 216 -30.78 -8.78 0.75
N GLU B 217 -31.34 -10.00 0.83
CA GLU B 217 -31.86 -10.52 2.14
C GLU B 217 -30.77 -10.89 3.13
N VAL B 218 -29.49 -10.73 2.77
CA VAL B 218 -28.32 -11.10 3.61
C VAL B 218 -28.43 -10.54 5.01
N THR B 219 -28.03 -11.36 5.97
CA THR B 219 -28.01 -10.99 7.37
C THR B 219 -26.68 -11.44 7.93
N GLN B 220 -26.37 -10.96 9.12
CA GLN B 220 -25.15 -11.33 9.81
C GLN B 220 -25.14 -12.81 10.20
N GLU B 221 -26.31 -13.41 10.41
CA GLU B 221 -26.37 -14.85 10.72
C GLU B 221 -26.06 -15.64 9.46
N GLY B 222 -26.61 -15.18 8.33
CA GLY B 222 -26.28 -15.74 7.02
C GLY B 222 -24.78 -15.72 6.70
N VAL B 223 -24.14 -14.58 6.96
CA VAL B 223 -22.71 -14.42 6.75
C VAL B 223 -21.95 -15.40 7.61
N GLU B 224 -22.25 -15.44 8.91
CA GLU B 224 -21.54 -16.35 9.78
C GLU B 224 -21.61 -17.83 9.32
N ALA B 225 -22.78 -18.25 8.81
CA ALA B 225 -23.04 -19.66 8.46
C ALA B 225 -22.29 -20.17 7.21
N GLY B 226 -22.15 -19.30 6.20
CA GLY B 226 -21.41 -19.61 4.98
C GLY B 226 -19.93 -19.86 5.21
N LEU B 227 -19.38 -19.15 6.20
CA LEU B 227 -17.99 -19.35 6.64
C LEU B 227 -17.87 -20.65 7.45
N LYS B 228 -18.80 -20.85 8.38
CA LYS B 228 -18.90 -22.07 9.17
C LYS B 228 -18.84 -23.29 8.25
N SER B 229 -19.66 -23.28 7.18
CA SER B 229 -19.85 -24.48 6.36
C SER B 229 -18.72 -24.78 5.40
N LEU B 230 -18.25 -23.73 4.70
CA LEU B 230 -17.10 -23.88 3.81
C LEU B 230 -15.85 -24.31 4.54
N ALA B 231 -15.70 -23.84 5.79
CA ALA B 231 -14.56 -24.18 6.64
C ALA B 231 -14.62 -25.63 7.09
N ALA B 232 -15.83 -26.08 7.39
CA ALA B 232 -16.09 -27.44 7.85
C ALA B 232 -15.56 -28.52 6.89
N GLY B 233 -15.63 -28.26 5.58
CA GLY B 233 -15.13 -29.21 4.58
C GLY B 233 -13.66 -29.11 4.20
N GLY B 234 -12.88 -28.25 4.87
CA GLY B 234 -11.43 -28.14 4.64
C GLY B 234 -10.98 -27.20 3.51
N THR B 235 -11.86 -26.28 3.12
CA THR B 235 -11.48 -25.20 2.19
C THR B 235 -11.93 -23.91 2.80
N PRO B 236 -11.28 -23.47 3.90
CA PRO B 236 -11.76 -22.27 4.64
C PRO B 236 -11.52 -20.99 3.87
N PRO B 237 -12.57 -20.17 3.64
CA PRO B 237 -12.36 -18.87 2.99
C PRO B 237 -11.60 -17.93 3.92
N LYS B 238 -10.62 -17.22 3.41
CA LYS B 238 -9.87 -16.25 4.22
C LYS B 238 -10.28 -14.80 3.97
N PHE B 239 -11.15 -14.56 2.99
CA PHE B 239 -11.88 -13.29 2.90
C PHE B 239 -13.35 -13.47 2.62
N VAL B 240 -14.12 -12.45 2.92
CA VAL B 240 -15.57 -12.50 2.69
C VAL B 240 -15.97 -11.16 2.12
N ILE B 241 -16.87 -11.19 1.14
CA ILE B 241 -17.47 -9.97 0.58
C ILE B 241 -18.92 -9.98 1.00
N ILE B 242 -19.28 -9.10 1.92
CA ILE B 242 -20.65 -8.90 2.35
C ILE B 242 -21.20 -8.01 1.25
N ASP B 243 -21.97 -8.61 0.37
CA ASP B 243 -22.39 -7.92 -0.81
C ASP B 243 -23.55 -7.00 -0.49
N ASP B 244 -24.15 -6.45 -1.54
CA ASP B 244 -25.32 -5.60 -1.47
C ASP B 244 -26.41 -6.21 -0.57
N GLY B 245 -26.90 -5.36 0.33
CA GLY B 245 -27.94 -5.70 1.30
C GLY B 245 -27.65 -5.28 2.75
N TRP B 246 -26.41 -4.89 3.05
CA TRP B 246 -25.99 -4.59 4.43
C TRP B 246 -26.25 -3.12 4.83
N GLN B 247 -26.48 -2.22 3.86
CA GLN B 247 -26.67 -0.77 4.13
C GLN B 247 -28.10 -0.31 4.47
N SER B 248 -28.20 0.92 5.01
CA SER B 248 -29.45 1.57 5.38
C SER B 248 -29.99 2.40 4.25
N VAL B 249 -31.08 1.91 3.68
CA VAL B 249 -31.73 2.51 2.53
C VAL B 249 -33.23 2.57 2.78
N GLU B 250 -33.95 3.39 2.01
CA GLU B 250 -35.41 3.20 1.90
C GLU B 250 -36.03 3.70 0.59
N ARG B 251 -37.27 3.26 0.34
CA ARG B 251 -37.98 3.40 -0.95
C ARG B 251 -38.32 4.83 -1.37
N ASP B 252 -38.22 5.09 -2.69
CA ASP B 252 -38.56 6.37 -3.34
C ASP B 252 -38.27 7.64 -2.52
N SER B 264 -42.68 -0.39 -9.20
CA SER B 264 -41.27 -0.56 -8.86
C SER B 264 -40.63 0.76 -8.38
N PRO B 265 -40.27 0.86 -7.08
CA PRO B 265 -39.59 2.07 -6.58
C PRO B 265 -38.05 1.93 -6.69
N ILE B 266 -37.30 2.89 -6.13
CA ILE B 266 -35.80 2.84 -6.13
C ILE B 266 -35.26 3.20 -4.75
N PHE B 267 -34.30 2.43 -4.25
CA PHE B 267 -33.77 2.68 -2.91
C PHE B 267 -32.61 3.67 -2.93
N ARG B 268 -32.50 4.45 -1.86
CA ARG B 268 -31.50 5.50 -1.68
C ARG B 268 -30.96 5.38 -0.27
N LEU B 269 -29.68 5.72 -0.13
CA LEU B 269 -28.95 5.56 1.10
C LEU B 269 -29.42 6.65 2.04
N THR B 270 -29.70 6.27 3.29
CA THR B 270 -30.18 7.20 4.33
C THR B 270 -29.11 7.57 5.37
N GLY B 271 -28.16 6.67 5.58
CA GLY B 271 -26.89 7.02 6.23
C GLY B 271 -25.82 5.99 5.95
N ILE B 272 -24.65 6.26 6.51
CA ILE B 272 -23.45 5.49 6.19
C ILE B 272 -23.26 4.20 6.98
N LYS B 273 -23.99 4.01 8.08
CA LYS B 273 -23.90 2.79 8.88
C LYS B 273 -24.84 1.67 8.38
N GLU B 274 -24.61 0.48 8.90
CA GLU B 274 -25.36 -0.68 8.54
C GLU B 274 -26.83 -0.65 9.00
N ASN B 275 -27.66 -1.48 8.36
CA ASN B 275 -29.03 -1.75 8.78
C ASN B 275 -29.15 -2.78 9.94
N GLU B 276 -30.36 -3.06 10.38
CA GLU B 276 -30.70 -3.85 11.61
C GLU B 276 -30.23 -5.29 11.56
N LYS B 277 -30.11 -5.82 10.35
CA LYS B 277 -29.58 -7.16 10.09
C LYS B 277 -28.10 -7.30 10.40
N PHE B 278 -27.38 -6.19 10.60
CA PHE B 278 -25.96 -6.22 10.97
C PHE B 278 -25.67 -5.47 12.27
N LYS B 279 -26.64 -5.44 13.17
CA LYS B 279 -26.45 -4.89 14.52
C LYS B 279 -26.44 -6.03 15.52
N LYS B 280 -25.57 -5.98 16.54
CA LYS B 280 -25.49 -7.13 17.45
C LYS B 280 -26.76 -7.17 18.33
N LYS B 281 -27.40 -8.35 18.32
CA LYS B 281 -28.78 -8.53 18.80
C LYS B 281 -28.81 -8.51 20.32
N ASP B 282 -28.83 -7.30 20.88
CA ASP B 282 -28.49 -7.05 22.28
C ASP B 282 -28.25 -5.55 22.38
N ASP B 283 -27.12 -5.11 21.81
CA ASP B 283 -26.53 -3.78 22.01
C ASP B 283 -26.36 -3.08 20.63
N PRO B 284 -27.39 -2.33 20.16
CA PRO B 284 -27.29 -1.68 18.82
C PRO B 284 -26.30 -0.49 18.66
N ASN B 285 -25.45 -0.21 19.67
CA ASN B 285 -24.28 0.70 19.51
C ASN B 285 -23.11 0.01 18.79
N VAL B 286 -23.12 -1.34 18.77
CA VAL B 286 -22.13 -2.19 18.09
C VAL B 286 -22.78 -2.78 16.84
N GLY B 287 -22.28 -2.37 15.67
CA GLY B 287 -22.88 -2.68 14.39
C GLY B 287 -22.09 -3.69 13.60
N ILE B 288 -21.65 -3.27 12.42
CA ILE B 288 -21.00 -4.17 11.49
C ILE B 288 -19.69 -4.71 12.06
N LYS B 289 -19.15 -4.03 13.06
CA LYS B 289 -18.05 -4.58 13.86
C LYS B 289 -18.36 -5.97 14.32
N ASN B 290 -19.62 -6.26 14.61
CA ASN B 290 -19.98 -7.52 15.21
C ASN B 290 -19.64 -8.66 14.25
N ILE B 291 -20.17 -8.57 13.03
CA ILE B 291 -19.90 -9.59 12.01
C ILE B 291 -18.42 -9.64 11.59
N VAL B 292 -17.78 -8.49 11.52
CA VAL B 292 -16.33 -8.50 11.31
C VAL B 292 -15.59 -9.27 12.40
N LYS B 293 -15.88 -8.98 13.67
CA LYS B 293 -15.26 -9.64 14.83
C LYS B 293 -15.55 -11.17 14.78
N ILE B 294 -16.79 -11.51 14.51
CA ILE B 294 -17.19 -12.91 14.42
C ILE B 294 -16.47 -13.60 13.26
N ALA B 295 -16.30 -12.91 12.13
CA ALA B 295 -15.55 -13.47 10.99
C ALA B 295 -14.05 -13.61 11.30
N LYS B 296 -13.42 -12.57 11.87
CA LYS B 296 -11.97 -12.58 12.08
C LYS B 296 -11.54 -13.37 13.29
N GLU B 297 -12.10 -12.99 14.45
CA GLU B 297 -11.71 -13.60 15.74
C GLU B 297 -12.25 -15.02 15.93
N LYS B 298 -13.42 -15.33 15.38
CA LYS B 298 -13.99 -16.67 15.56
C LYS B 298 -13.61 -17.62 14.42
N HIS B 299 -13.88 -17.26 13.16
CA HIS B 299 -13.66 -18.14 11.98
C HIS B 299 -12.35 -17.93 11.16
N GLY B 300 -11.42 -17.11 11.64
CA GLY B 300 -10.07 -17.02 11.04
C GLY B 300 -9.90 -16.31 9.69
N LEU B 301 -10.92 -15.57 9.25
CA LEU B 301 -10.81 -14.75 8.03
C LEU B 301 -9.76 -13.67 8.26
N ARG B 302 -8.96 -13.39 7.25
CA ARG B 302 -7.99 -12.30 7.31
C ARG B 302 -8.62 -10.97 6.89
N TYR B 303 -9.56 -11.02 5.95
CA TYR B 303 -10.10 -9.83 5.29
C TYR B 303 -11.62 -9.86 5.21
N VAL B 304 -12.25 -8.70 5.38
CA VAL B 304 -13.66 -8.53 5.14
C VAL B 304 -13.86 -7.29 4.28
N TYR B 305 -14.52 -7.46 3.14
CA TYR B 305 -14.84 -6.36 2.26
C TYR B 305 -16.34 -6.23 2.29
N VAL B 306 -16.84 -5.06 1.86
CA VAL B 306 -18.25 -4.78 1.73
C VAL B 306 -18.61 -4.00 0.48
N TRP B 307 -19.83 -4.19 0.01
CA TRP B 307 -20.29 -3.64 -1.24
C TRP B 307 -20.84 -2.24 -0.95
N HIS B 308 -20.54 -1.27 -1.81
CA HIS B 308 -21.29 -0.04 -1.87
C HIS B 308 -21.23 0.49 -3.29
N ALA B 309 -22.12 1.41 -3.63
CA ALA B 309 -22.13 1.98 -4.96
C ALA B 309 -21.26 3.22 -4.93
N ILE B 310 -20.79 3.65 -6.10
CA ILE B 310 -20.01 4.87 -6.19
C ILE B 310 -20.88 6.06 -5.79
N THR B 311 -22.20 5.92 -5.95
CA THR B 311 -23.14 6.95 -5.56
C THR B 311 -23.77 6.69 -4.19
N GLY B 312 -23.24 5.72 -3.43
CA GLY B 312 -23.77 5.37 -2.11
C GLY B 312 -24.56 4.10 -2.22
N TYR B 313 -25.72 4.21 -2.83
CA TYR B 313 -26.56 3.08 -3.22
C TYR B 313 -27.11 3.29 -4.66
N TRP B 314 -27.87 2.31 -5.15
CA TRP B 314 -28.46 2.38 -6.51
C TRP B 314 -29.18 3.67 -6.84
N GLY B 315 -29.99 4.14 -5.92
CA GLY B 315 -30.66 5.42 -6.09
C GLY B 315 -29.87 6.58 -5.53
N GLY B 316 -28.67 6.29 -5.02
CA GLY B 316 -27.80 7.35 -4.59
C GLY B 316 -28.09 7.61 -3.13
N VAL B 317 -28.11 8.89 -2.77
CA VAL B 317 -28.23 9.32 -1.37
C VAL B 317 -29.50 10.19 -1.26
N ARG B 318 -30.37 9.88 -0.29
CA ARG B 318 -31.48 10.76 0.08
C ARG B 318 -31.00 12.21 0.00
N PRO B 319 -31.70 13.07 -0.74
CA PRO B 319 -31.24 14.47 -0.77
C PRO B 319 -31.23 15.15 0.61
N GLY B 320 -30.32 16.13 0.75
CA GLY B 320 -30.07 16.82 2.02
C GLY B 320 -28.80 17.66 1.98
N GLU B 321 -28.57 18.48 3.00
CA GLU B 321 -27.40 19.37 3.05
C GLU B 321 -26.09 18.69 3.51
N GLU B 322 -26.20 17.61 4.31
CA GLU B 322 -25.06 16.87 4.89
C GLU B 322 -23.96 16.52 3.85
N TYR B 323 -24.37 15.92 2.71
CA TYR B 323 -23.44 15.56 1.61
C TYR B 323 -23.67 16.31 0.30
N GLY B 324 -24.46 17.40 0.33
CA GLY B 324 -24.88 18.15 -0.86
C GLY B 324 -25.70 17.35 -1.89
N SER B 325 -26.38 16.29 -1.44
CA SER B 325 -27.11 15.44 -2.37
C SER B 325 -28.33 16.17 -2.97
N VAL B 326 -28.40 16.07 -4.29
CA VAL B 326 -29.41 16.70 -5.10
C VAL B 326 -29.84 15.67 -6.16
N MET B 327 -31.14 15.67 -6.48
CA MET B 327 -31.69 14.70 -7.44
C MET B 327 -31.25 15.08 -8.85
N LYS B 328 -30.59 14.13 -9.53
CA LYS B 328 -30.11 14.31 -10.91
C LYS B 328 -30.66 13.12 -11.64
N TYR B 329 -30.74 13.25 -12.98
CA TYR B 329 -31.40 12.23 -13.84
C TYR B 329 -30.51 11.92 -15.00
N PRO B 330 -30.20 10.63 -15.23
CA PRO B 330 -29.23 10.29 -16.25
C PRO B 330 -29.53 10.80 -17.65
N ASN B 331 -28.58 11.55 -18.20
CA ASN B 331 -28.46 11.84 -19.61
C ASN B 331 -28.31 10.55 -20.44
N MET B 332 -28.88 10.54 -21.65
CA MET B 332 -28.71 9.46 -22.60
C MET B 332 -27.66 9.92 -23.60
N SER B 333 -26.90 9.00 -24.16
CA SER B 333 -26.00 9.29 -25.28
C SER B 333 -26.38 8.25 -26.32
N LYS B 334 -26.31 8.65 -27.59
CA LYS B 334 -26.78 7.80 -28.71
C LYS B 334 -26.25 6.35 -28.64
N GLY B 335 -24.94 6.18 -28.40
CA GLY B 335 -24.31 4.84 -28.38
C GLY B 335 -24.82 3.84 -27.32
N VAL B 336 -24.99 4.26 -26.09
CA VAL B 336 -25.47 3.36 -25.06
C VAL B 336 -26.92 3.01 -25.35
N VAL B 337 -27.75 4.02 -25.64
CA VAL B 337 -29.19 3.82 -26.03
C VAL B 337 -29.41 2.85 -27.20
N GLU B 338 -28.49 2.90 -28.17
CA GLU B 338 -28.52 2.06 -29.36
C GLU B 338 -28.29 0.59 -29.04
N ASN B 339 -27.30 0.32 -28.19
CA ASN B 339 -26.98 -1.06 -27.79
C ASN B 339 -27.85 -1.55 -26.66
N ASP B 340 -28.24 -0.62 -25.79
CA ASP B 340 -29.23 -0.93 -24.75
C ASP B 340 -30.45 0.03 -24.79
N PRO B 341 -31.53 -0.37 -25.51
CA PRO B 341 -32.87 0.15 -25.37
C PRO B 341 -33.39 0.33 -23.92
N THR B 342 -33.19 -0.68 -23.05
CA THR B 342 -33.74 -0.71 -21.66
C THR B 342 -33.19 0.37 -20.70
N TRP B 343 -32.13 1.05 -21.13
CA TRP B 343 -31.54 2.12 -20.34
C TRP B 343 -32.50 3.34 -20.39
N LYS B 344 -33.12 3.60 -21.55
CA LYS B 344 -34.19 4.61 -21.69
C LYS B 344 -35.28 4.50 -20.61
N THR B 345 -35.62 3.28 -20.18
CA THR B 345 -36.70 3.04 -19.18
C THR B 345 -36.25 2.26 -17.92
N ASP B 346 -34.96 2.31 -17.60
CA ASP B 346 -34.45 1.70 -16.35
C ASP B 346 -34.88 2.64 -15.20
N VAL B 347 -35.08 2.04 -14.03
CA VAL B 347 -35.49 2.74 -12.81
C VAL B 347 -34.62 3.98 -12.54
N MET B 348 -33.32 3.84 -12.79
CA MET B 348 -32.36 4.87 -12.43
C MET B 348 -32.54 6.06 -13.34
N THR B 349 -32.90 5.78 -14.59
CA THR B 349 -33.17 6.82 -15.57
C THR B 349 -34.40 7.66 -15.25
N LEU B 350 -35.47 7.01 -14.77
CA LEU B 350 -36.79 7.66 -14.65
C LEU B 350 -36.97 8.22 -13.26
N GLN B 351 -36.58 7.46 -12.22
CA GLN B 351 -36.64 7.94 -10.84
C GLN B 351 -35.41 8.71 -10.30
N GLY B 352 -34.27 8.56 -10.95
CA GLY B 352 -33.12 9.44 -10.71
C GLY B 352 -32.19 8.98 -9.60
N LEU B 353 -31.13 9.76 -9.38
CA LEU B 353 -30.17 9.51 -8.29
C LEU B 353 -30.02 10.76 -7.51
N GLY B 354 -30.02 10.59 -6.18
CA GLY B 354 -29.47 11.57 -5.25
C GLY B 354 -27.95 11.56 -5.31
N LEU B 355 -27.40 12.53 -6.03
CA LEU B 355 -25.99 12.63 -6.25
C LEU B 355 -25.37 13.50 -5.21
N VAL B 356 -24.38 12.97 -4.53
CA VAL B 356 -23.50 13.72 -3.65
C VAL B 356 -22.79 14.86 -4.44
N SER B 357 -22.67 16.04 -3.84
CA SER B 357 -21.96 17.17 -4.52
C SER B 357 -20.44 16.94 -4.59
N PRO B 358 -19.79 17.31 -5.73
CA PRO B 358 -18.33 17.19 -5.83
C PRO B 358 -17.54 17.83 -4.70
N LYS B 359 -18.12 18.79 -3.99
CA LYS B 359 -17.48 19.41 -2.85
C LYS B 359 -17.41 18.46 -1.65
N LYS B 360 -18.48 17.73 -1.42
CA LYS B 360 -18.60 16.87 -0.24
C LYS B 360 -18.36 15.40 -0.55
N VAL B 361 -17.97 15.05 -1.78
CA VAL B 361 -17.81 13.65 -2.13
C VAL B 361 -16.71 12.95 -1.31
N TYR B 362 -15.62 13.67 -1.00
CA TYR B 362 -14.59 13.11 -0.14
C TYR B 362 -15.12 12.90 1.28
N LYS B 363 -15.79 13.93 1.79
CA LYS B 363 -16.42 13.90 3.11
C LYS B 363 -17.32 12.69 3.21
N PHE B 364 -18.16 12.49 2.19
CA PHE B 364 -19.00 11.28 2.11
C PHE B 364 -18.21 9.99 2.16
N TYR B 365 -17.28 9.81 1.22
CA TYR B 365 -16.55 8.52 1.19
C TYR B 365 -15.71 8.34 2.48
N ASN B 366 -15.14 9.46 2.98
CA ASN B 366 -14.31 9.36 4.14
C ASN B 366 -15.11 9.01 5.40
N GLU B 367 -16.31 9.53 5.57
CA GLU B 367 -17.11 9.17 6.73
C GLU B 367 -17.56 7.73 6.68
N LEU B 368 -17.96 7.26 5.50
CA LEU B 368 -18.32 5.84 5.31
C LEU B 368 -17.14 4.88 5.51
N HIS B 369 -16.04 5.15 4.85
CA HIS B 369 -14.86 4.29 4.99
C HIS B 369 -14.16 4.41 6.36
N SER B 370 -14.27 5.55 7.03
CA SER B 370 -13.71 5.66 8.39
C SER B 370 -14.50 4.78 9.36
N TYR B 371 -15.83 4.88 9.26
CA TYR B 371 -16.72 4.03 10.01
C TYR B 371 -16.40 2.55 9.79
N LEU B 372 -16.31 2.17 8.51
CA LEU B 372 -16.06 0.79 8.14
C LEU B 372 -14.68 0.35 8.57
N ALA B 373 -13.64 1.12 8.24
CA ALA B 373 -12.28 0.80 8.69
C ALA B 373 -12.17 0.69 10.20
N ASP B 374 -12.81 1.59 10.94
CA ASP B 374 -12.79 1.49 12.43
C ASP B 374 -13.51 0.19 12.95
N ALA B 375 -14.44 -0.36 12.17
CA ALA B 375 -15.05 -1.63 12.51
C ALA B 375 -14.18 -2.88 12.20
N GLY B 376 -13.08 -2.69 11.45
CA GLY B 376 -12.24 -3.80 10.98
C GLY B 376 -12.47 -4.22 9.53
N VAL B 377 -13.19 -3.42 8.76
CA VAL B 377 -13.41 -3.73 7.35
C VAL B 377 -12.15 -3.34 6.59
N ASP B 378 -11.64 -4.25 5.77
CA ASP B 378 -10.39 -4.08 5.02
C ASP B 378 -10.53 -3.57 3.57
N GLY B 379 -11.74 -3.57 2.99
CA GLY B 379 -11.91 -3.11 1.63
C GLY B 379 -13.34 -2.98 1.19
N VAL B 380 -13.55 -2.42 0.01
CA VAL B 380 -14.89 -2.22 -0.54
C VAL B 380 -14.97 -2.66 -2.00
N LYS B 381 -16.13 -3.20 -2.35
CA LYS B 381 -16.47 -3.54 -3.73
C LYS B 381 -17.36 -2.38 -4.23
N VAL B 382 -16.78 -1.44 -4.93
CA VAL B 382 -17.48 -0.24 -5.35
C VAL B 382 -18.13 -0.48 -6.71
N ALA B 383 -19.46 -0.48 -6.72
CA ALA B 383 -20.25 -0.84 -7.87
C ALA B 383 -20.92 0.37 -8.49
N VAL B 384 -21.59 0.13 -9.61
CA VAL B 384 -22.46 1.10 -10.26
C VAL B 384 -21.67 2.30 -10.75
N GLN B 385 -20.48 2.05 -11.26
CA GLN B 385 -19.52 3.13 -11.41
C GLN B 385 -19.76 4.08 -12.58
N CYS B 386 -20.28 3.53 -13.67
CA CYS B 386 -20.49 4.26 -14.92
C CYS B 386 -21.64 5.26 -14.94
N VAL B 387 -22.58 5.22 -13.97
CA VAL B 387 -23.65 6.25 -13.90
C VAL B 387 -23.10 7.67 -13.98
N LEU B 388 -21.94 7.87 -13.37
CA LEU B 388 -21.32 9.17 -13.40
C LEU B 388 -21.27 9.78 -14.80
N GLU B 389 -21.05 8.99 -15.86
CA GLU B 389 -20.99 9.60 -17.18
C GLU B 389 -22.31 10.29 -17.58
N THR B 390 -23.42 9.75 -17.08
CA THR B 390 -24.76 10.27 -17.37
C THR B 390 -25.17 11.48 -16.54
N LEU B 391 -24.44 11.80 -15.46
CA LEU B 391 -24.84 12.87 -14.51
C LEU B 391 -23.98 14.12 -14.54
N GLY B 392 -23.23 14.32 -15.62
CA GLY B 392 -22.28 15.44 -15.72
C GLY B 392 -22.88 16.79 -16.08
N GLY B 393 -24.16 16.82 -16.45
CA GLY B 393 -24.88 18.04 -16.89
C GLY B 393 -24.61 19.33 -16.14
N GLY B 394 -24.84 19.36 -14.85
CA GLY B 394 -24.52 20.58 -14.13
C GLY B 394 -23.02 20.92 -14.08
N LEU B 395 -22.17 19.90 -14.21
CA LEU B 395 -20.95 19.78 -13.42
C LEU B 395 -19.65 19.59 -14.19
N GLY B 396 -19.67 19.88 -15.50
CA GLY B 396 -18.43 19.91 -16.30
C GLY B 396 -18.24 18.72 -17.23
N GLY B 397 -19.16 17.76 -17.16
CA GLY B 397 -19.14 16.65 -18.08
C GLY B 397 -18.81 15.32 -17.46
N ARG B 398 -19.04 14.28 -18.23
CA ARG B 398 -18.79 12.92 -17.82
C ARG B 398 -17.36 12.64 -17.36
N VAL B 399 -16.40 13.33 -17.98
CA VAL B 399 -15.00 13.11 -17.67
C VAL B 399 -14.62 13.76 -16.35
N GLU B 400 -14.89 15.06 -16.25
CA GLU B 400 -14.66 15.88 -15.06
C GLU B 400 -15.28 15.28 -13.80
N LEU B 401 -16.57 15.01 -13.88
CA LEU B 401 -17.27 14.40 -12.78
C LEU B 401 -16.71 13.01 -12.43
N THR B 402 -16.41 12.18 -13.43
CA THR B 402 -15.81 10.87 -13.13
C THR B 402 -14.48 11.09 -12.38
N ARG B 403 -13.66 12.00 -12.89
CA ARG B 403 -12.33 12.27 -12.35
C ARG B 403 -12.45 12.67 -10.87
N GLN B 404 -13.35 13.58 -10.59
CA GLN B 404 -13.55 14.08 -9.24
C GLN B 404 -13.95 13.05 -8.20
N PHE B 405 -14.90 12.20 -8.55
CA PHE B 405 -15.38 11.18 -7.66
C PHE B 405 -14.32 10.10 -7.42
N HIS B 406 -13.56 9.78 -8.46
CA HIS B 406 -12.46 8.81 -8.36
C HIS B 406 -11.26 9.30 -7.51
N GLN B 407 -10.83 10.55 -7.71
CA GLN B 407 -9.86 11.23 -6.84
C GLN B 407 -10.23 11.11 -5.34
N ALA B 408 -11.49 11.42 -5.05
CA ALA B 408 -11.99 11.34 -3.72
C ALA B 408 -12.06 9.88 -3.21
N LEU B 409 -12.54 8.99 -4.06
CA LEU B 409 -12.63 7.60 -3.68
C LEU B 409 -11.24 7.05 -3.38
N ASP B 410 -10.33 7.32 -4.32
CA ASP B 410 -8.95 6.88 -4.20
C ASP B 410 -8.30 7.41 -2.95
N SER B 411 -8.53 8.67 -2.59
CA SER B 411 -7.97 9.24 -1.35
C SER B 411 -8.50 8.62 -0.08
N SER B 412 -9.81 8.34 -0.05
CA SER B 412 -10.44 7.68 1.07
C SER B 412 -10.03 6.20 1.16
N VAL B 413 -9.94 5.51 0.04
CA VAL B 413 -9.48 4.09 0.09
C VAL B 413 -8.02 4.00 0.59
N ALA B 414 -7.15 4.83 0.01
CA ALA B 414 -5.76 4.90 0.44
C ALA B 414 -5.65 5.22 1.92
N LYS B 415 -6.59 5.99 2.46
CA LYS B 415 -6.57 6.41 3.84
C LYS B 415 -7.07 5.30 4.79
N ASN B 416 -8.28 4.82 4.53
CA ASN B 416 -8.94 3.88 5.39
C ASN B 416 -8.73 2.43 5.08
N PHE B 417 -8.36 2.10 3.84
CA PHE B 417 -8.11 0.70 3.45
C PHE B 417 -6.72 0.63 2.79
N PRO B 418 -5.66 0.70 3.58
CA PRO B 418 -4.33 0.84 2.95
C PRO B 418 -3.71 -0.42 2.37
N ASP B 419 -4.37 -1.57 2.52
CA ASP B 419 -4.01 -2.78 1.73
C ASP B 419 -4.48 -2.57 0.26
N ASN B 420 -4.95 -1.36 -0.08
CA ASN B 420 -5.56 -1.04 -1.37
C ASN B 420 -6.89 -1.83 -1.59
N GLY B 421 -7.73 -1.78 -0.57
CA GLY B 421 -8.91 -2.64 -0.54
C GLY B 421 -10.04 -2.09 -1.38
N CYS B 422 -9.94 -2.25 -2.69
CA CYS B 422 -10.96 -1.75 -3.57
C CYS B 422 -11.07 -2.68 -4.75
N ILE B 423 -12.31 -2.96 -5.16
CA ILE B 423 -12.61 -3.76 -6.36
C ILE B 423 -13.60 -2.97 -7.20
N ALA B 424 -13.25 -2.65 -8.44
CA ALA B 424 -14.11 -1.83 -9.24
C ALA B 424 -15.10 -2.77 -9.95
N CYS B 425 -16.36 -2.36 -9.92
CA CYS B 425 -17.46 -3.14 -10.43
C CYS B 425 -18.33 -2.22 -11.29
N MET B 426 -18.84 -2.75 -12.40
CA MET B 426 -19.71 -2.02 -13.36
C MET B 426 -19.01 -0.72 -13.78
N SER B 427 -17.80 -0.91 -14.29
CA SER B 427 -16.81 0.17 -14.38
C SER B 427 -16.12 0.23 -15.73
N HIS B 428 -16.74 -0.32 -16.78
CA HIS B 428 -16.05 -0.47 -18.06
C HIS B 428 -16.01 0.76 -18.96
N ASN B 429 -16.41 1.94 -18.52
CA ASN B 429 -16.14 3.15 -19.32
C ASN B 429 -14.65 3.59 -19.33
N THR B 430 -14.27 4.28 -20.39
CA THR B 430 -12.91 4.72 -20.62
C THR B 430 -12.57 5.92 -19.73
N ASP B 431 -13.60 6.65 -19.31
CA ASP B 431 -13.50 7.71 -18.30
C ASP B 431 -12.87 7.21 -17.00
N ALA B 432 -13.35 6.05 -16.52
CA ALA B 432 -12.81 5.45 -15.31
C ALA B 432 -11.42 4.87 -15.57
N LEU B 433 -11.30 4.05 -16.62
CA LEU B 433 -10.05 3.33 -16.92
C LEU B 433 -8.84 4.26 -17.09
N TYR B 434 -9.01 5.43 -17.71
CA TYR B 434 -7.88 6.35 -17.95
C TYR B 434 -7.69 7.36 -16.82
N CYS B 435 -8.46 7.22 -15.77
CA CYS B 435 -8.13 7.84 -14.50
C CYS B 435 -7.92 6.76 -13.40
N SER B 436 -7.70 5.49 -13.78
CA SER B 436 -7.43 4.35 -12.85
C SER B 436 -5.98 4.34 -12.35
N LYS B 437 -5.76 5.17 -11.36
CA LYS B 437 -4.42 5.52 -10.89
C LYS B 437 -3.96 4.72 -9.68
N GLN B 438 -4.87 3.96 -9.09
CA GLN B 438 -4.60 3.37 -7.81
C GLN B 438 -5.26 2.01 -7.59
N ALA B 439 -6.53 1.88 -7.97
CA ALA B 439 -7.25 0.62 -7.77
C ALA B 439 -6.70 -0.51 -8.66
N ALA B 440 -6.49 -1.67 -8.07
CA ALA B 440 -5.79 -2.77 -8.76
C ALA B 440 -6.64 -3.91 -9.26
N VAL B 441 -7.91 -3.95 -8.88
CA VAL B 441 -8.79 -5.05 -9.28
C VAL B 441 -10.12 -4.58 -9.91
N ILE B 442 -10.50 -5.22 -11.02
CA ILE B 442 -11.67 -4.79 -11.81
C ILE B 442 -12.51 -5.98 -12.22
N ARG B 443 -13.83 -5.91 -12.03
CA ARG B 443 -14.71 -6.95 -12.55
C ARG B 443 -14.71 -6.89 -14.06
N ALA B 444 -14.41 -8.03 -14.66
CA ALA B 444 -14.08 -8.06 -16.05
C ALA B 444 -15.26 -8.43 -16.93
N SER B 445 -16.42 -8.73 -16.34
CA SER B 445 -17.63 -8.85 -17.16
C SER B 445 -18.94 -8.68 -16.39
N ASP B 446 -19.99 -8.61 -17.19
CA ASP B 446 -21.33 -9.11 -16.89
C ASP B 446 -21.29 -10.14 -15.78
N ASP B 447 -22.35 -10.19 -14.95
CA ASP B 447 -22.40 -11.15 -13.84
C ASP B 447 -22.41 -12.61 -14.29
N PHE B 448 -21.74 -13.45 -13.50
CA PHE B 448 -22.04 -14.86 -13.44
C PHE B 448 -23.47 -14.95 -12.92
N TYR B 449 -24.40 -15.28 -13.81
CA TYR B 449 -25.80 -15.57 -13.45
C TYR B 449 -26.04 -17.09 -13.31
N PRO B 450 -26.33 -17.59 -12.09
CA PRO B 450 -26.55 -19.03 -11.97
C PRO B 450 -27.77 -19.58 -12.74
N ARG B 451 -28.89 -18.86 -12.80
CA ARG B 451 -30.11 -19.38 -13.45
C ARG B 451 -30.37 -18.94 -14.90
N ASP B 452 -29.44 -18.20 -15.49
CA ASP B 452 -29.36 -18.01 -16.95
C ASP B 452 -28.47 -19.11 -17.54
N PRO B 453 -29.05 -20.11 -18.24
CA PRO B 453 -28.14 -21.06 -18.92
C PRO B 453 -27.35 -20.38 -20.07
N VAL B 454 -28.02 -19.52 -20.83
CA VAL B 454 -27.42 -18.65 -21.87
C VAL B 454 -26.07 -17.97 -21.50
N SER B 455 -26.00 -17.39 -20.30
CA SER B 455 -24.88 -16.57 -19.85
C SER B 455 -23.51 -17.28 -19.65
N HIS B 456 -23.52 -18.56 -19.27
CA HIS B 456 -22.29 -19.33 -18.89
C HIS B 456 -21.22 -19.47 -19.94
N THR B 457 -21.64 -19.76 -21.15
CA THR B 457 -20.70 -19.74 -22.24
C THR B 457 -20.30 -18.28 -22.53
N ILE B 458 -21.25 -17.34 -22.55
CA ILE B 458 -20.92 -15.91 -22.78
C ILE B 458 -19.89 -15.38 -21.76
N HIS B 459 -20.04 -15.78 -20.50
CA HIS B 459 -19.25 -15.27 -19.41
C HIS B 459 -17.75 -15.45 -19.70
N ILE B 460 -17.36 -16.71 -19.87
CA ILE B 460 -15.98 -17.10 -20.11
C ILE B 460 -15.40 -16.34 -21.31
N ALA B 461 -16.16 -16.21 -22.40
CA ALA B 461 -15.70 -15.46 -23.56
C ALA B 461 -15.58 -13.98 -23.25
N SER B 462 -16.61 -13.38 -22.66
CA SER B 462 -16.58 -11.94 -22.28
C SER B 462 -15.36 -11.59 -21.40
N VAL B 463 -15.11 -12.44 -20.42
CA VAL B 463 -14.11 -12.16 -19.42
C VAL B 463 -12.68 -12.25 -20.04
N ALA B 464 -12.43 -13.30 -20.82
CA ALA B 464 -11.15 -13.47 -21.50
C ALA B 464 -10.85 -12.35 -22.46
N TYR B 465 -11.79 -12.03 -23.35
CA TYR B 465 -11.60 -10.93 -24.35
C TYR B 465 -11.50 -9.52 -23.70
N ASN B 466 -12.34 -9.22 -22.72
CA ASN B 466 -12.28 -7.92 -22.05
C ASN B 466 -10.96 -7.74 -21.31
N SER B 467 -10.40 -8.84 -20.82
CA SER B 467 -9.13 -8.83 -20.14
C SER B 467 -7.96 -8.39 -21.05
N VAL B 468 -8.06 -8.66 -22.35
CA VAL B 468 -7.04 -8.24 -23.28
C VAL B 468 -6.79 -6.77 -23.04
N PHE B 469 -7.85 -6.00 -22.80
CA PHE B 469 -7.77 -4.53 -22.61
C PHE B 469 -7.86 -4.11 -21.15
N LEU B 470 -8.83 -4.63 -20.41
CA LEU B 470 -8.94 -4.30 -18.98
C LEU B 470 -7.68 -4.67 -18.22
N GLY B 471 -7.06 -5.77 -18.60
CA GLY B 471 -5.85 -6.24 -17.98
C GLY B 471 -4.65 -5.34 -18.11
N GLU B 472 -4.70 -4.30 -18.94
CA GLU B 472 -3.57 -3.34 -18.99
C GLU B 472 -3.55 -2.35 -17.82
N PHE B 473 -4.72 -2.21 -17.19
CA PHE B 473 -5.02 -1.22 -16.18
C PHE B 473 -5.06 -1.84 -14.78
N MET B 474 -5.66 -3.02 -14.69
CA MET B 474 -6.10 -3.59 -13.43
C MET B 474 -6.12 -5.11 -13.60
N GLN B 475 -6.04 -5.85 -12.51
CA GLN B 475 -6.16 -7.34 -12.55
C GLN B 475 -7.63 -7.67 -12.73
N PRO B 476 -7.98 -8.47 -13.73
CA PRO B 476 -9.41 -8.85 -13.82
C PRO B 476 -9.86 -9.84 -12.70
N ASP B 477 -11.06 -9.60 -12.20
CA ASP B 477 -11.80 -10.45 -11.27
C ASP B 477 -12.85 -11.07 -12.18
N TRP B 478 -12.84 -12.40 -12.26
CA TRP B 478 -13.75 -13.16 -13.13
C TRP B 478 -15.01 -13.61 -12.37
N ASP B 479 -15.27 -12.98 -11.23
CA ASP B 479 -16.54 -13.07 -10.52
C ASP B 479 -16.66 -14.36 -9.75
N MET B 480 -17.55 -14.32 -8.79
CA MET B 480 -17.98 -15.50 -8.08
C MET B 480 -18.53 -16.60 -9.01
N PHE B 481 -18.49 -17.82 -8.50
CA PHE B 481 -18.95 -19.04 -9.18
C PHE B 481 -19.57 -19.92 -8.10
N HIS B 482 -20.44 -20.85 -8.51
CA HIS B 482 -21.02 -21.84 -7.60
C HIS B 482 -20.17 -23.08 -7.71
N SER B 483 -20.07 -23.83 -6.63
CA SER B 483 -19.34 -25.12 -6.62
C SER B 483 -20.21 -26.37 -6.95
N VAL B 484 -21.53 -26.24 -6.78
CA VAL B 484 -22.49 -27.34 -6.97
C VAL B 484 -23.52 -26.84 -7.95
N HIS B 485 -23.35 -27.17 -9.22
CA HIS B 485 -24.23 -26.60 -10.23
C HIS B 485 -23.81 -27.29 -11.56
N PRO B 486 -24.70 -27.30 -12.60
CA PRO B 486 -24.35 -28.04 -13.83
C PRO B 486 -22.98 -27.73 -14.47
N ALA B 487 -22.62 -26.44 -14.57
CA ALA B 487 -21.33 -25.95 -15.13
C ALA B 487 -20.24 -25.55 -14.12
N ALA B 488 -20.13 -26.29 -13.02
CA ALA B 488 -19.23 -25.98 -11.95
C ALA B 488 -17.76 -26.08 -12.37
N GLU B 489 -17.34 -27.25 -12.83
CA GLU B 489 -15.94 -27.47 -13.21
C GLU B 489 -15.55 -26.47 -14.32
N TYR B 490 -16.46 -26.18 -15.22
CA TYR B 490 -16.28 -25.21 -16.30
C TYR B 490 -15.92 -23.83 -15.73
N HIS B 491 -16.77 -23.32 -14.87
CA HIS B 491 -16.50 -22.03 -14.26
C HIS B 491 -15.33 -22.01 -13.32
N ALA B 492 -15.20 -23.03 -12.49
CA ALA B 492 -14.09 -23.10 -11.54
C ALA B 492 -12.73 -23.14 -12.23
N SER B 493 -12.58 -23.98 -13.23
CA SER B 493 -11.29 -24.09 -13.90
C SER B 493 -10.90 -22.73 -14.49
N ALA B 494 -11.88 -22.02 -15.04
CA ALA B 494 -11.62 -20.72 -15.65
C ALA B 494 -11.13 -19.72 -14.65
N ARG B 495 -11.65 -19.79 -13.43
CA ARG B 495 -11.30 -18.89 -12.35
C ARG B 495 -9.91 -19.21 -11.91
N ALA B 496 -9.58 -20.48 -11.94
CA ALA B 496 -8.25 -20.94 -11.50
C ALA B 496 -7.12 -20.47 -12.39
N ILE B 497 -7.40 -20.09 -13.63
CA ILE B 497 -6.34 -19.65 -14.54
C ILE B 497 -6.50 -18.18 -14.93
N SER B 498 -7.41 -17.47 -14.27
CA SER B 498 -7.69 -16.06 -14.60
C SER B 498 -6.64 -15.07 -14.12
N GLY B 499 -5.80 -15.52 -13.19
CA GLY B 499 -4.95 -14.66 -12.39
C GLY B 499 -5.66 -13.78 -11.36
N GLY B 500 -6.97 -13.91 -11.24
CA GLY B 500 -7.74 -12.98 -10.46
C GLY B 500 -8.10 -13.56 -9.12
N PRO B 501 -8.84 -12.77 -8.33
CA PRO B 501 -9.43 -13.33 -7.12
C PRO B 501 -10.31 -14.55 -7.43
N LEU B 502 -10.32 -15.46 -6.49
CA LEU B 502 -11.02 -16.70 -6.62
C LEU B 502 -12.00 -16.77 -5.42
N TYR B 503 -13.31 -16.78 -5.70
CA TYR B 503 -14.31 -16.84 -4.64
C TYR B 503 -15.62 -17.45 -5.06
N VAL B 504 -16.30 -18.14 -4.14
CA VAL B 504 -17.56 -18.81 -4.43
C VAL B 504 -18.68 -18.01 -3.85
N SER B 505 -19.91 -18.33 -4.26
CA SER B 505 -21.13 -17.70 -3.74
C SER B 505 -22.15 -18.74 -3.32
N ASP B 506 -21.66 -19.87 -2.81
CA ASP B 506 -22.51 -21.00 -2.43
C ASP B 506 -23.43 -20.68 -1.26
N SER B 507 -24.63 -21.24 -1.27
CA SER B 507 -25.50 -21.22 -0.11
C SER B 507 -24.81 -22.08 0.94
N PRO B 508 -24.99 -21.77 2.23
CA PRO B 508 -24.48 -22.63 3.31
C PRO B 508 -24.95 -24.09 3.17
N GLY B 509 -24.06 -25.03 3.50
CA GLY B 509 -24.37 -26.46 3.45
C GLY B 509 -24.28 -27.11 2.08
N LYS B 510 -24.58 -26.37 1.01
CA LYS B 510 -24.62 -26.90 -0.35
C LYS B 510 -23.23 -26.70 -1.03
N HIS B 511 -22.27 -27.63 -0.82
CA HIS B 511 -20.94 -27.55 -1.51
C HIS B 511 -20.38 -28.86 -2.03
N ASN B 512 -19.53 -28.70 -3.04
CA ASN B 512 -18.76 -29.76 -3.63
C ASN B 512 -17.30 -29.51 -3.29
N PHE B 513 -16.86 -30.12 -2.19
CA PHE B 513 -15.50 -29.97 -1.71
C PHE B 513 -14.46 -30.71 -2.57
N GLU B 514 -14.88 -31.75 -3.31
CA GLU B 514 -13.98 -32.44 -4.23
C GLU B 514 -13.42 -31.43 -5.28
N LEU B 515 -14.32 -30.60 -5.78
CA LEU B 515 -14.02 -29.58 -6.76
C LEU B 515 -13.33 -28.40 -6.11
N LEU B 516 -13.80 -28.01 -4.93
CA LEU B 516 -13.14 -26.94 -4.20
C LEU B 516 -11.70 -27.24 -3.85
N ARG B 517 -11.37 -28.48 -3.58
CA ARG B 517 -9.98 -28.84 -3.25
C ARG B 517 -9.01 -28.73 -4.43
N LYS B 518 -9.52 -28.66 -5.65
CA LYS B 518 -8.69 -28.38 -6.86
C LYS B 518 -8.29 -26.89 -7.07
N LEU B 519 -8.80 -26.02 -6.19
CA LEU B 519 -8.64 -24.56 -6.19
C LEU B 519 -8.04 -23.98 -4.91
N VAL B 520 -8.28 -24.62 -3.76
CA VAL B 520 -8.02 -24.08 -2.46
C VAL B 520 -7.26 -25.11 -1.61
N LEU B 521 -6.09 -24.72 -1.14
CA LEU B 521 -5.35 -25.55 -0.24
C LEU B 521 -5.99 -25.47 1.17
N PRO B 522 -5.65 -26.42 2.05
CA PRO B 522 -6.26 -26.43 3.40
C PRO B 522 -6.07 -25.15 4.27
N ASP B 523 -5.01 -24.38 4.00
CA ASP B 523 -4.81 -23.08 4.67
C ASP B 523 -5.62 -21.90 4.11
N GLY B 524 -6.40 -22.12 3.06
CA GLY B 524 -7.16 -21.03 2.41
C GLY B 524 -6.47 -20.35 1.22
N SER B 525 -5.20 -20.67 0.99
CA SER B 525 -4.46 -20.07 -0.12
C SER B 525 -4.84 -20.78 -1.41
N ILE B 526 -4.75 -20.03 -2.50
CA ILE B 526 -4.96 -20.55 -3.81
C ILE B 526 -3.65 -20.52 -4.60
N LEU B 527 -3.67 -21.12 -5.78
CA LEU B 527 -2.60 -21.03 -6.76
C LEU B 527 -2.94 -19.99 -7.83
N ARG B 528 -2.63 -18.72 -7.56
CA ARG B 528 -2.91 -17.69 -8.53
C ARG B 528 -1.81 -17.64 -9.55
N ALA B 529 -2.21 -17.42 -10.81
CA ALA B 529 -1.28 -17.16 -11.88
C ALA B 529 -0.87 -15.67 -11.84
N ARG B 530 0.20 -15.30 -12.55
CA ARG B 530 0.77 -13.97 -12.47
C ARG B 530 -0.04 -12.96 -13.32
N LEU B 531 -0.46 -13.37 -14.52
CA LEU B 531 -1.00 -12.40 -15.50
C LEU B 531 -2.52 -12.38 -15.51
N PRO B 532 -3.14 -11.50 -16.29
CA PRO B 532 -4.54 -11.71 -16.67
C PRO B 532 -4.70 -12.87 -17.66
N GLY B 533 -5.69 -13.72 -17.41
CA GLY B 533 -5.97 -14.82 -18.34
C GLY B 533 -6.44 -14.20 -19.63
N ARG B 534 -5.94 -14.64 -20.77
CA ARG B 534 -6.30 -14.01 -22.02
C ARG B 534 -6.34 -15.00 -23.17
N PRO B 535 -7.00 -14.63 -24.28
CA PRO B 535 -6.97 -15.47 -25.45
C PRO B 535 -5.58 -15.65 -26.00
N THR B 536 -5.30 -16.78 -26.60
CA THR B 536 -4.07 -16.97 -27.35
C THR B 536 -4.15 -16.10 -28.60
N ARG B 537 -3.00 -15.81 -29.20
CA ARG B 537 -2.88 -15.03 -30.45
C ARG B 537 -3.88 -15.58 -31.47
N ASP B 538 -3.80 -16.88 -31.75
CA ASP B 538 -4.85 -17.68 -32.44
C ASP B 538 -6.35 -17.28 -32.37
N CYS B 539 -6.86 -17.11 -31.14
CA CYS B 539 -8.28 -16.79 -30.91
C CYS B 539 -8.56 -15.29 -30.86
N LEU B 540 -7.54 -14.43 -30.93
CA LEU B 540 -7.80 -13.00 -30.81
C LEU B 540 -8.82 -12.48 -31.81
N PHE B 541 -8.78 -13.04 -33.01
CA PHE B 541 -9.56 -12.53 -34.11
C PHE B 541 -10.68 -13.46 -34.55
N ALA B 542 -10.81 -14.61 -33.90
CA ALA B 542 -11.98 -15.46 -33.99
C ALA B 542 -12.91 -15.23 -32.81
N ASP B 543 -14.12 -15.75 -32.93
CA ASP B 543 -15.16 -15.45 -31.98
C ASP B 543 -15.73 -16.76 -31.41
N PRO B 544 -15.03 -17.35 -30.43
CA PRO B 544 -15.39 -18.68 -29.95
C PRO B 544 -16.78 -18.76 -29.32
N ALA B 545 -17.50 -17.63 -29.24
CA ALA B 545 -18.92 -17.63 -28.85
C ALA B 545 -19.91 -17.67 -30.04
N ARG B 546 -19.53 -17.12 -31.19
CA ARG B 546 -20.41 -16.90 -32.34
C ARG B 546 -20.13 -17.72 -33.64
N ASP B 547 -18.85 -17.86 -34.01
CA ASP B 547 -18.48 -18.35 -35.35
C ASP B 547 -18.62 -19.88 -35.60
N GLY B 548 -19.16 -20.64 -34.66
CA GLY B 548 -19.43 -22.06 -34.85
C GLY B 548 -18.25 -22.99 -35.03
N VAL B 549 -17.08 -22.43 -35.31
CA VAL B 549 -15.88 -23.14 -35.74
C VAL B 549 -14.84 -23.30 -34.59
N SER B 550 -14.80 -22.33 -33.66
CA SER B 550 -13.67 -22.14 -32.72
C SER B 550 -13.86 -22.55 -31.24
N LEU B 551 -12.82 -23.19 -30.71
CA LEU B 551 -12.61 -23.36 -29.27
C LEU B 551 -11.89 -22.13 -28.71
N LEU B 552 -12.27 -21.69 -27.51
CA LEU B 552 -11.52 -20.61 -26.83
C LEU B 552 -10.32 -21.19 -26.14
N LYS B 553 -9.12 -20.69 -26.45
CA LYS B 553 -7.91 -21.09 -25.73
C LYS B 553 -7.43 -19.90 -24.92
N ILE B 554 -7.49 -20.06 -23.61
CA ILE B 554 -7.00 -19.08 -22.64
C ILE B 554 -5.64 -19.53 -22.05
N TRP B 555 -4.66 -18.63 -22.13
CA TRP B 555 -3.32 -18.84 -21.53
C TRP B 555 -3.07 -17.95 -20.28
N ASN B 556 -2.24 -18.47 -19.39
CA ASN B 556 -1.66 -17.67 -18.35
C ASN B 556 -0.27 -18.22 -17.98
N MET B 557 0.41 -17.51 -17.11
CA MET B 557 1.73 -17.83 -16.69
C MET B 557 1.78 -18.03 -15.18
N ASN B 558 2.63 -18.96 -14.77
CA ASN B 558 3.13 -19.05 -13.43
C ASN B 558 4.62 -18.74 -13.46
N LYS B 559 5.33 -18.95 -12.35
CA LYS B 559 6.76 -18.62 -12.26
C LYS B 559 7.62 -19.50 -13.16
N TYR B 560 7.36 -20.82 -13.16
CA TYR B 560 8.18 -21.82 -13.84
C TYR B 560 7.41 -22.76 -14.80
N THR B 561 6.10 -22.51 -14.94
CA THR B 561 5.26 -23.15 -15.97
C THR B 561 4.31 -22.12 -16.54
N GLY B 562 3.72 -22.42 -17.69
CA GLY B 562 2.58 -21.69 -18.17
C GLY B 562 1.36 -22.56 -17.91
N VAL B 563 0.19 -22.06 -18.33
CA VAL B 563 -1.04 -22.84 -18.22
C VAL B 563 -1.95 -22.48 -19.38
N LEU B 564 -2.69 -23.46 -19.87
CA LEU B 564 -3.53 -23.30 -21.07
C LEU B 564 -4.89 -23.91 -20.78
N GLY B 565 -5.94 -23.13 -20.94
CA GLY B 565 -7.30 -23.62 -20.78
C GLY B 565 -7.98 -23.59 -22.12
N VAL B 566 -8.68 -24.66 -22.49
CA VAL B 566 -9.45 -24.76 -23.76
C VAL B 566 -10.91 -24.95 -23.43
N TYR B 567 -11.76 -24.18 -24.06
CA TYR B 567 -13.17 -24.10 -23.70
C TYR B 567 -13.99 -24.12 -24.97
N ASN B 568 -15.13 -24.79 -24.91
CA ASN B 568 -16.16 -24.61 -25.92
C ASN B 568 -17.22 -23.73 -25.33
N CYS B 569 -17.34 -22.55 -25.90
CA CYS B 569 -18.31 -21.59 -25.41
C CYS B 569 -19.13 -21.09 -26.60
N GLN B 570 -19.51 -22.04 -27.45
CA GLN B 570 -20.23 -21.77 -28.69
C GLN B 570 -21.70 -21.71 -28.41
N GLY B 571 -22.42 -21.18 -29.41
CA GLY B 571 -23.88 -21.18 -29.39
C GLY B 571 -24.37 -20.34 -28.25
N ALA B 572 -24.08 -19.05 -28.38
CA ALA B 572 -24.63 -17.97 -27.56
C ALA B 572 -23.70 -16.76 -27.65
N ALA B 573 -24.26 -15.59 -27.92
CA ALA B 573 -23.60 -14.29 -27.76
C ALA B 573 -24.62 -13.14 -27.62
N TRP B 574 -24.11 -11.92 -27.57
CA TRP B 574 -24.95 -10.73 -27.76
C TRP B 574 -25.30 -10.59 -29.26
N SER B 575 -26.61 -10.52 -29.57
CA SER B 575 -27.11 -10.28 -30.94
C SER B 575 -27.25 -8.77 -31.19
N SER B 576 -26.82 -8.29 -32.36
CA SER B 576 -26.93 -6.87 -32.73
C SER B 576 -28.24 -6.47 -33.46
N THR B 577 -29.20 -7.40 -33.62
CA THR B 577 -30.59 -7.06 -34.03
C THR B 577 -31.59 -7.36 -32.87
N GLU B 578 -31.58 -8.59 -32.32
CA GLU B 578 -32.36 -8.91 -31.11
C GLU B 578 -31.97 -8.07 -29.86
N ARG B 579 -30.81 -7.40 -29.90
CA ARG B 579 -30.42 -6.34 -28.93
C ARG B 579 -30.03 -6.79 -27.50
N LYS B 580 -29.91 -8.12 -27.28
CA LYS B 580 -29.49 -8.67 -25.98
C LYS B 580 -28.85 -10.08 -26.13
N ASN B 581 -28.47 -10.70 -25.00
CA ASN B 581 -27.78 -12.01 -25.00
C ASN B 581 -28.76 -13.18 -25.34
N ILE B 582 -28.46 -13.95 -26.40
CA ILE B 582 -29.35 -15.03 -26.93
C ILE B 582 -28.56 -16.26 -27.41
N PHE B 583 -29.21 -17.44 -27.38
CA PHE B 583 -28.75 -18.66 -28.10
C PHE B 583 -28.90 -18.51 -29.63
N HIS B 584 -28.21 -19.37 -30.39
CA HIS B 584 -28.39 -19.47 -31.86
C HIS B 584 -27.95 -20.85 -32.41
N GLN B 585 -28.22 -21.13 -33.69
CA GLN B 585 -27.85 -22.39 -34.37
C GLN B 585 -26.30 -22.68 -34.39
N THR B 586 -25.91 -23.93 -34.11
CA THR B 586 -24.50 -24.38 -34.25
C THR B 586 -24.43 -25.84 -34.73
N LYS B 587 -23.30 -26.19 -35.38
CA LYS B 587 -23.30 -27.20 -36.46
C LYS B 587 -22.79 -28.62 -36.17
N THR B 588 -22.36 -28.90 -34.94
CA THR B 588 -22.20 -30.29 -34.45
C THR B 588 -22.51 -30.26 -32.95
N ASP B 589 -22.08 -31.29 -32.24
CA ASP B 589 -21.77 -31.18 -30.82
C ASP B 589 -20.29 -30.80 -30.70
N SER B 590 -19.41 -31.75 -31.06
CA SER B 590 -17.98 -31.70 -30.71
C SER B 590 -17.16 -30.89 -31.72
N LEU B 591 -16.36 -29.94 -31.22
CA LEU B 591 -15.55 -29.04 -32.02
C LEU B 591 -14.09 -29.27 -31.72
N THR B 592 -13.27 -29.18 -32.75
CA THR B 592 -11.89 -29.65 -32.73
C THR B 592 -10.93 -28.46 -32.83
N GLY B 593 -9.75 -28.60 -32.25
CA GLY B 593 -8.74 -27.57 -32.37
C GLY B 593 -7.46 -28.21 -31.93
N SER B 594 -6.50 -27.37 -31.61
CA SER B 594 -5.23 -27.86 -31.14
C SER B 594 -4.48 -26.85 -30.26
N ILE B 595 -3.46 -27.37 -29.62
CA ILE B 595 -2.72 -26.74 -28.55
C ILE B 595 -1.26 -26.85 -28.95
N ARG B 596 -0.52 -25.78 -28.72
CA ARG B 596 0.94 -25.81 -28.85
C ARG B 596 1.57 -25.23 -27.60
N GLY B 597 2.82 -25.56 -27.35
CA GLY B 597 3.60 -24.85 -26.32
C GLY B 597 3.50 -23.33 -26.48
N ARG B 598 3.69 -22.85 -27.72
CA ARG B 598 3.74 -21.41 -27.94
C ARG B 598 2.40 -20.67 -28.01
N ASP B 599 1.27 -21.34 -27.82
CA ASP B 599 0.02 -20.63 -27.60
C ASP B 599 0.01 -19.90 -26.27
N VAL B 600 0.80 -20.41 -25.32
CA VAL B 600 1.17 -19.69 -24.12
C VAL B 600 2.25 -18.69 -24.54
N HIS B 601 1.84 -17.45 -24.78
CA HIS B 601 2.67 -16.44 -25.40
C HIS B 601 3.98 -16.09 -24.66
N SER B 602 3.94 -16.05 -23.33
CA SER B 602 5.11 -15.70 -22.54
C SER B 602 5.78 -16.94 -21.96
N ILE B 603 5.64 -18.08 -22.62
CA ILE B 603 6.20 -19.32 -22.10
C ILE B 603 7.73 -19.23 -21.92
N SER B 604 8.47 -18.60 -22.84
CA SER B 604 9.94 -18.47 -22.68
C SER B 604 10.36 -17.92 -21.29
N GLU B 605 9.53 -17.07 -20.70
CA GLU B 605 9.80 -16.50 -19.38
C GLU B 605 9.74 -17.49 -18.23
N ALA B 606 9.09 -18.62 -18.42
CA ALA B 606 9.07 -19.69 -17.44
C ALA B 606 10.32 -20.57 -17.50
N SER B 607 11.21 -20.35 -18.47
CA SER B 607 12.48 -21.12 -18.55
C SER B 607 13.52 -20.57 -17.56
N THR B 608 14.26 -21.48 -16.95
CA THR B 608 15.47 -21.13 -16.18
C THR B 608 16.61 -20.69 -17.08
N ASP B 609 16.66 -21.21 -18.31
CA ASP B 609 17.68 -20.81 -19.30
C ASP B 609 16.99 -20.42 -20.62
N PRO B 610 16.32 -19.26 -20.65
CA PRO B 610 15.59 -18.81 -21.85
C PRO B 610 16.46 -18.71 -23.13
N THR B 611 17.64 -18.09 -23.02
CA THR B 611 18.55 -17.87 -24.18
C THR B 611 18.98 -19.15 -24.95
N THR B 612 19.03 -20.31 -24.28
CA THR B 612 19.45 -21.58 -24.90
C THR B 612 18.37 -22.66 -24.94
N TRP B 613 17.12 -22.29 -24.75
CA TRP B 613 16.04 -23.27 -24.67
C TRP B 613 15.53 -23.52 -26.08
N ASN B 614 15.46 -24.79 -26.49
CA ASN B 614 14.95 -25.15 -27.83
C ASN B 614 13.45 -24.80 -28.10
N GLY B 615 12.60 -24.97 -27.09
CA GLY B 615 11.16 -24.67 -27.17
C GLY B 615 10.25 -25.85 -26.83
N ASP B 616 10.85 -26.98 -26.42
CA ASP B 616 10.10 -28.20 -26.08
C ASP B 616 9.40 -27.98 -24.73
N CYS B 617 8.19 -28.54 -24.56
CA CYS B 617 7.43 -28.48 -23.28
C CYS B 617 6.86 -29.81 -22.86
N ALA B 618 6.92 -30.11 -21.57
CA ALA B 618 6.05 -31.12 -21.01
C ALA B 618 4.66 -30.51 -20.88
N VAL B 619 3.68 -31.18 -21.48
CA VAL B 619 2.31 -30.70 -21.41
C VAL B 619 1.54 -31.73 -20.64
N TYR B 620 0.89 -31.30 -19.56
CA TYR B 620 0.13 -32.17 -18.66
C TYR B 620 -1.35 -31.83 -18.71
N SER B 621 -2.20 -32.81 -18.99
CA SER B 621 -3.65 -32.64 -18.92
C SER B 621 -4.16 -32.93 -17.52
N GLN B 622 -4.70 -31.90 -16.86
CA GLN B 622 -5.32 -32.01 -15.55
C GLN B 622 -6.35 -33.16 -15.41
N SER B 623 -7.36 -33.19 -16.27
CA SER B 623 -8.46 -34.19 -16.17
C SER B 623 -8.04 -35.62 -16.57
N ARG B 624 -7.46 -35.82 -17.75
CA ARG B 624 -6.97 -37.16 -18.13
C ARG B 624 -5.76 -37.61 -17.29
N GLY B 625 -4.96 -36.71 -16.72
CA GLY B 625 -3.74 -37.15 -16.03
C GLY B 625 -2.58 -37.62 -16.91
N GLU B 626 -2.57 -37.18 -18.16
CA GLU B 626 -1.54 -37.56 -19.11
C GLU B 626 -0.45 -36.51 -19.25
N LEU B 627 0.78 -36.97 -19.47
CA LEU B 627 1.91 -36.14 -19.74
C LEU B 627 2.42 -36.46 -21.14
N ILE B 628 2.56 -35.44 -21.98
CA ILE B 628 3.06 -35.59 -23.30
C ILE B 628 4.19 -34.60 -23.48
N VAL B 629 5.27 -35.02 -24.12
CA VAL B 629 6.36 -34.12 -24.52
C VAL B 629 6.03 -33.52 -25.87
N MET B 630 6.34 -32.24 -26.05
CA MET B 630 5.94 -31.58 -27.26
C MET B 630 6.98 -30.67 -27.84
N PRO B 631 7.61 -31.12 -28.93
CA PRO B 631 8.61 -30.29 -29.55
C PRO B 631 8.10 -28.91 -29.92
N TYR B 632 9.04 -27.97 -30.08
CA TYR B 632 8.69 -26.64 -30.51
C TYR B 632 7.79 -26.73 -31.76
N ASN B 633 6.66 -26.03 -31.72
CA ASN B 633 5.81 -25.85 -32.90
C ASN B 633 5.00 -27.08 -33.34
N VAL B 634 5.03 -28.15 -32.54
CA VAL B 634 4.25 -29.34 -32.80
C VAL B 634 2.94 -29.18 -32.04
N SER B 635 1.83 -29.36 -32.73
CA SER B 635 0.51 -29.20 -32.17
C SER B 635 -0.10 -30.53 -31.72
N LEU B 636 -1.03 -30.44 -30.79
CA LEU B 636 -1.68 -31.59 -30.19
C LEU B 636 -3.16 -31.31 -30.32
N PRO B 637 -3.94 -32.28 -30.80
CA PRO B 637 -5.36 -32.05 -31.05
C PRO B 637 -6.24 -32.10 -29.80
N VAL B 638 -7.35 -31.38 -29.89
CA VAL B 638 -8.31 -31.25 -28.80
C VAL B 638 -9.70 -31.21 -29.41
N SER B 639 -10.69 -31.68 -28.66
CA SER B 639 -12.10 -31.78 -29.07
C SER B 639 -12.97 -31.54 -27.85
N LEU B 640 -13.97 -30.67 -27.97
CA LEU B 640 -14.86 -30.38 -26.84
C LEU B 640 -16.27 -30.20 -27.33
N LYS B 641 -17.22 -30.75 -26.58
CA LYS B 641 -18.64 -30.51 -26.83
C LYS B 641 -18.99 -29.20 -26.14
N ILE B 642 -20.22 -28.72 -26.28
CA ILE B 642 -20.62 -27.44 -25.63
C ILE B 642 -20.54 -27.60 -24.09
N ARG B 643 -20.04 -26.55 -23.44
CA ARG B 643 -19.77 -26.51 -21.98
C ARG B 643 -18.71 -27.48 -21.47
N GLU B 644 -17.89 -28.04 -22.36
CA GLU B 644 -16.76 -28.90 -21.96
C GLU B 644 -15.42 -28.10 -21.91
N HIS B 645 -14.40 -28.67 -21.27
CA HIS B 645 -13.13 -28.00 -21.14
C HIS B 645 -11.97 -28.90 -20.76
N GLU B 646 -10.78 -28.35 -20.94
CA GLU B 646 -9.57 -29.02 -20.51
C GLU B 646 -8.57 -27.95 -20.11
N ILE B 647 -7.74 -28.29 -19.12
CA ILE B 647 -6.69 -27.45 -18.60
C ILE B 647 -5.39 -28.21 -18.81
N PHE B 648 -4.37 -27.49 -19.25
CA PHE B 648 -3.09 -28.09 -19.53
C PHE B 648 -2.07 -27.22 -18.84
N THR B 649 -1.16 -27.85 -18.11
CA THR B 649 -0.03 -27.16 -17.58
C THR B 649 1.11 -27.38 -18.59
N VAL B 650 1.82 -26.30 -18.91
CA VAL B 650 2.86 -26.35 -19.92
C VAL B 650 4.19 -25.93 -19.28
N SER B 651 5.18 -26.81 -19.25
CA SER B 651 6.45 -26.54 -18.56
C SER B 651 7.69 -26.67 -19.43
N PRO B 652 8.50 -25.60 -19.52
CA PRO B 652 9.65 -25.74 -20.39
C PRO B 652 10.47 -26.88 -19.96
N ILE B 653 10.90 -27.69 -20.92
CA ILE B 653 11.83 -28.78 -20.70
C ILE B 653 13.25 -28.23 -20.70
N SER B 654 14.03 -28.64 -19.70
CA SER B 654 15.44 -28.23 -19.61
C SER B 654 16.33 -29.45 -19.79
N HIS B 655 17.34 -29.29 -20.65
CA HIS B 655 18.32 -30.34 -20.94
C HIS B 655 19.53 -30.12 -20.01
N LEU B 656 19.89 -31.17 -19.25
CA LEU B 656 20.99 -31.11 -18.28
C LEU B 656 22.31 -31.60 -18.90
N VAL B 657 22.39 -32.90 -19.21
CA VAL B 657 23.44 -33.49 -20.08
C VAL B 657 22.74 -34.60 -20.86
N ASP B 658 23.00 -34.68 -22.18
CA ASP B 658 22.16 -35.45 -23.14
C ASP B 658 21.60 -36.79 -22.61
N GLY B 659 20.31 -37.03 -22.89
CA GLY B 659 19.57 -38.14 -22.31
C GLY B 659 18.76 -37.75 -21.08
N VAL B 660 19.20 -36.73 -20.34
CA VAL B 660 18.52 -36.25 -19.10
C VAL B 660 17.84 -34.91 -19.31
N SER B 661 16.51 -34.96 -19.33
CA SER B 661 15.67 -33.80 -19.54
C SER B 661 14.67 -33.78 -18.39
N PHE B 662 14.24 -32.59 -17.99
CA PHE B 662 13.32 -32.42 -16.88
C PHE B 662 12.46 -31.17 -17.02
N ALA B 663 11.24 -31.25 -16.50
CA ALA B 663 10.34 -30.10 -16.38
C ALA B 663 9.41 -30.34 -15.23
N PRO B 664 9.18 -29.33 -14.38
CA PRO B 664 8.27 -29.55 -13.26
C PRO B 664 6.81 -29.33 -13.69
N ILE B 665 5.85 -30.10 -13.15
CA ILE B 665 4.41 -29.88 -13.40
C ILE B 665 3.73 -29.17 -12.21
N GLY B 666 3.96 -29.68 -10.99
CA GLY B 666 3.33 -29.10 -9.78
C GLY B 666 2.24 -29.94 -9.13
N LEU B 667 1.22 -29.29 -8.54
CA LEU B 667 0.19 -30.02 -7.81
C LEU B 667 -0.86 -30.56 -8.80
N VAL B 668 -0.58 -31.76 -9.30
CA VAL B 668 -1.34 -32.39 -10.36
C VAL B 668 -2.84 -32.55 -10.12
N ASN B 669 -3.28 -32.63 -8.87
CA ASN B 669 -4.73 -32.61 -8.60
C ASN B 669 -5.31 -31.26 -8.35
N MET B 670 -4.63 -30.19 -8.77
CA MET B 670 -5.22 -28.86 -8.78
C MET B 670 -5.22 -28.27 -10.18
N TYR B 671 -6.23 -27.48 -10.48
CA TYR B 671 -6.37 -26.85 -11.80
C TYR B 671 -5.09 -26.13 -12.24
N ASN B 672 -4.61 -25.16 -11.48
CA ASN B 672 -3.37 -24.47 -11.85
C ASN B 672 -2.16 -25.10 -11.17
N SER B 673 -1.74 -26.24 -11.68
CA SER B 673 -0.77 -27.10 -11.01
C SER B 673 0.55 -26.38 -10.78
N GLY B 674 1.01 -25.65 -11.77
CA GLY B 674 2.29 -24.96 -11.69
C GLY B 674 2.36 -23.72 -10.85
N GLY B 675 1.25 -23.23 -10.35
CA GLY B 675 1.26 -22.16 -9.35
C GLY B 675 1.92 -22.52 -8.01
N ALA B 676 2.11 -23.79 -7.76
CA ALA B 676 2.73 -24.24 -6.51
C ALA B 676 4.24 -24.12 -6.52
N ILE B 677 4.85 -24.16 -7.69
CA ILE B 677 6.30 -24.13 -7.83
C ILE B 677 6.81 -22.70 -7.61
N GLU B 678 7.41 -22.44 -6.45
CA GLU B 678 7.86 -21.07 -6.13
C GLU B 678 9.33 -20.84 -6.40
N GLY B 679 10.12 -21.92 -6.50
CA GLY B 679 11.56 -21.86 -6.83
C GLY B 679 12.00 -23.10 -7.59
N LEU B 680 12.92 -22.92 -8.52
CA LEU B 680 13.49 -24.03 -9.31
C LEU B 680 14.92 -23.73 -9.76
N ARG B 681 15.88 -24.54 -9.29
CA ARG B 681 17.27 -24.46 -9.75
C ARG B 681 17.68 -25.80 -10.32
N TYR B 682 18.28 -25.75 -11.50
CA TYR B 682 18.87 -26.94 -12.13
C TYR B 682 20.35 -26.97 -11.77
N GLU B 683 20.82 -28.10 -11.25
CA GLU B 683 22.25 -28.33 -11.05
C GLU B 683 22.65 -29.49 -11.95
N ALA B 684 23.05 -29.12 -13.18
CA ALA B 684 23.39 -30.08 -14.24
C ALA B 684 24.61 -30.94 -13.87
N GLU B 685 25.56 -30.29 -13.18
CA GLU B 685 26.78 -30.91 -12.65
C GLU B 685 26.47 -32.13 -11.78
N LYS B 686 25.78 -31.89 -10.68
CA LYS B 686 25.56 -32.90 -9.64
C LYS B 686 24.30 -33.79 -9.91
N MET B 687 23.72 -33.67 -11.11
CA MET B 687 22.59 -34.47 -11.60
C MET B 687 21.30 -34.32 -10.76
N LYS B 688 20.99 -33.05 -10.43
CA LYS B 688 20.05 -32.74 -9.35
C LYS B 688 19.17 -31.51 -9.66
N VAL B 689 17.86 -31.69 -9.47
CA VAL B 689 16.85 -30.60 -9.55
C VAL B 689 16.38 -30.23 -8.15
N VAL B 690 16.40 -28.94 -7.83
CA VAL B 690 15.92 -28.49 -6.50
C VAL B 690 14.76 -27.50 -6.67
N MET B 691 13.66 -27.76 -5.97
CA MET B 691 12.45 -26.95 -6.10
C MET B 691 11.93 -26.57 -4.75
N GLU B 692 11.27 -25.41 -4.69
CA GLU B 692 10.50 -24.97 -3.52
C GLU B 692 9.01 -24.97 -3.91
N VAL B 693 8.21 -25.82 -3.25
CA VAL B 693 6.79 -26.03 -3.63
C VAL B 693 5.83 -25.68 -2.51
N LYS B 694 4.83 -24.86 -2.79
CA LYS B 694 3.85 -24.56 -1.77
C LYS B 694 2.73 -25.58 -1.75
N GLY B 695 2.04 -25.64 -0.62
CA GLY B 695 0.88 -26.49 -0.48
C GLY B 695 1.13 -27.93 -0.10
N CYS B 696 0.26 -28.81 -0.61
CA CYS B 696 0.28 -30.23 -0.32
C CYS B 696 -0.56 -31.01 -1.32
N GLY B 697 -0.43 -32.33 -1.33
CA GLY B 697 -1.14 -33.22 -2.27
C GLY B 697 -0.16 -33.77 -3.28
N LYS B 698 -0.67 -34.40 -4.32
CA LYS B 698 0.20 -35.08 -5.27
C LYS B 698 0.98 -34.08 -6.12
N PHE B 699 2.30 -34.26 -6.17
CA PHE B 699 3.20 -33.42 -6.94
C PHE B 699 3.68 -34.22 -8.13
N GLY B 700 3.84 -33.54 -9.27
CA GLY B 700 4.21 -34.17 -10.53
C GLY B 700 5.38 -33.46 -11.20
N SER B 701 6.12 -34.22 -11.98
CA SER B 701 7.20 -33.70 -12.84
C SER B 701 7.41 -34.60 -14.06
N TYR B 702 7.99 -34.02 -15.09
CA TYR B 702 8.45 -34.77 -16.24
C TYR B 702 9.92 -35.07 -16.04
N SER B 703 10.32 -36.32 -16.23
CA SER B 703 11.76 -36.67 -16.31
C SER B 703 11.95 -37.69 -17.38
N SER B 704 12.97 -37.52 -18.22
CA SER B 704 13.25 -38.48 -19.33
C SER B 704 13.74 -39.84 -18.81
N VAL B 705 14.49 -39.81 -17.70
CA VAL B 705 15.05 -40.99 -17.05
C VAL B 705 14.39 -41.14 -15.70
N LYS B 706 14.40 -42.36 -15.16
CA LYS B 706 13.79 -42.61 -13.83
C LYS B 706 14.72 -42.07 -12.78
N PRO B 707 14.23 -41.21 -11.86
CA PRO B 707 15.11 -40.64 -10.83
C PRO B 707 15.74 -41.69 -9.92
N LYS B 708 16.88 -41.37 -9.34
CA LYS B 708 17.49 -42.22 -8.31
C LYS B 708 16.71 -42.04 -7.01
N ARG B 709 16.71 -40.81 -6.48
CA ARG B 709 16.05 -40.47 -5.22
C ARG B 709 15.17 -39.25 -5.46
N CYS B 710 14.07 -39.16 -4.73
CA CYS B 710 13.29 -37.93 -4.57
C CYS B 710 13.35 -37.61 -3.07
N VAL B 711 13.74 -36.40 -2.70
CA VAL B 711 13.95 -36.01 -1.29
C VAL B 711 13.16 -34.74 -0.91
N VAL B 712 12.43 -34.80 0.20
CA VAL B 712 11.60 -33.71 0.70
C VAL B 712 11.94 -33.46 2.17
N GLU B 713 12.43 -32.27 2.51
CA GLU B 713 12.93 -31.93 3.88
C GLU B 713 14.01 -32.92 4.34
N SER B 714 14.94 -33.24 3.44
CA SER B 714 16.06 -34.16 3.70
C SER B 714 15.68 -35.61 4.04
N ASN B 715 14.50 -36.05 3.61
CA ASN B 715 14.05 -37.44 3.77
C ASN B 715 13.59 -38.03 2.46
N GLU B 716 14.25 -39.10 2.04
CA GLU B 716 13.86 -39.89 0.87
C GLU B 716 12.37 -40.30 0.98
N ILE B 717 11.57 -40.00 -0.06
CA ILE B 717 10.13 -40.40 -0.09
C ILE B 717 9.90 -41.43 -1.19
N ALA B 718 8.88 -42.27 -1.01
CA ALA B 718 8.48 -43.18 -2.08
C ALA B 718 8.09 -42.30 -3.27
N PHE B 719 8.30 -42.80 -4.49
CA PHE B 719 7.82 -42.09 -5.68
C PHE B 719 7.49 -43.01 -6.83
N GLU B 720 6.45 -42.66 -7.59
CA GLU B 720 6.08 -43.36 -8.81
C GLU B 720 6.77 -42.79 -10.06
N TYR B 721 6.93 -43.64 -11.08
CA TYR B 721 7.49 -43.22 -12.37
C TYR B 721 7.00 -44.08 -13.51
N ASP B 722 6.26 -43.47 -14.41
CA ASP B 722 5.82 -44.08 -15.65
C ASP B 722 6.98 -43.89 -16.65
N SER B 723 7.61 -44.97 -17.08
CA SER B 723 8.73 -44.86 -18.08
C SER B 723 8.23 -44.49 -19.48
N SER B 724 6.95 -44.76 -19.75
CA SER B 724 6.33 -44.39 -21.02
C SER B 724 6.28 -42.85 -21.24
N SER B 725 5.50 -42.12 -20.43
CA SER B 725 5.37 -40.66 -20.57
C SER B 725 6.53 -39.84 -19.98
N GLY B 726 7.17 -40.35 -18.92
CA GLY B 726 8.17 -39.58 -18.14
C GLY B 726 7.67 -38.94 -16.84
N LEU B 727 6.45 -39.28 -16.42
CA LEU B 727 5.81 -38.69 -15.24
C LEU B 727 6.36 -39.22 -13.93
N VAL B 728 7.02 -38.37 -13.15
CA VAL B 728 7.37 -38.63 -11.76
C VAL B 728 6.28 -38.12 -10.84
N THR B 729 5.98 -38.87 -9.80
CA THR B 729 4.90 -38.51 -8.89
C THR B 729 5.27 -38.87 -7.43
N PHE B 730 4.87 -38.04 -6.47
CA PHE B 730 4.93 -38.38 -5.05
C PHE B 730 4.08 -37.44 -4.24
N GLU B 731 3.69 -37.89 -3.06
CA GLU B 731 2.79 -37.15 -2.18
C GLU B 731 3.55 -36.12 -1.38
N LEU B 732 3.02 -34.91 -1.31
CA LEU B 732 3.46 -33.95 -0.32
C LEU B 732 2.34 -34.04 0.70
N ASP B 733 2.61 -34.76 1.79
CA ASP B 733 1.58 -35.32 2.71
C ASP B 733 0.80 -34.25 3.45
N LYS B 734 1.55 -33.29 4.01
CA LYS B 734 1.00 -32.21 4.80
C LYS B 734 1.48 -30.84 4.30
N MET B 735 0.80 -29.77 4.74
CA MET B 735 1.28 -28.40 4.51
C MET B 735 2.58 -28.25 5.30
N PRO B 736 3.47 -27.33 4.90
CA PRO B 736 4.69 -27.19 5.72
C PRO B 736 4.41 -26.79 7.19
N ILE B 737 4.98 -27.52 8.15
CA ILE B 737 4.94 -27.23 9.61
C ILE B 737 5.69 -25.90 9.87
N GLU B 738 5.26 -25.15 10.92
CA GLU B 738 5.44 -23.67 11.03
C GLU B 738 4.39 -23.00 10.05
N ASN B 739 4.44 -21.75 9.54
CA ASN B 739 5.44 -20.65 9.65
C ASN B 739 6.79 -20.91 8.93
N LYS B 740 6.78 -21.80 7.93
CA LYS B 740 7.94 -21.93 7.01
C LYS B 740 7.56 -22.29 5.55
N ARG B 741 6.40 -21.77 5.14
CA ARG B 741 5.98 -21.52 3.75
C ARG B 741 6.11 -22.63 2.63
N PHE B 742 7.33 -23.07 2.30
CA PHE B 742 7.55 -23.86 1.08
C PHE B 742 8.11 -25.22 1.47
N HIS B 743 7.76 -26.28 0.72
CA HIS B 743 8.44 -27.58 0.80
C HIS B 743 9.76 -27.56 0.02
N LEU B 744 10.89 -27.97 0.61
CA LEU B 744 12.15 -28.08 -0.15
C LEU B 744 12.22 -29.48 -0.82
N ILE B 745 12.43 -29.53 -2.14
CA ILE B 745 12.40 -30.79 -2.86
C ILE B 745 13.64 -30.93 -3.73
N GLN B 746 14.25 -32.10 -3.63
CA GLN B 746 15.43 -32.46 -4.40
C GLN B 746 15.11 -33.74 -5.15
N VAL B 747 15.33 -33.72 -6.45
CA VAL B 747 15.14 -34.90 -7.26
C VAL B 747 16.54 -35.22 -7.81
N GLU B 748 17.08 -36.36 -7.40
CA GLU B 748 18.38 -36.83 -7.87
C GLU B 748 18.15 -37.72 -9.12
N LEU B 749 18.77 -37.32 -10.23
CA LEU B 749 18.61 -38.00 -11.50
C LEU B 749 19.88 -38.80 -11.81
#